data_6O5K
# 
_entry.id   6O5K 
# 
_audit_conform.dict_name       mmcif_pdbx.dic 
_audit_conform.dict_version    5.387 
_audit_conform.dict_location   http://mmcif.pdb.org/dictionaries/ascii/mmcif_pdbx.dic 
# 
loop_
_database_2.database_id 
_database_2.database_code 
_database_2.pdbx_database_accession 
_database_2.pdbx_DOI 
PDB   6O5K         pdb_00006o5k 10.2210/pdb6o5k/pdb 
WWPDB D_1000240060 ?            ?                   
# 
loop_
_pdbx_audit_revision_history.ordinal 
_pdbx_audit_revision_history.data_content_type 
_pdbx_audit_revision_history.major_revision 
_pdbx_audit_revision_history.minor_revision 
_pdbx_audit_revision_history.revision_date 
1 'Structure model' 1 0 2019-06-19 
2 'Structure model' 1 1 2019-07-03 
3 'Structure model' 1 2 2024-03-13 
# 
_pdbx_audit_revision_details.ordinal             1 
_pdbx_audit_revision_details.revision_ordinal    1 
_pdbx_audit_revision_details.data_content_type   'Structure model' 
_pdbx_audit_revision_details.provider            repository 
_pdbx_audit_revision_details.type                'Initial release' 
_pdbx_audit_revision_details.description         ? 
_pdbx_audit_revision_details.details             ? 
# 
loop_
_pdbx_audit_revision_group.ordinal 
_pdbx_audit_revision_group.revision_ordinal 
_pdbx_audit_revision_group.data_content_type 
_pdbx_audit_revision_group.group 
1 2 'Structure model' 'Data collection'        
2 2 'Structure model' 'Database references'    
3 3 'Structure model' 'Data collection'        
4 3 'Structure model' 'Database references'    
5 3 'Structure model' 'Refinement description' 
# 
loop_
_pdbx_audit_revision_category.ordinal 
_pdbx_audit_revision_category.revision_ordinal 
_pdbx_audit_revision_category.data_content_type 
_pdbx_audit_revision_category.category 
1 2 'Structure model' citation           
2 3 'Structure model' chem_comp_atom     
3 3 'Structure model' chem_comp_bond     
4 3 'Structure model' database_2         
5 3 'Structure model' struct_ncs_dom_lim 
# 
loop_
_pdbx_audit_revision_item.ordinal 
_pdbx_audit_revision_item.revision_ordinal 
_pdbx_audit_revision_item.data_content_type 
_pdbx_audit_revision_item.item 
1  2 'Structure model' '_citation.journal_volume'              
2  2 'Structure model' '_citation.page_first'                  
3  2 'Structure model' '_citation.page_last'                   
4  3 'Structure model' '_database_2.pdbx_DOI'                  
5  3 'Structure model' '_database_2.pdbx_database_accession'   
6  3 'Structure model' '_struct_ncs_dom_lim.beg_auth_comp_id'  
7  3 'Structure model' '_struct_ncs_dom_lim.beg_label_asym_id' 
8  3 'Structure model' '_struct_ncs_dom_lim.beg_label_comp_id' 
9  3 'Structure model' '_struct_ncs_dom_lim.beg_label_seq_id'  
10 3 'Structure model' '_struct_ncs_dom_lim.end_auth_comp_id'  
11 3 'Structure model' '_struct_ncs_dom_lim.end_label_asym_id' 
12 3 'Structure model' '_struct_ncs_dom_lim.end_label_comp_id' 
13 3 'Structure model' '_struct_ncs_dom_lim.end_label_seq_id'  
# 
_pdbx_database_status.status_code                     REL 
_pdbx_database_status.status_code_sf                  REL 
_pdbx_database_status.status_code_mr                  ? 
_pdbx_database_status.entry_id                        6O5K 
_pdbx_database_status.recvd_initial_deposition_date   2019-03-03 
_pdbx_database_status.SG_entry                        N 
_pdbx_database_status.deposit_site                    RCSB 
_pdbx_database_status.process_site                    RCSB 
_pdbx_database_status.status_code_cs                  ? 
_pdbx_database_status.methods_development_category    ? 
_pdbx_database_status.pdb_format_compatible           Y 
_pdbx_database_status.status_code_nmr_data            ? 
# 
loop_
_audit_author.name 
_audit_author.pdbx_ordinal 
_audit_author.identifier_ORCID 
'Sun, Y.'         1 0000-0001-8574-7784 
'Keown, J.R.'     2 0000-0003-0159-9257 
'Goldstone, D.C.' 3 0000-0003-0069-9408 
# 
_citation.abstract                  ? 
_citation.abstract_id_CAS           ? 
_citation.book_id_ISBN              ? 
_citation.book_publisher            ? 
_citation.book_publisher_city       ? 
_citation.book_title                ? 
_citation.coordinate_linkage        ? 
_citation.country                   UK 
_citation.database_id_Medline       ? 
_citation.details                   ? 
_citation.id                        primary 
_citation.journal_abbrev            J.Mol.Biol. 
_citation.journal_id_ASTM           JMOBAK 
_citation.journal_id_CSD            0070 
_citation.journal_id_ISSN           1089-8638 
_citation.journal_full              ? 
_citation.journal_issue             ? 
_citation.journal_volume            431 
_citation.language                  ? 
_citation.page_first                2511 
_citation.page_last                 2527 
_citation.title                     
'A Dissection of Oligomerization by the TRIM28 Tripartite Motif and the Interaction with Members of the Krab-ZFP Family.' 
_citation.year                      2019 
_citation.database_id_CSD           ? 
_citation.pdbx_database_id_DOI      10.1016/j.jmb.2019.05.002 
_citation.pdbx_database_id_PubMed   31078555 
_citation.unpublished_flag          ? 
# 
loop_
_citation_author.citation_id 
_citation_author.name 
_citation_author.ordinal 
_citation_author.identifier_ORCID 
primary 'Sun, Y.'         1 ? 
primary 'Keown, J.R.'     2 ? 
primary 'Black, M.M.'     3 ? 
primary 'Raclot, C.'      4 ? 
primary 'Demarais, N.'    5 ? 
primary 'Trono, D.'       6 ? 
primary 'Turelli, P.'     7 ? 
primary 'Goldstone, D.C.' 8 ? 
# 
loop_
_entity.id 
_entity.type 
_entity.src_method 
_entity.pdbx_description 
_entity.formula_weight 
_entity.pdbx_number_of_molecules 
_entity.pdbx_ec 
_entity.pdbx_mutation 
_entity.pdbx_fragment 
_entity.details 
1 polymer     man 'Transcription intermediary factor 1-beta' 7759.448 2  2.3.2.27 ? ? ? 
2 non-polymer syn 'ZINC ION'                                 65.409   4  ?        ? ? ? 
3 water       nat water                                      18.015   44 ?        ? ? ? 
# 
_entity_name_com.entity_id   1 
_entity_name_com.name        
;TIF1-beta,E3 SUMO-protein ligase TRIM28,KRAB-A-interacting protein,KRIP-1,RING-type E3 ubiquitin transferase TIF1-beta,Tripartite motif-containing protein 28
;
# 
_entity_poly.entity_id                      1 
_entity_poly.type                           'polypeptide(L)' 
_entity_poly.nstd_linkage                   no 
_entity_poly.nstd_monomer                   no 
_entity_poly.pdbx_seq_one_letter_code       GPGFMRDSGSKASSDSQDANQCCTSCEDNAPATSYCVECSEPLCETCVEAHQRVKYTKDHTVRSTGPAKTRD 
_entity_poly.pdbx_seq_one_letter_code_can   GPGFMRDSGSKASSDSQDANQCCTSCEDNAPATSYCVECSEPLCETCVEAHQRVKYTKDHTVRSTGPAKTRD 
_entity_poly.pdbx_strand_id                 A,B 
_entity_poly.pdbx_target_identifier         ? 
# 
loop_
_pdbx_entity_nonpoly.entity_id 
_pdbx_entity_nonpoly.name 
_pdbx_entity_nonpoly.comp_id 
2 'ZINC ION' ZN  
3 water      HOH 
# 
loop_
_entity_poly_seq.entity_id 
_entity_poly_seq.num 
_entity_poly_seq.mon_id 
_entity_poly_seq.hetero 
1 1  GLY n 
1 2  PRO n 
1 3  GLY n 
1 4  PHE n 
1 5  MET n 
1 6  ARG n 
1 7  ASP n 
1 8  SER n 
1 9  GLY n 
1 10 SER n 
1 11 LYS n 
1 12 ALA n 
1 13 SER n 
1 14 SER n 
1 15 ASP n 
1 16 SER n 
1 17 GLN n 
1 18 ASP n 
1 19 ALA n 
1 20 ASN n 
1 21 GLN n 
1 22 CYS n 
1 23 CYS n 
1 24 THR n 
1 25 SER n 
1 26 CYS n 
1 27 GLU n 
1 28 ASP n 
1 29 ASN n 
1 30 ALA n 
1 31 PRO n 
1 32 ALA n 
1 33 THR n 
1 34 SER n 
1 35 TYR n 
1 36 CYS n 
1 37 VAL n 
1 38 GLU n 
1 39 CYS n 
1 40 SER n 
1 41 GLU n 
1 42 PRO n 
1 43 LEU n 
1 44 CYS n 
1 45 GLU n 
1 46 THR n 
1 47 CYS n 
1 48 VAL n 
1 49 GLU n 
1 50 ALA n 
1 51 HIS n 
1 52 GLN n 
1 53 ARG n 
1 54 VAL n 
1 55 LYS n 
1 56 TYR n 
1 57 THR n 
1 58 LYS n 
1 59 ASP n 
1 60 HIS n 
1 61 THR n 
1 62 VAL n 
1 63 ARG n 
1 64 SER n 
1 65 THR n 
1 66 GLY n 
1 67 PRO n 
1 68 ALA n 
1 69 LYS n 
1 70 THR n 
1 71 ARG n 
1 72 ASP n 
# 
_entity_src_gen.entity_id                          1 
_entity_src_gen.pdbx_src_id                        1 
_entity_src_gen.pdbx_alt_source_flag               sample 
_entity_src_gen.pdbx_seq_type                      'Biological sequence' 
_entity_src_gen.pdbx_beg_seq_num                   1 
_entity_src_gen.pdbx_end_seq_num                   72 
_entity_src_gen.gene_src_common_name               Mouse 
_entity_src_gen.gene_src_genus                     ? 
_entity_src_gen.pdbx_gene_src_gene                 'Trim28, Kap1, Krip1, Tif1b' 
_entity_src_gen.gene_src_species                   ? 
_entity_src_gen.gene_src_strain                    ? 
_entity_src_gen.gene_src_tissue                    ? 
_entity_src_gen.gene_src_tissue_fraction           ? 
_entity_src_gen.gene_src_details                   ? 
_entity_src_gen.pdbx_gene_src_fragment             ? 
_entity_src_gen.pdbx_gene_src_scientific_name      'Mus musculus' 
_entity_src_gen.pdbx_gene_src_ncbi_taxonomy_id     10090 
_entity_src_gen.pdbx_gene_src_variant              ? 
_entity_src_gen.pdbx_gene_src_cell_line            ? 
_entity_src_gen.pdbx_gene_src_atcc                 ? 
_entity_src_gen.pdbx_gene_src_organ                ? 
_entity_src_gen.pdbx_gene_src_organelle            ? 
_entity_src_gen.pdbx_gene_src_cell                 ? 
_entity_src_gen.pdbx_gene_src_cellular_location    ? 
_entity_src_gen.host_org_common_name               ? 
_entity_src_gen.pdbx_host_org_scientific_name      'Escherichia coli' 
_entity_src_gen.pdbx_host_org_ncbi_taxonomy_id     562 
_entity_src_gen.host_org_genus                     ? 
_entity_src_gen.pdbx_host_org_gene                 ? 
_entity_src_gen.pdbx_host_org_organ                ? 
_entity_src_gen.host_org_species                   ? 
_entity_src_gen.pdbx_host_org_tissue               ? 
_entity_src_gen.pdbx_host_org_tissue_fraction      ? 
_entity_src_gen.pdbx_host_org_strain               LOBSTR 
_entity_src_gen.pdbx_host_org_variant              ? 
_entity_src_gen.pdbx_host_org_cell_line            ? 
_entity_src_gen.pdbx_host_org_atcc                 ? 
_entity_src_gen.pdbx_host_org_culture_collection   ? 
_entity_src_gen.pdbx_host_org_cell                 ? 
_entity_src_gen.pdbx_host_org_organelle            ? 
_entity_src_gen.pdbx_host_org_cellular_location    ? 
_entity_src_gen.pdbx_host_org_vector_type          Plasmid 
_entity_src_gen.pdbx_host_org_vector               ? 
_entity_src_gen.host_org_details                   ? 
_entity_src_gen.expression_system_id               ? 
_entity_src_gen.plasmid_name                       'pET-49+(b)-MBP' 
_entity_src_gen.plasmid_details                    ? 
_entity_src_gen.pdbx_description                   ? 
# 
loop_
_chem_comp.id 
_chem_comp.type 
_chem_comp.mon_nstd_flag 
_chem_comp.name 
_chem_comp.pdbx_synonyms 
_chem_comp.formula 
_chem_comp.formula_weight 
ALA 'L-peptide linking' y ALANINE         ? 'C3 H7 N O2'     89.093  
ARG 'L-peptide linking' y ARGININE        ? 'C6 H15 N4 O2 1' 175.209 
ASN 'L-peptide linking' y ASPARAGINE      ? 'C4 H8 N2 O3'    132.118 
ASP 'L-peptide linking' y 'ASPARTIC ACID' ? 'C4 H7 N O4'     133.103 
CYS 'L-peptide linking' y CYSTEINE        ? 'C3 H7 N O2 S'   121.158 
GLN 'L-peptide linking' y GLUTAMINE       ? 'C5 H10 N2 O3'   146.144 
GLU 'L-peptide linking' y 'GLUTAMIC ACID' ? 'C5 H9 N O4'     147.129 
GLY 'peptide linking'   y GLYCINE         ? 'C2 H5 N O2'     75.067  
HIS 'L-peptide linking' y HISTIDINE       ? 'C6 H10 N3 O2 1' 156.162 
HOH non-polymer         . WATER           ? 'H2 O'           18.015  
LEU 'L-peptide linking' y LEUCINE         ? 'C6 H13 N O2'    131.173 
LYS 'L-peptide linking' y LYSINE          ? 'C6 H15 N2 O2 1' 147.195 
MET 'L-peptide linking' y METHIONINE      ? 'C5 H11 N O2 S'  149.211 
PHE 'L-peptide linking' y PHENYLALANINE   ? 'C9 H11 N O2'    165.189 
PRO 'L-peptide linking' y PROLINE         ? 'C5 H9 N O2'     115.130 
SER 'L-peptide linking' y SERINE          ? 'C3 H7 N O3'     105.093 
THR 'L-peptide linking' y THREONINE       ? 'C4 H9 N O3'     119.119 
TYR 'L-peptide linking' y TYROSINE        ? 'C9 H11 N O3'    181.189 
VAL 'L-peptide linking' y VALINE          ? 'C5 H11 N O2'    117.146 
ZN  non-polymer         . 'ZINC ION'      ? 'Zn 2'           65.409  
# 
loop_
_pdbx_poly_seq_scheme.asym_id 
_pdbx_poly_seq_scheme.entity_id 
_pdbx_poly_seq_scheme.seq_id 
_pdbx_poly_seq_scheme.mon_id 
_pdbx_poly_seq_scheme.ndb_seq_num 
_pdbx_poly_seq_scheme.pdb_seq_num 
_pdbx_poly_seq_scheme.auth_seq_num 
_pdbx_poly_seq_scheme.pdb_mon_id 
_pdbx_poly_seq_scheme.auth_mon_id 
_pdbx_poly_seq_scheme.pdb_strand_id 
_pdbx_poly_seq_scheme.pdb_ins_code 
_pdbx_poly_seq_scheme.hetero 
A 1 1  GLY 1  132 ?   ?   ?   A . n 
A 1 2  PRO 2  133 ?   ?   ?   A . n 
A 1 3  GLY 3  134 ?   ?   ?   A . n 
A 1 4  PHE 4  135 ?   ?   ?   A . n 
A 1 5  MET 5  136 ?   ?   ?   A . n 
A 1 6  ARG 6  137 ?   ?   ?   A . n 
A 1 7  ASP 7  138 ?   ?   ?   A . n 
A 1 8  SER 8  139 ?   ?   ?   A . n 
A 1 9  GLY 9  140 ?   ?   ?   A . n 
A 1 10 SER 10 141 ?   ?   ?   A . n 
A 1 11 LYS 11 142 ?   ?   ?   A . n 
A 1 12 ALA 12 143 ?   ?   ?   A . n 
A 1 13 SER 13 144 ?   ?   ?   A . n 
A 1 14 SER 14 145 ?   ?   ?   A . n 
A 1 15 ASP 15 146 ?   ?   ?   A . n 
A 1 16 SER 16 147 ?   ?   ?   A . n 
A 1 17 GLN 17 148 ?   ?   ?   A . n 
A 1 18 ASP 18 149 ?   ?   ?   A . n 
A 1 19 ALA 19 150 ?   ?   ?   A . n 
A 1 20 ASN 20 151 151 ASN ASN A . n 
A 1 21 GLN 21 152 152 GLN GLN A . n 
A 1 22 CYS 22 153 153 CYS CYS A . n 
A 1 23 CYS 23 154 154 CYS CYS A . n 
A 1 24 THR 24 155 155 THR THR A . n 
A 1 25 SER 25 156 156 SER SER A . n 
A 1 26 CYS 26 157 157 CYS CYS A . n 
A 1 27 GLU 27 158 158 GLU GLU A . n 
A 1 28 ASP 28 159 159 ASP ASP A . n 
A 1 29 ASN 29 160 160 ASN ASN A . n 
A 1 30 ALA 30 161 161 ALA ALA A . n 
A 1 31 PRO 31 162 162 PRO PRO A . n 
A 1 32 ALA 32 163 163 ALA ALA A . n 
A 1 33 THR 33 164 164 THR THR A . n 
A 1 34 SER 34 165 165 SER SER A . n 
A 1 35 TYR 35 166 166 TYR TYR A . n 
A 1 36 CYS 36 167 167 CYS CYS A . n 
A 1 37 VAL 37 168 168 VAL VAL A . n 
A 1 38 GLU 38 169 169 GLU GLU A . n 
A 1 39 CYS 39 170 170 CYS CYS A . n 
A 1 40 SER 40 171 171 SER SER A . n 
A 1 41 GLU 41 172 172 GLU GLU A . n 
A 1 42 PRO 42 173 173 PRO PRO A . n 
A 1 43 LEU 43 174 174 LEU LEU A . n 
A 1 44 CYS 44 175 175 CYS CYS A . n 
A 1 45 GLU 45 176 176 GLU GLU A . n 
A 1 46 THR 46 177 177 THR THR A . n 
A 1 47 CYS 47 178 178 CYS CYS A . n 
A 1 48 VAL 48 179 179 VAL VAL A . n 
A 1 49 GLU 49 180 180 GLU GLU A . n 
A 1 50 ALA 50 181 181 ALA ALA A . n 
A 1 51 HIS 51 182 182 HIS HIS A . n 
A 1 52 GLN 52 183 183 GLN GLN A . n 
A 1 53 ARG 53 184 184 ARG ARG A . n 
A 1 54 VAL 54 185 185 VAL VAL A . n 
A 1 55 LYS 55 186 186 LYS LYS A . n 
A 1 56 TYR 56 187 187 TYR TYR A . n 
A 1 57 THR 57 188 188 THR THR A . n 
A 1 58 LYS 58 189 189 LYS LYS A . n 
A 1 59 ASP 59 190 190 ASP ASP A . n 
A 1 60 HIS 60 191 191 HIS HIS A . n 
A 1 61 THR 61 192 192 THR THR A . n 
A 1 62 VAL 62 193 193 VAL VAL A . n 
A 1 63 ARG 63 194 194 ARG ARG A . n 
A 1 64 SER 64 195 195 SER SER A . n 
A 1 65 THR 65 196 196 THR THR A . n 
A 1 66 GLY 66 197 ?   ?   ?   A . n 
A 1 67 PRO 67 198 ?   ?   ?   A . n 
A 1 68 ALA 68 199 ?   ?   ?   A . n 
A 1 69 LYS 69 200 ?   ?   ?   A . n 
A 1 70 THR 70 201 ?   ?   ?   A . n 
A 1 71 ARG 71 202 ?   ?   ?   A . n 
A 1 72 ASP 72 203 ?   ?   ?   A . n 
B 1 1  GLY 1  132 ?   ?   ?   B . n 
B 1 2  PRO 2  133 ?   ?   ?   B . n 
B 1 3  GLY 3  134 ?   ?   ?   B . n 
B 1 4  PHE 4  135 ?   ?   ?   B . n 
B 1 5  MET 5  136 ?   ?   ?   B . n 
B 1 6  ARG 6  137 ?   ?   ?   B . n 
B 1 7  ASP 7  138 ?   ?   ?   B . n 
B 1 8  SER 8  139 ?   ?   ?   B . n 
B 1 9  GLY 9  140 ?   ?   ?   B . n 
B 1 10 SER 10 141 ?   ?   ?   B . n 
B 1 11 LYS 11 142 ?   ?   ?   B . n 
B 1 12 ALA 12 143 ?   ?   ?   B . n 
B 1 13 SER 13 144 ?   ?   ?   B . n 
B 1 14 SER 14 145 ?   ?   ?   B . n 
B 1 15 ASP 15 146 ?   ?   ?   B . n 
B 1 16 SER 16 147 ?   ?   ?   B . n 
B 1 17 GLN 17 148 ?   ?   ?   B . n 
B 1 18 ASP 18 149 ?   ?   ?   B . n 
B 1 19 ALA 19 150 ?   ?   ?   B . n 
B 1 20 ASN 20 151 ?   ?   ?   B . n 
B 1 21 GLN 21 152 ?   ?   ?   B . n 
B 1 22 CYS 22 153 ?   ?   ?   B . n 
B 1 23 CYS 23 154 154 CYS CYS B . n 
B 1 24 THR 24 155 155 THR THR B . n 
B 1 25 SER 25 156 156 SER SER B . n 
B 1 26 CYS 26 157 157 CYS CYS B . n 
B 1 27 GLU 27 158 158 GLU GLU B . n 
B 1 28 ASP 28 159 159 ASP ASP B . n 
B 1 29 ASN 29 160 160 ASN ASN B . n 
B 1 30 ALA 30 161 161 ALA ALA B . n 
B 1 31 PRO 31 162 162 PRO PRO B . n 
B 1 32 ALA 32 163 163 ALA ALA B . n 
B 1 33 THR 33 164 164 THR THR B . n 
B 1 34 SER 34 165 165 SER SER B . n 
B 1 35 TYR 35 166 166 TYR TYR B . n 
B 1 36 CYS 36 167 167 CYS CYS B . n 
B 1 37 VAL 37 168 168 VAL VAL B . n 
B 1 38 GLU 38 169 169 GLU GLU B . n 
B 1 39 CYS 39 170 170 CYS CYS B . n 
B 1 40 SER 40 171 171 SER SER B . n 
B 1 41 GLU 41 172 172 GLU GLU B . n 
B 1 42 PRO 42 173 173 PRO PRO B . n 
B 1 43 LEU 43 174 174 LEU LEU B . n 
B 1 44 CYS 44 175 175 CYS CYS B . n 
B 1 45 GLU 45 176 176 GLU GLU B . n 
B 1 46 THR 46 177 177 THR THR B . n 
B 1 47 CYS 47 178 178 CYS CYS B . n 
B 1 48 VAL 48 179 179 VAL VAL B . n 
B 1 49 GLU 49 180 180 GLU GLU B . n 
B 1 50 ALA 50 181 181 ALA ALA B . n 
B 1 51 HIS 51 182 182 HIS HIS B . n 
B 1 52 GLN 52 183 183 GLN GLN B . n 
B 1 53 ARG 53 184 184 ARG ARG B . n 
B 1 54 VAL 54 185 185 VAL VAL B . n 
B 1 55 LYS 55 186 186 LYS LYS B . n 
B 1 56 TYR 56 187 187 TYR TYR B . n 
B 1 57 THR 57 188 188 THR THR B . n 
B 1 58 LYS 58 189 189 LYS LYS B . n 
B 1 59 ASP 59 190 190 ASP ASP B . n 
B 1 60 HIS 60 191 191 HIS HIS B . n 
B 1 61 THR 61 192 192 THR THR B . n 
B 1 62 VAL 62 193 193 VAL VAL B . n 
B 1 63 ARG 63 194 194 ARG ARG B . n 
B 1 64 SER 64 195 195 SER SER B . n 
B 1 65 THR 65 196 196 THR THR B . n 
B 1 66 GLY 66 197 ?   ?   ?   B . n 
B 1 67 PRO 67 198 ?   ?   ?   B . n 
B 1 68 ALA 68 199 ?   ?   ?   B . n 
B 1 69 LYS 69 200 ?   ?   ?   B . n 
B 1 70 THR 70 201 ?   ?   ?   B . n 
B 1 71 ARG 71 202 ?   ?   ?   B . n 
B 1 72 ASP 72 203 ?   ?   ?   B . n 
# 
loop_
_pdbx_nonpoly_scheme.asym_id 
_pdbx_nonpoly_scheme.entity_id 
_pdbx_nonpoly_scheme.mon_id 
_pdbx_nonpoly_scheme.ndb_seq_num 
_pdbx_nonpoly_scheme.pdb_seq_num 
_pdbx_nonpoly_scheme.auth_seq_num 
_pdbx_nonpoly_scheme.pdb_mon_id 
_pdbx_nonpoly_scheme.auth_mon_id 
_pdbx_nonpoly_scheme.pdb_strand_id 
_pdbx_nonpoly_scheme.pdb_ins_code 
C 2 ZN  1  301 2  ZN  ZN  A . 
D 2 ZN  1  302 4  ZN  ZN  A . 
E 2 ZN  1  301 1  ZN  ZN  B . 
F 2 ZN  1  302 3  ZN  ZN  B . 
G 3 HOH 1  401 63 HOH HOH A . 
G 3 HOH 2  402 60 HOH HOH A . 
G 3 HOH 3  403 19 HOH HOH A . 
G 3 HOH 4  404 16 HOH HOH A . 
G 3 HOH 5  405 18 HOH HOH A . 
G 3 HOH 6  406 49 HOH HOH A . 
G 3 HOH 7  407 59 HOH HOH A . 
G 3 HOH 8  408 2  HOH HOH A . 
G 3 HOH 9  409 36 HOH HOH A . 
G 3 HOH 10 410 21 HOH HOH A . 
G 3 HOH 11 411 6  HOH HOH A . 
G 3 HOH 12 412 3  HOH HOH A . 
G 3 HOH 13 413 4  HOH HOH A . 
G 3 HOH 14 414 33 HOH HOH A . 
G 3 HOH 15 415 37 HOH HOH A . 
G 3 HOH 16 416 74 HOH HOH A . 
G 3 HOH 17 417 20 HOH HOH A . 
G 3 HOH 18 418 61 HOH HOH A . 
G 3 HOH 19 419 9  HOH HOH A . 
G 3 HOH 20 420 64 HOH HOH A . 
G 3 HOH 21 421 79 HOH HOH A . 
G 3 HOH 22 422 27 HOH HOH A . 
G 3 HOH 23 423 5  HOH HOH A . 
G 3 HOH 24 424 67 HOH HOH A . 
G 3 HOH 25 425 58 HOH HOH A . 
G 3 HOH 26 426 77 HOH HOH A . 
H 3 HOH 1  401 32 HOH HOH B . 
H 3 HOH 2  402 44 HOH HOH B . 
H 3 HOH 3  403 11 HOH HOH B . 
H 3 HOH 4  404 12 HOH HOH B . 
H 3 HOH 5  405 23 HOH HOH B . 
H 3 HOH 6  406 15 HOH HOH B . 
H 3 HOH 7  407 10 HOH HOH B . 
H 3 HOH 8  408 66 HOH HOH B . 
H 3 HOH 9  409 26 HOH HOH B . 
H 3 HOH 10 410 1  HOH HOH B . 
H 3 HOH 11 411 25 HOH HOH B . 
H 3 HOH 12 412 80 HOH HOH B . 
H 3 HOH 13 413 17 HOH HOH B . 
H 3 HOH 14 414 72 HOH HOH B . 
H 3 HOH 15 415 22 HOH HOH B . 
H 3 HOH 16 416 75 HOH HOH B . 
H 3 HOH 17 417 76 HOH HOH B . 
H 3 HOH 18 418 81 HOH HOH B . 
# 
loop_
_pdbx_unobs_or_zero_occ_atoms.id 
_pdbx_unobs_or_zero_occ_atoms.PDB_model_num 
_pdbx_unobs_or_zero_occ_atoms.polymer_flag 
_pdbx_unobs_or_zero_occ_atoms.occupancy_flag 
_pdbx_unobs_or_zero_occ_atoms.auth_asym_id 
_pdbx_unobs_or_zero_occ_atoms.auth_comp_id 
_pdbx_unobs_or_zero_occ_atoms.auth_seq_id 
_pdbx_unobs_or_zero_occ_atoms.PDB_ins_code 
_pdbx_unobs_or_zero_occ_atoms.auth_atom_id 
_pdbx_unobs_or_zero_occ_atoms.label_alt_id 
_pdbx_unobs_or_zero_occ_atoms.label_asym_id 
_pdbx_unobs_or_zero_occ_atoms.label_comp_id 
_pdbx_unobs_or_zero_occ_atoms.label_seq_id 
_pdbx_unobs_or_zero_occ_atoms.label_atom_id 
1  1 Y 1 A ASN 151 ? CG  ? A ASN 20 CG  
2  1 Y 1 A ASN 151 ? OD1 ? A ASN 20 OD1 
3  1 Y 1 A ASN 151 ? ND2 ? A ASN 20 ND2 
4  1 Y 1 A GLU 158 ? CD  ? A GLU 27 CD  
5  1 Y 1 A GLU 158 ? OE1 ? A GLU 27 OE1 
6  1 Y 1 A GLU 158 ? OE2 ? A GLU 27 OE2 
7  1 Y 1 B THR 155 ? OG1 ? B THR 24 OG1 
8  1 Y 1 B THR 155 ? CG2 ? B THR 24 CG2 
9  1 Y 1 B GLU 158 ? CG  ? B GLU 27 CG  
10 1 Y 1 B GLU 158 ? CD  ? B GLU 27 CD  
11 1 Y 1 B GLU 158 ? OE1 ? B GLU 27 OE1 
12 1 Y 1 B GLU 158 ? OE2 ? B GLU 27 OE2 
13 1 Y 1 B ASN 160 ? CG  ? B ASN 29 CG  
14 1 Y 1 B ASN 160 ? OD1 ? B ASN 29 OD1 
15 1 Y 1 B ASN 160 ? ND2 ? B ASN 29 ND2 
# 
loop_
_software.citation_id 
_software.classification 
_software.compiler_name 
_software.compiler_version 
_software.contact_author 
_software.contact_author_email 
_software.date 
_software.description 
_software.dependencies 
_software.hardware 
_software.language 
_software.location 
_software.mods 
_software.name 
_software.os 
_software.os_version 
_software.type 
_software.version 
_software.pdbx_ordinal 
? refinement       ? ? ? ? ? ? ? ? ? ? ? REFMAC  ? ? ? 5.8.0230       1 
? 'data reduction' ? ? ? ? ? ? ? ? ? ? ? XDS     ? ? ? 'Jan 10, 2014' 2 
? 'data scaling'   ? ? ? ? ? ? ? ? ? ? ? Aimless ? ? ? .              3 
? phasing          ? ? ? ? ? ? ? ? ? ? ? SHELXCD ? ? ? .              4 
# 
_cell.angle_alpha                  90.00 
_cell.angle_alpha_esd              ? 
_cell.angle_beta                   90.00 
_cell.angle_beta_esd               ? 
_cell.angle_gamma                  90.00 
_cell.angle_gamma_esd              ? 
_cell.entry_id                     6O5K 
_cell.details                      ? 
_cell.formula_units_Z              ? 
_cell.length_a                     33.012 
_cell.length_a_esd                 ? 
_cell.length_b                     51.459 
_cell.length_b_esd                 ? 
_cell.length_c                     72.884 
_cell.length_c_esd                 ? 
_cell.volume                       ? 
_cell.volume_esd                   ? 
_cell.Z_PDB                        8 
_cell.reciprocal_angle_alpha       ? 
_cell.reciprocal_angle_beta        ? 
_cell.reciprocal_angle_gamma       ? 
_cell.reciprocal_angle_alpha_esd   ? 
_cell.reciprocal_angle_beta_esd    ? 
_cell.reciprocal_angle_gamma_esd   ? 
_cell.reciprocal_length_a          ? 
_cell.reciprocal_length_b          ? 
_cell.reciprocal_length_c          ? 
_cell.reciprocal_length_a_esd      ? 
_cell.reciprocal_length_b_esd      ? 
_cell.reciprocal_length_c_esd      ? 
_cell.pdbx_unique_axis             ? 
# 
_symmetry.entry_id                         6O5K 
_symmetry.cell_setting                     ? 
_symmetry.Int_Tables_number                19 
_symmetry.space_group_name_Hall            ? 
_symmetry.space_group_name_H-M             'P 21 21 21' 
_symmetry.pdbx_full_space_group_name_H-M   ? 
# 
_exptl.absorpt_coefficient_mu     ? 
_exptl.absorpt_correction_T_max   ? 
_exptl.absorpt_correction_T_min   ? 
_exptl.absorpt_correction_type    ? 
_exptl.absorpt_process_details    ? 
_exptl.entry_id                   6O5K 
_exptl.crystals_number            1 
_exptl.details                    ? 
_exptl.method                     'X-RAY DIFFRACTION' 
_exptl.method_details             ? 
# 
_exptl_crystal.colour                      ? 
_exptl_crystal.density_diffrn              ? 
_exptl_crystal.density_Matthews            1.99 
_exptl_crystal.density_method              ? 
_exptl_crystal.density_percent_sol         38.33 
_exptl_crystal.description                 Rod-like 
_exptl_crystal.F_000                       ? 
_exptl_crystal.id                          1 
_exptl_crystal.preparation                 ? 
_exptl_crystal.size_max                    ? 
_exptl_crystal.size_mid                    ? 
_exptl_crystal.size_min                    ? 
_exptl_crystal.size_rad                    ? 
_exptl_crystal.colour_lustre               ? 
_exptl_crystal.colour_modifier             ? 
_exptl_crystal.colour_primary              ? 
_exptl_crystal.density_meas                ? 
_exptl_crystal.density_meas_esd            ? 
_exptl_crystal.density_meas_gt             ? 
_exptl_crystal.density_meas_lt             ? 
_exptl_crystal.density_meas_temp           ? 
_exptl_crystal.density_meas_temp_esd       ? 
_exptl_crystal.density_meas_temp_gt        ? 
_exptl_crystal.density_meas_temp_lt        ? 
_exptl_crystal.pdbx_crystal_image_url      ? 
_exptl_crystal.pdbx_crystal_image_format   ? 
_exptl_crystal.pdbx_mosaicity              ? 
_exptl_crystal.pdbx_mosaicity_esd          ? 
# 
_exptl_crystal_grow.apparatus       ? 
_exptl_crystal_grow.atmosphere      ? 
_exptl_crystal_grow.crystal_id      1 
_exptl_crystal_grow.details         ? 
_exptl_crystal_grow.method          'VAPOR DIFFUSION' 
_exptl_crystal_grow.method_ref      ? 
_exptl_crystal_grow.pH              6 
_exptl_crystal_grow.pressure        ? 
_exptl_crystal_grow.pressure_esd    ? 
_exptl_crystal_grow.seeding         ? 
_exptl_crystal_grow.seeding_ref     ? 
_exptl_crystal_grow.temp            291 
_exptl_crystal_grow.temp_details    ? 
_exptl_crystal_grow.temp_esd        ? 
_exptl_crystal_grow.time            ? 
_exptl_crystal_grow.pdbx_details    '2.7 M Ammonium sulfate, pH 6.0' 
_exptl_crystal_grow.pdbx_pH_range   ? 
# 
_diffrn.ambient_environment              ? 
_diffrn.ambient_temp                     100 
_diffrn.ambient_temp_details             ? 
_diffrn.ambient_temp_esd                 ? 
_diffrn.crystal_id                       1 
_diffrn.crystal_support                  ? 
_diffrn.crystal_treatment                ? 
_diffrn.details                          ? 
_diffrn.id                               1 
_diffrn.ambient_pressure                 ? 
_diffrn.ambient_pressure_esd             ? 
_diffrn.ambient_pressure_gt              ? 
_diffrn.ambient_pressure_lt              ? 
_diffrn.ambient_temp_gt                  ? 
_diffrn.ambient_temp_lt                  ? 
_diffrn.pdbx_serial_crystal_experiment   N 
# 
_diffrn_detector.details                      ? 
_diffrn_detector.detector                     CCD 
_diffrn_detector.diffrn_id                    1 
_diffrn_detector.type                         'ADSC QUANTUM 315' 
_diffrn_detector.area_resol_mean              ? 
_diffrn_detector.dtime                        ? 
_diffrn_detector.pdbx_frames_total            ? 
_diffrn_detector.pdbx_collection_time_total   ? 
_diffrn_detector.pdbx_collection_date         2015-12-12 
_diffrn_detector.pdbx_frequency               ? 
# 
_diffrn_radiation.collimation                      ? 
_diffrn_radiation.diffrn_id                        1 
_diffrn_radiation.filter_edge                      ? 
_diffrn_radiation.inhomogeneity                    ? 
_diffrn_radiation.monochromator                    ? 
_diffrn_radiation.polarisn_norm                    ? 
_diffrn_radiation.polarisn_ratio                   ? 
_diffrn_radiation.probe                            ? 
_diffrn_radiation.type                             ? 
_diffrn_radiation.xray_symbol                      ? 
_diffrn_radiation.wavelength_id                    1 
_diffrn_radiation.pdbx_monochromatic_or_laue_m_l   M 
_diffrn_radiation.pdbx_wavelength_list             ? 
_diffrn_radiation.pdbx_wavelength                  ? 
_diffrn_radiation.pdbx_diffrn_protocol             'SINGLE WAVELENGTH' 
_diffrn_radiation.pdbx_analyzer                    ? 
_diffrn_radiation.pdbx_scattering_type             x-ray 
# 
_diffrn_radiation_wavelength.id           1 
_diffrn_radiation_wavelength.wavelength   0.9537 
_diffrn_radiation_wavelength.wt           1.0 
# 
_diffrn_source.current                     ? 
_diffrn_source.details                     ? 
_diffrn_source.diffrn_id                   1 
_diffrn_source.power                       ? 
_diffrn_source.size                        ? 
_diffrn_source.source                      SYNCHROTRON 
_diffrn_source.target                      ? 
_diffrn_source.type                        'AUSTRALIAN SYNCHROTRON BEAMLINE MX1' 
_diffrn_source.voltage                     ? 
_diffrn_source.take-off_angle              ? 
_diffrn_source.pdbx_wavelength_list        0.9537 
_diffrn_source.pdbx_wavelength             ? 
_diffrn_source.pdbx_synchrotron_beamline   MX1 
_diffrn_source.pdbx_synchrotron_site       'Australian Synchrotron' 
# 
_reflns.B_iso_Wilson_estimate            14.3 
_reflns.entry_id                         6O5K 
_reflns.data_reduction_details           ? 
_reflns.data_reduction_method            ? 
_reflns.d_resolution_high                1.6 
_reflns.d_resolution_low                 42.04 
_reflns.details                          ? 
_reflns.limit_h_max                      ? 
_reflns.limit_h_min                      ? 
_reflns.limit_k_max                      ? 
_reflns.limit_k_min                      ? 
_reflns.limit_l_max                      ? 
_reflns.limit_l_min                      ? 
_reflns.number_all                       ? 
_reflns.number_obs                       17060 
_reflns.observed_criterion               ? 
_reflns.observed_criterion_F_max         ? 
_reflns.observed_criterion_F_min         ? 
_reflns.observed_criterion_I_max         ? 
_reflns.observed_criterion_I_min         ? 
_reflns.observed_criterion_sigma_F       ? 
_reflns.observed_criterion_sigma_I       ? 
_reflns.percent_possible_obs             100 
_reflns.R_free_details                   ? 
_reflns.Rmerge_F_all                     ? 
_reflns.Rmerge_F_obs                     ? 
_reflns.Friedel_coverage                 ? 
_reflns.number_gt                        ? 
_reflns.threshold_expression             ? 
_reflns.pdbx_redundancy                  14.3 
_reflns.pdbx_Rmerge_I_obs                0.267 
_reflns.pdbx_Rmerge_I_all                ? 
_reflns.pdbx_Rsym_value                  ? 
_reflns.pdbx_netI_over_av_sigmaI         ? 
_reflns.pdbx_netI_over_sigmaI            10.3 
_reflns.pdbx_res_netI_over_av_sigmaI_2   ? 
_reflns.pdbx_res_netI_over_sigmaI_2      ? 
_reflns.pdbx_chi_squared                 ? 
_reflns.pdbx_scaling_rejects             ? 
_reflns.pdbx_d_res_high_opt              ? 
_reflns.pdbx_d_res_low_opt               ? 
_reflns.pdbx_d_res_opt_method            ? 
_reflns.phase_calculation_details        ? 
_reflns.pdbx_Rrim_I_all                  ? 
_reflns.pdbx_Rpim_I_all                  0.072 
_reflns.pdbx_d_opt                       ? 
_reflns.pdbx_number_measured_all         ? 
_reflns.pdbx_diffrn_id                   1 
_reflns.pdbx_ordinal                     1 
_reflns.pdbx_CC_half                     0.997 
_reflns.pdbx_R_split                     ? 
# 
_reflns_shell.d_res_high                  1.6 
_reflns_shell.d_res_low                   1.63 
_reflns_shell.meanI_over_sigI_all         ? 
_reflns_shell.meanI_over_sigI_obs         0.97 
_reflns_shell.number_measured_all         ? 
_reflns_shell.number_measured_obs         ? 
_reflns_shell.number_possible             ? 
_reflns_shell.number_unique_all           ? 
_reflns_shell.number_unique_obs           817 
_reflns_shell.percent_possible_all        100 
_reflns_shell.percent_possible_obs        ? 
_reflns_shell.Rmerge_F_all                ? 
_reflns_shell.Rmerge_F_obs                ? 
_reflns_shell.Rmerge_I_all                ? 
_reflns_shell.Rmerge_I_obs                3.950 
_reflns_shell.meanI_over_sigI_gt          ? 
_reflns_shell.meanI_over_uI_all           ? 
_reflns_shell.meanI_over_uI_gt            ? 
_reflns_shell.number_measured_gt          ? 
_reflns_shell.number_unique_gt            ? 
_reflns_shell.percent_possible_gt         ? 
_reflns_shell.Rmerge_F_gt                 ? 
_reflns_shell.Rmerge_I_gt                 ? 
_reflns_shell.pdbx_redundancy             14.2 
_reflns_shell.pdbx_Rsym_value             ? 
_reflns_shell.pdbx_chi_squared            ? 
_reflns_shell.pdbx_netI_over_sigmaI_all   ? 
_reflns_shell.pdbx_netI_over_sigmaI_obs   ? 
_reflns_shell.pdbx_Rrim_I_all             ? 
_reflns_shell.pdbx_Rpim_I_all             1.075 
_reflns_shell.pdbx_rejects                ? 
_reflns_shell.pdbx_ordinal                1 
_reflns_shell.pdbx_diffrn_id              1 
_reflns_shell.pdbx_CC_half                0.391 
_reflns_shell.pdbx_R_split                ? 
# 
_refine.aniso_B[1][1]                            -2.17 
_refine.aniso_B[1][2]                            -0.00 
_refine.aniso_B[1][3]                            -0.00 
_refine.aniso_B[2][2]                            0.84 
_refine.aniso_B[2][3]                            -0.00 
_refine.aniso_B[3][3]                            1.32 
_refine.B_iso_max                                ? 
_refine.B_iso_mean                               25.632 
_refine.B_iso_min                                ? 
_refine.correlation_coeff_Fo_to_Fc               0.966 
_refine.correlation_coeff_Fo_to_Fc_free          0.957 
_refine.details                                  'HYDROGENS HAVE BEEN ADDED IN THE RIDING POSITIONS' 
_refine.diff_density_max                         ? 
_refine.diff_density_max_esd                     ? 
_refine.diff_density_min                         ? 
_refine.diff_density_min_esd                     ? 
_refine.diff_density_rms                         ? 
_refine.diff_density_rms_esd                     ? 
_refine.entry_id                                 6O5K 
_refine.pdbx_refine_id                           'X-RAY DIFFRACTION' 
_refine.ls_abs_structure_details                 ? 
_refine.ls_abs_structure_Flack                   ? 
_refine.ls_abs_structure_Flack_esd               ? 
_refine.ls_abs_structure_Rogers                  ? 
_refine.ls_abs_structure_Rogers_esd              ? 
_refine.ls_d_res_high                            1.60 
_refine.ls_d_res_low                             42.04 
_refine.ls_extinction_coef                       ? 
_refine.ls_extinction_coef_esd                   ? 
_refine.ls_extinction_expression                 ? 
_refine.ls_extinction_method                     ? 
_refine.ls_goodness_of_fit_all                   ? 
_refine.ls_goodness_of_fit_all_esd               ? 
_refine.ls_goodness_of_fit_obs                   ? 
_refine.ls_goodness_of_fit_obs_esd               ? 
_refine.ls_hydrogen_treatment                    ? 
_refine.ls_matrix_type                           ? 
_refine.ls_number_constraints                    ? 
_refine.ls_number_parameters                     ? 
_refine.ls_number_reflns_all                     ? 
_refine.ls_number_reflns_obs                     16157 
_refine.ls_number_reflns_R_free                  855 
_refine.ls_number_reflns_R_work                  ? 
_refine.ls_number_restraints                     ? 
_refine.ls_percent_reflns_obs                    99.99 
_refine.ls_percent_reflns_R_free                 5.0 
_refine.ls_R_factor_all                          ? 
_refine.ls_R_factor_obs                          0.18181 
_refine.ls_R_factor_R_free                       0.20764 
_refine.ls_R_factor_R_free_error                 ? 
_refine.ls_R_factor_R_free_error_details         ? 
_refine.ls_R_factor_R_work                       0.18039 
_refine.ls_R_Fsqd_factor_obs                     ? 
_refine.ls_R_I_factor_obs                        ? 
_refine.ls_redundancy_reflns_all                 ? 
_refine.ls_redundancy_reflns_obs                 ? 
_refine.ls_restrained_S_all                      ? 
_refine.ls_restrained_S_obs                      ? 
_refine.ls_shift_over_esd_max                    ? 
_refine.ls_shift_over_esd_mean                   ? 
_refine.ls_structure_factor_coef                 ? 
_refine.ls_weighting_details                     ? 
_refine.ls_weighting_scheme                      ? 
_refine.ls_wR_factor_all                         ? 
_refine.ls_wR_factor_obs                         ? 
_refine.ls_wR_factor_R_free                      ? 
_refine.ls_wR_factor_R_work                      ? 
_refine.occupancy_max                            ? 
_refine.occupancy_min                            ? 
_refine.solvent_model_details                    ? 
_refine.solvent_model_param_bsol                 ? 
_refine.solvent_model_param_ksol                 ? 
_refine.ls_R_factor_gt                           ? 
_refine.ls_goodness_of_fit_gt                    ? 
_refine.ls_goodness_of_fit_ref                   ? 
_refine.ls_shift_over_su_max                     ? 
_refine.ls_shift_over_su_max_lt                  ? 
_refine.ls_shift_over_su_mean                    ? 
_refine.ls_shift_over_su_mean_lt                 ? 
_refine.pdbx_ls_sigma_I                          ? 
_refine.pdbx_ls_sigma_F                          ? 
_refine.pdbx_ls_sigma_Fsqd                       ? 
_refine.pdbx_data_cutoff_high_absF               ? 
_refine.pdbx_data_cutoff_high_rms_absF           ? 
_refine.pdbx_data_cutoff_low_absF                ? 
_refine.pdbx_isotropic_thermal_model             ? 
_refine.pdbx_ls_cross_valid_method               THROUGHOUT 
_refine.pdbx_method_to_determine_struct          SAD 
_refine.pdbx_starting_model                      ? 
_refine.pdbx_stereochemistry_target_values       ? 
_refine.pdbx_R_Free_selection_details            RANDOM 
_refine.pdbx_stereochem_target_val_spec_case     ? 
_refine.pdbx_overall_ESU_R                       0.083 
_refine.pdbx_overall_ESU_R_Free                  0.073 
_refine.pdbx_solvent_vdw_probe_radii             1.20 
_refine.pdbx_solvent_ion_probe_radii             0.80 
_refine.pdbx_solvent_shrinkage_radii             0.80 
_refine.pdbx_real_space_R                        ? 
_refine.pdbx_density_correlation                 ? 
_refine.pdbx_pd_number_of_powder_patterns        ? 
_refine.pdbx_pd_number_of_points                 ? 
_refine.pdbx_pd_meas_number_of_points            ? 
_refine.pdbx_pd_proc_ls_prof_R_factor            ? 
_refine.pdbx_pd_proc_ls_prof_wR_factor           ? 
_refine.pdbx_pd_Marquardt_correlation_coeff      ? 
_refine.pdbx_pd_Fsqrd_R_factor                   ? 
_refine.pdbx_pd_ls_matrix_band_width             ? 
_refine.pdbx_overall_phase_error                 ? 
_refine.pdbx_overall_SU_R_free_Cruickshank_DPI   ? 
_refine.pdbx_overall_SU_R_free_Blow_DPI          ? 
_refine.pdbx_overall_SU_R_Blow_DPI               ? 
_refine.pdbx_TLS_residual_ADP_flag               ? 
_refine.pdbx_diffrn_id                           1 
_refine.overall_SU_B                             5.574 
_refine.overall_SU_ML                            0.076 
_refine.overall_SU_R_Cruickshank_DPI             ? 
_refine.overall_SU_R_free                        ? 
_refine.overall_FOM_free_R_set                   ? 
_refine.overall_FOM_work_R_set                   ? 
_refine.pdbx_average_fsc_overall                 ? 
_refine.pdbx_average_fsc_work                    ? 
_refine.pdbx_average_fsc_free                    ? 
# 
_refine_hist.pdbx_refine_id                   'X-RAY DIFFRACTION' 
_refine_hist.cycle_id                         1 
_refine_hist.details                          ? 
_refine_hist.d_res_high                       1.60 
_refine_hist.d_res_low                        42.04 
_refine_hist.number_atoms_solvent             44 
_refine_hist.number_atoms_total               714 
_refine_hist.number_reflns_all                ? 
_refine_hist.number_reflns_obs                ? 
_refine_hist.number_reflns_R_free             ? 
_refine_hist.number_reflns_R_work             ? 
_refine_hist.R_factor_all                     ? 
_refine_hist.R_factor_obs                     ? 
_refine_hist.R_factor_R_free                  ? 
_refine_hist.R_factor_R_work                  ? 
_refine_hist.pdbx_number_residues_total       ? 
_refine_hist.pdbx_B_iso_mean_ligand           ? 
_refine_hist.pdbx_B_iso_mean_solvent          ? 
_refine_hist.pdbx_number_atoms_protein        666 
_refine_hist.pdbx_number_atoms_nucleic_acid   0 
_refine_hist.pdbx_number_atoms_ligand         4 
_refine_hist.pdbx_number_atoms_lipid          ? 
_refine_hist.pdbx_number_atoms_carb           ? 
_refine_hist.pdbx_pseudo_atom_details         ? 
# 
loop_
_refine_ls_restr.pdbx_refine_id 
_refine_ls_restr.criterion 
_refine_ls_restr.dev_ideal 
_refine_ls_restr.dev_ideal_target 
_refine_ls_restr.number 
_refine_ls_restr.rejects 
_refine_ls_restr.type 
_refine_ls_restr.weight 
_refine_ls_restr.pdbx_restraint_function 
'X-RAY DIFFRACTION' ? 0.007  0.014  715  ? r_bond_refined_d             ? ? 
'X-RAY DIFFRACTION' ? 0.001  0.018  580  ? r_bond_other_d               ? ? 
'X-RAY DIFFRACTION' ? 1.194  1.683  980  ? r_angle_refined_deg          ? ? 
'X-RAY DIFFRACTION' ? 0.952  1.654  1385 ? r_angle_other_deg            ? ? 
'X-RAY DIFFRACTION' ? 6.540  5.000  97   ? r_dihedral_angle_1_deg       ? ? 
'X-RAY DIFFRACTION' ? 34.836 21.714 35   ? r_dihedral_angle_2_deg       ? ? 
'X-RAY DIFFRACTION' ? 14.410 15.000 116  ? r_dihedral_angle_3_deg       ? ? 
'X-RAY DIFFRACTION' ? 16.554 15.000 5    ? r_dihedral_angle_4_deg       ? ? 
'X-RAY DIFFRACTION' ? 0.059  0.200  106  ? r_chiral_restr               ? ? 
'X-RAY DIFFRACTION' ? 0.005  0.020  821  ? r_gen_planes_refined         ? ? 
'X-RAY DIFFRACTION' ? 0.001  0.020  123  ? r_gen_planes_other           ? ? 
'X-RAY DIFFRACTION' ? ?      ?      ?    ? r_nbd_refined                ? ? 
'X-RAY DIFFRACTION' ? ?      ?      ?    ? r_nbd_other                  ? ? 
'X-RAY DIFFRACTION' ? ?      ?      ?    ? r_nbtor_refined              ? ? 
'X-RAY DIFFRACTION' ? ?      ?      ?    ? r_nbtor_other                ? ? 
'X-RAY DIFFRACTION' ? ?      ?      ?    ? r_xyhbond_nbd_refined        ? ? 
'X-RAY DIFFRACTION' ? ?      ?      ?    ? r_xyhbond_nbd_other          ? ? 
'X-RAY DIFFRACTION' ? ?      ?      ?    ? r_metal_ion_refined          ? ? 
'X-RAY DIFFRACTION' ? ?      ?      ?    ? r_metal_ion_other            ? ? 
'X-RAY DIFFRACTION' ? ?      ?      ?    ? r_symmetry_vdw_refined       ? ? 
'X-RAY DIFFRACTION' ? ?      ?      ?    ? r_symmetry_vdw_other         ? ? 
'X-RAY DIFFRACTION' ? ?      ?      ?    ? r_symmetry_hbond_refined     ? ? 
'X-RAY DIFFRACTION' ? ?      ?      ?    ? r_symmetry_hbond_other       ? ? 
'X-RAY DIFFRACTION' ? ?      ?      ?    ? r_symmetry_metal_ion_refined ? ? 
'X-RAY DIFFRACTION' ? ?      ?      ?    ? r_symmetry_metal_ion_other   ? ? 
'X-RAY DIFFRACTION' ? 2.948  2.510  369  ? r_mcbond_it                  ? ? 
'X-RAY DIFFRACTION' ? 2.941  2.505  368  ? r_mcbond_other               ? ? 
'X-RAY DIFFRACTION' ? 3.847  3.757  461  ? r_mcangle_it                 ? ? 
'X-RAY DIFFRACTION' ? 3.846  3.761  462  ? r_mcangle_other              ? ? 
'X-RAY DIFFRACTION' ? 3.294  2.811  346  ? r_scbond_it                  ? ? 
'X-RAY DIFFRACTION' ? 3.289  2.815  347  ? r_scbond_other               ? ? 
'X-RAY DIFFRACTION' ? ?      ?      ?    ? r_scangle_it                 ? ? 
'X-RAY DIFFRACTION' ? 4.493  4.102  515  ? r_scangle_other              ? ? 
'X-RAY DIFFRACTION' ? 5.009  29.766 768  ? r_long_range_B_refined       ? ? 
'X-RAY DIFFRACTION' ? 4.936  29.413 758  ? r_long_range_B_other         ? ? 
'X-RAY DIFFRACTION' ? 1.652  3.000  1295 ? r_rigid_bond_restr           ? ? 
'X-RAY DIFFRACTION' ? 28.791 5.000  23   ? r_sphericity_free            ? ? 
'X-RAY DIFFRACTION' ? 21.509 5.000  1303 ? r_sphericity_bonded          ? ? 
# 
loop_
_refine_ls_restr_ncs.pdbx_refine_id 
_refine_ls_restr_ncs.dom_id 
_refine_ls_restr_ncs.ncs_model_details 
_refine_ls_restr_ncs.rms_dev_B_iso 
_refine_ls_restr_ncs.rms_dev_position 
_refine_ls_restr_ncs.weight_B_iso 
_refine_ls_restr_ncs.weight_position 
_refine_ls_restr_ncs.pdbx_ordinal 
_refine_ls_restr_ncs.pdbx_type 
_refine_ls_restr_ncs.pdbx_asym_id 
_refine_ls_restr_ncs.pdbx_auth_asym_id 
_refine_ls_restr_ncs.pdbx_number 
_refine_ls_restr_ncs.pdbx_rms 
_refine_ls_restr_ncs.pdbx_weight 
_refine_ls_restr_ncs.pdbx_ens_id 
'X-RAY DIFFRACTION' 1 ? ? 0.12 ? 0.05 1 'interatomic distance' ? A 1207 ? ? 1 
'X-RAY DIFFRACTION' 2 ? ? 0.12 ? 0.05 2 'interatomic distance' ? B 1207 ? ? 1 
# 
_refine_ls_shell.pdbx_refine_id                   'X-RAY DIFFRACTION' 
_refine_ls_shell.d_res_high                       1.600 
_refine_ls_shell.d_res_low                        1.642 
_refine_ls_shell.number_reflns_all                ? 
_refine_ls_shell.number_reflns_obs                ? 
_refine_ls_shell.number_reflns_R_free             60 
_refine_ls_shell.number_reflns_R_work             1181 
_refine_ls_shell.percent_reflns_obs               99.92 
_refine_ls_shell.percent_reflns_R_free            ? 
_refine_ls_shell.R_factor_all                     ? 
_refine_ls_shell.R_factor_obs                     ? 
_refine_ls_shell.R_factor_R_free                  0.300 
_refine_ls_shell.R_factor_R_free_error            ? 
_refine_ls_shell.R_factor_R_work                  0.332 
_refine_ls_shell.redundancy_reflns_all            ? 
_refine_ls_shell.redundancy_reflns_obs            ? 
_refine_ls_shell.wR_factor_all                    ? 
_refine_ls_shell.wR_factor_obs                    ? 
_refine_ls_shell.wR_factor_R_free                 ? 
_refine_ls_shell.wR_factor_R_work                 ? 
_refine_ls_shell.pdbx_total_number_of_bins_used   20 
_refine_ls_shell.pdbx_phase_error                 ? 
_refine_ls_shell.pdbx_fsc_work                    ? 
_refine_ls_shell.pdbx_fsc_free                    ? 
# 
loop_
_struct_ncs_dom.id 
_struct_ncs_dom.details 
_struct_ncs_dom.pdbx_ens_id 
1 A 1 
2 B 1 
# 
loop_
_struct_ncs_dom_lim.pdbx_ens_id 
_struct_ncs_dom_lim.dom_id 
_struct_ncs_dom_lim.pdbx_component_id 
_struct_ncs_dom_lim.beg_label_asym_id 
_struct_ncs_dom_lim.beg_label_comp_id 
_struct_ncs_dom_lim.beg_label_seq_id 
_struct_ncs_dom_lim.beg_label_alt_id 
_struct_ncs_dom_lim.end_label_asym_id 
_struct_ncs_dom_lim.end_label_comp_id 
_struct_ncs_dom_lim.end_label_seq_id 
_struct_ncs_dom_lim.end_label_alt_id 
_struct_ncs_dom_lim.beg_auth_asym_id 
_struct_ncs_dom_lim.beg_auth_comp_id 
_struct_ncs_dom_lim.beg_auth_seq_id 
_struct_ncs_dom_lim.end_auth_asym_id 
_struct_ncs_dom_lim.end_auth_comp_id 
_struct_ncs_dom_lim.end_auth_seq_id 
_struct_ncs_dom_lim.pdbx_refine_code 
_struct_ncs_dom_lim.selection_details 
1 1 0 A CYS 23 . A SER 64 . A CYS 154 A SER 195 0 ? 
1 2 0 B CYS 23 . B SER 64 . B CYS 154 B SER 195 0 ? 
# 
_struct_ncs_ens.id        1 
_struct_ncs_ens.details   ? 
# 
_struct.entry_id                     6O5K 
_struct.title                        'Murine TRIM28 Bbox1 domain' 
_struct.pdbx_model_details           ? 
_struct.pdbx_formula_weight          ? 
_struct.pdbx_formula_weight_method   ? 
_struct.pdbx_model_type_details      ? 
_struct.pdbx_CASP_flag               N 
# 
_struct_keywords.entry_id        6O5K 
_struct_keywords.text            'B-box KAP1 TIF1beta Krab-ZFP Co-repressor, TRANSCRIPTION' 
_struct_keywords.pdbx_keywords   TRANSCRIPTION 
# 
loop_
_struct_asym.id 
_struct_asym.pdbx_blank_PDB_chainid_flag 
_struct_asym.pdbx_modified 
_struct_asym.entity_id 
_struct_asym.details 
A N N 1 ? 
B N N 1 ? 
C N N 2 ? 
D N N 2 ? 
E N N 2 ? 
F N N 2 ? 
G N N 3 ? 
H N N 3 ? 
# 
_struct_ref.id                         1 
_struct_ref.db_name                    UNP 
_struct_ref.db_code                    TIF1B_MOUSE 
_struct_ref.pdbx_db_accession          Q62318 
_struct_ref.pdbx_db_isoform            ? 
_struct_ref.entity_id                  1 
_struct_ref.pdbx_seq_one_letter_code   FMRDSGSKASSDSQDANQCCTSCEDNAPATSYCVECSEPLCETCVEAHQRVKYTKDHTVRSTGPAKTRD 
_struct_ref.pdbx_align_begin           135 
# 
loop_
_struct_ref_seq.align_id 
_struct_ref_seq.ref_id 
_struct_ref_seq.pdbx_PDB_id_code 
_struct_ref_seq.pdbx_strand_id 
_struct_ref_seq.seq_align_beg 
_struct_ref_seq.pdbx_seq_align_beg_ins_code 
_struct_ref_seq.seq_align_end 
_struct_ref_seq.pdbx_seq_align_end_ins_code 
_struct_ref_seq.pdbx_db_accession 
_struct_ref_seq.db_align_beg 
_struct_ref_seq.pdbx_db_align_beg_ins_code 
_struct_ref_seq.db_align_end 
_struct_ref_seq.pdbx_db_align_end_ins_code 
_struct_ref_seq.pdbx_auth_seq_align_beg 
_struct_ref_seq.pdbx_auth_seq_align_end 
1 1 6O5K A 4 ? 72 ? Q62318 135 ? 203 ? 135 203 
2 1 6O5K B 4 ? 72 ? Q62318 135 ? 203 ? 135 203 
# 
loop_
_struct_ref_seq_dif.align_id 
_struct_ref_seq_dif.pdbx_pdb_id_code 
_struct_ref_seq_dif.mon_id 
_struct_ref_seq_dif.pdbx_pdb_strand_id 
_struct_ref_seq_dif.seq_num 
_struct_ref_seq_dif.pdbx_pdb_ins_code 
_struct_ref_seq_dif.pdbx_seq_db_name 
_struct_ref_seq_dif.pdbx_seq_db_accession_code 
_struct_ref_seq_dif.db_mon_id 
_struct_ref_seq_dif.pdbx_seq_db_seq_num 
_struct_ref_seq_dif.details 
_struct_ref_seq_dif.pdbx_auth_seq_num 
_struct_ref_seq_dif.pdbx_ordinal 
1 6O5K GLY A 1 ? UNP Q62318 ? ? 'expression tag' 132 1 
1 6O5K PRO A 2 ? UNP Q62318 ? ? 'expression tag' 133 2 
1 6O5K GLY A 3 ? UNP Q62318 ? ? 'expression tag' 134 3 
2 6O5K GLY B 1 ? UNP Q62318 ? ? 'expression tag' 132 4 
2 6O5K PRO B 2 ? UNP Q62318 ? ? 'expression tag' 133 5 
2 6O5K GLY B 3 ? UNP Q62318 ? ? 'expression tag' 134 6 
# 
_pdbx_struct_assembly.id                   1 
_pdbx_struct_assembly.details              author_and_software_defined_assembly 
_pdbx_struct_assembly.method_details       PISA 
_pdbx_struct_assembly.oligomeric_details   dimeric 
_pdbx_struct_assembly.oligomeric_count     2 
# 
loop_
_pdbx_struct_assembly_prop.biol_id 
_pdbx_struct_assembly_prop.type 
_pdbx_struct_assembly_prop.value 
_pdbx_struct_assembly_prop.details 
1 'ABSA (A^2)' 1230 ? 
1 MORE         -21  ? 
1 'SSA (A^2)'  5600 ? 
# 
_pdbx_struct_assembly_gen.assembly_id       1 
_pdbx_struct_assembly_gen.oper_expression   1 
_pdbx_struct_assembly_gen.asym_id_list      A,B,C,D,E,F,G,H 
# 
_pdbx_struct_assembly_auth_evidence.id                     1 
_pdbx_struct_assembly_auth_evidence.assembly_id            1 
_pdbx_struct_assembly_auth_evidence.experimental_support   'equilibrium centrifugation' 
_pdbx_struct_assembly_auth_evidence.details                ? 
# 
_pdbx_struct_oper_list.id                   1 
_pdbx_struct_oper_list.type                 'identity operation' 
_pdbx_struct_oper_list.name                 1_555 
_pdbx_struct_oper_list.symmetry_operation   x,y,z 
_pdbx_struct_oper_list.matrix[1][1]         1.0000000000 
_pdbx_struct_oper_list.matrix[1][2]         0.0000000000 
_pdbx_struct_oper_list.matrix[1][3]         0.0000000000 
_pdbx_struct_oper_list.vector[1]            0.0000000000 
_pdbx_struct_oper_list.matrix[2][1]         0.0000000000 
_pdbx_struct_oper_list.matrix[2][2]         1.0000000000 
_pdbx_struct_oper_list.matrix[2][3]         0.0000000000 
_pdbx_struct_oper_list.vector[2]            0.0000000000 
_pdbx_struct_oper_list.matrix[3][1]         0.0000000000 
_pdbx_struct_oper_list.matrix[3][2]         0.0000000000 
_pdbx_struct_oper_list.matrix[3][3]         1.0000000000 
_pdbx_struct_oper_list.vector[3]            0.0000000000 
# 
loop_
_struct_conf.conf_type_id 
_struct_conf.id 
_struct_conf.pdbx_PDB_helix_id 
_struct_conf.beg_label_comp_id 
_struct_conf.beg_label_asym_id 
_struct_conf.beg_label_seq_id 
_struct_conf.pdbx_beg_PDB_ins_code 
_struct_conf.end_label_comp_id 
_struct_conf.end_label_asym_id 
_struct_conf.end_label_seq_id 
_struct_conf.pdbx_end_PDB_ins_code 
_struct_conf.beg_auth_comp_id 
_struct_conf.beg_auth_asym_id 
_struct_conf.beg_auth_seq_id 
_struct_conf.end_auth_comp_id 
_struct_conf.end_auth_asym_id 
_struct_conf.end_auth_seq_id 
_struct_conf.pdbx_PDB_helix_class 
_struct_conf.details 
_struct_conf.pdbx_PDB_helix_length 
HELX_P HELX_P1 AA1 CYS A 44 ? ARG A 53 ? CYS A 175 ARG A 184 1 ? 10 
HELX_P HELX_P2 AA2 CYS B 44 ? VAL B 54 ? CYS B 175 VAL B 185 1 ? 11 
# 
_struct_conf_type.id          HELX_P 
_struct_conf_type.criteria    ? 
_struct_conf_type.reference   ? 
# 
loop_
_struct_conn.id 
_struct_conn.conn_type_id 
_struct_conn.pdbx_leaving_atom_flag 
_struct_conn.pdbx_PDB_id 
_struct_conn.ptnr1_label_asym_id 
_struct_conn.ptnr1_label_comp_id 
_struct_conn.ptnr1_label_seq_id 
_struct_conn.ptnr1_label_atom_id 
_struct_conn.pdbx_ptnr1_label_alt_id 
_struct_conn.pdbx_ptnr1_PDB_ins_code 
_struct_conn.pdbx_ptnr1_standard_comp_id 
_struct_conn.ptnr1_symmetry 
_struct_conn.ptnr2_label_asym_id 
_struct_conn.ptnr2_label_comp_id 
_struct_conn.ptnr2_label_seq_id 
_struct_conn.ptnr2_label_atom_id 
_struct_conn.pdbx_ptnr2_label_alt_id 
_struct_conn.pdbx_ptnr2_PDB_ins_code 
_struct_conn.ptnr1_auth_asym_id 
_struct_conn.ptnr1_auth_comp_id 
_struct_conn.ptnr1_auth_seq_id 
_struct_conn.ptnr2_auth_asym_id 
_struct_conn.ptnr2_auth_comp_id 
_struct_conn.ptnr2_auth_seq_id 
_struct_conn.ptnr2_symmetry 
_struct_conn.pdbx_ptnr3_label_atom_id 
_struct_conn.pdbx_ptnr3_label_seq_id 
_struct_conn.pdbx_ptnr3_label_comp_id 
_struct_conn.pdbx_ptnr3_label_asym_id 
_struct_conn.pdbx_ptnr3_label_alt_id 
_struct_conn.pdbx_ptnr3_PDB_ins_code 
_struct_conn.details 
_struct_conn.pdbx_dist_value 
_struct_conn.pdbx_value_order 
_struct_conn.pdbx_role 
metalc1  metalc ? ? A CYS 23 SG  ? ? ? 1_555 C ZN . ZN ? ? A CYS 154 A ZN 301 1_555 ? ? ? ? ? ? ? 2.358 ? ? 
metalc2  metalc ? ? A CYS 26 SG  ? ? ? 1_555 C ZN . ZN ? ? A CYS 157 A ZN 301 1_555 ? ? ? ? ? ? ? 2.295 ? ? 
metalc3  metalc ? ? A CYS 36 SG  ? ? ? 1_555 D ZN . ZN ? ? A CYS 167 A ZN 302 1_555 ? ? ? ? ? ? ? 2.212 ? ? 
metalc4  metalc ? ? A CYS 39 SG  ? ? ? 1_555 D ZN . ZN ? ? A CYS 170 A ZN 302 1_555 ? ? ? ? ? ? ? 2.332 ? ? 
metalc5  metalc ? ? A CYS 44 SG  ? ? ? 1_555 C ZN . ZN ? ? A CYS 175 A ZN 301 1_555 ? ? ? ? ? ? ? 2.339 ? ? 
metalc6  metalc ? ? A CYS 47 SG  ? ? ? 1_555 C ZN . ZN ? ? A CYS 178 A ZN 301 1_555 ? ? ? ? ? ? ? 2.347 ? ? 
metalc7  metalc ? ? A HIS 51 NE2 ? ? ? 1_555 D ZN . ZN ? ? A HIS 182 A ZN 302 1_555 ? ? ? ? ? ? ? 2.127 ? ? 
metalc8  metalc ? ? A HIS 60 ND1 ? ? ? 1_555 D ZN . ZN ? ? A HIS 191 A ZN 302 1_555 ? ? ? ? ? ? ? 2.039 ? ? 
metalc9  metalc ? ? B CYS 23 SG  ? ? ? 1_555 E ZN . ZN ? ? B CYS 154 B ZN 301 1_555 ? ? ? ? ? ? ? 2.346 ? ? 
metalc10 metalc ? ? B CYS 26 SG  ? ? ? 1_555 E ZN . ZN ? ? B CYS 157 B ZN 301 1_555 ? ? ? ? ? ? ? 2.288 ? ? 
metalc11 metalc ? ? B CYS 36 SG  ? ? ? 1_555 F ZN . ZN ? ? B CYS 167 B ZN 302 1_555 ? ? ? ? ? ? ? 2.255 ? ? 
metalc12 metalc ? ? B CYS 39 SG  ? ? ? 1_555 F ZN . ZN ? ? B CYS 170 B ZN 302 1_555 ? ? ? ? ? ? ? 2.193 ? ? 
metalc13 metalc ? ? B CYS 44 SG  ? ? ? 1_555 E ZN . ZN ? ? B CYS 175 B ZN 301 1_555 ? ? ? ? ? ? ? 2.254 ? ? 
metalc14 metalc ? ? B CYS 47 SG  ? ? ? 1_555 E ZN . ZN ? ? B CYS 178 B ZN 301 1_555 ? ? ? ? ? ? ? 2.341 ? ? 
metalc15 metalc ? ? B HIS 51 NE2 ? ? ? 1_555 F ZN . ZN ? ? B HIS 182 B ZN 302 1_555 ? ? ? ? ? ? ? 2.064 ? ? 
metalc16 metalc ? ? B HIS 60 ND1 ? ? ? 1_555 F ZN . ZN ? ? B HIS 191 B ZN 302 1_555 ? ? ? ? ? ? ? 2.061 ? ? 
# 
_struct_conn_type.id          metalc 
_struct_conn_type.criteria    ? 
_struct_conn_type.reference   ? 
# 
loop_
_pdbx_struct_conn_angle.id 
_pdbx_struct_conn_angle.ptnr1_label_atom_id 
_pdbx_struct_conn_angle.ptnr1_label_alt_id 
_pdbx_struct_conn_angle.ptnr1_label_asym_id 
_pdbx_struct_conn_angle.ptnr1_label_comp_id 
_pdbx_struct_conn_angle.ptnr1_label_seq_id 
_pdbx_struct_conn_angle.ptnr1_auth_atom_id 
_pdbx_struct_conn_angle.ptnr1_auth_asym_id 
_pdbx_struct_conn_angle.ptnr1_auth_comp_id 
_pdbx_struct_conn_angle.ptnr1_auth_seq_id 
_pdbx_struct_conn_angle.ptnr1_PDB_ins_code 
_pdbx_struct_conn_angle.ptnr1_symmetry 
_pdbx_struct_conn_angle.ptnr2_label_atom_id 
_pdbx_struct_conn_angle.ptnr2_label_alt_id 
_pdbx_struct_conn_angle.ptnr2_label_asym_id 
_pdbx_struct_conn_angle.ptnr2_label_comp_id 
_pdbx_struct_conn_angle.ptnr2_label_seq_id 
_pdbx_struct_conn_angle.ptnr2_auth_atom_id 
_pdbx_struct_conn_angle.ptnr2_auth_asym_id 
_pdbx_struct_conn_angle.ptnr2_auth_comp_id 
_pdbx_struct_conn_angle.ptnr2_auth_seq_id 
_pdbx_struct_conn_angle.ptnr2_PDB_ins_code 
_pdbx_struct_conn_angle.ptnr2_symmetry 
_pdbx_struct_conn_angle.ptnr3_label_atom_id 
_pdbx_struct_conn_angle.ptnr3_label_alt_id 
_pdbx_struct_conn_angle.ptnr3_label_asym_id 
_pdbx_struct_conn_angle.ptnr3_label_comp_id 
_pdbx_struct_conn_angle.ptnr3_label_seq_id 
_pdbx_struct_conn_angle.ptnr3_auth_atom_id 
_pdbx_struct_conn_angle.ptnr3_auth_asym_id 
_pdbx_struct_conn_angle.ptnr3_auth_comp_id 
_pdbx_struct_conn_angle.ptnr3_auth_seq_id 
_pdbx_struct_conn_angle.ptnr3_PDB_ins_code 
_pdbx_struct_conn_angle.ptnr3_symmetry 
_pdbx_struct_conn_angle.value 
_pdbx_struct_conn_angle.value_esd 
1  SG  ? A CYS 23 ? A CYS 154 ? 1_555 ZN ? C ZN . ? A ZN 301 ? 1_555 SG  ? A CYS 26 ? A CYS 157 ? 1_555 118.7 ? 
2  SG  ? A CYS 23 ? A CYS 154 ? 1_555 ZN ? C ZN . ? A ZN 301 ? 1_555 SG  ? A CYS 44 ? A CYS 175 ? 1_555 112.9 ? 
3  SG  ? A CYS 26 ? A CYS 157 ? 1_555 ZN ? C ZN . ? A ZN 301 ? 1_555 SG  ? A CYS 44 ? A CYS 175 ? 1_555 107.8 ? 
4  SG  ? A CYS 23 ? A CYS 154 ? 1_555 ZN ? C ZN . ? A ZN 301 ? 1_555 SG  ? A CYS 47 ? A CYS 178 ? 1_555 107.5 ? 
5  SG  ? A CYS 26 ? A CYS 157 ? 1_555 ZN ? C ZN . ? A ZN 301 ? 1_555 SG  ? A CYS 47 ? A CYS 178 ? 1_555 105.1 ? 
6  SG  ? A CYS 44 ? A CYS 175 ? 1_555 ZN ? C ZN . ? A ZN 301 ? 1_555 SG  ? A CYS 47 ? A CYS 178 ? 1_555 103.4 ? 
7  SG  ? A CYS 36 ? A CYS 167 ? 1_555 ZN ? D ZN . ? A ZN 302 ? 1_555 SG  ? A CYS 39 ? A CYS 170 ? 1_555 115.1 ? 
8  SG  ? A CYS 36 ? A CYS 167 ? 1_555 ZN ? D ZN . ? A ZN 302 ? 1_555 NE2 ? A HIS 51 ? A HIS 182 ? 1_555 120.5 ? 
9  SG  ? A CYS 39 ? A CYS 170 ? 1_555 ZN ? D ZN . ? A ZN 302 ? 1_555 NE2 ? A HIS 51 ? A HIS 182 ? 1_555 100.2 ? 
10 SG  ? A CYS 36 ? A CYS 167 ? 1_555 ZN ? D ZN . ? A ZN 302 ? 1_555 ND1 ? A HIS 60 ? A HIS 191 ? 1_555 102.9 ? 
11 SG  ? A CYS 39 ? A CYS 170 ? 1_555 ZN ? D ZN . ? A ZN 302 ? 1_555 ND1 ? A HIS 60 ? A HIS 191 ? 1_555 109.0 ? 
12 NE2 ? A HIS 51 ? A HIS 182 ? 1_555 ZN ? D ZN . ? A ZN 302 ? 1_555 ND1 ? A HIS 60 ? A HIS 191 ? 1_555 108.8 ? 
13 SG  ? B CYS 23 ? B CYS 154 ? 1_555 ZN ? E ZN . ? B ZN 301 ? 1_555 SG  ? B CYS 26 ? B CYS 157 ? 1_555 120.2 ? 
14 SG  ? B CYS 23 ? B CYS 154 ? 1_555 ZN ? E ZN . ? B ZN 301 ? 1_555 SG  ? B CYS 44 ? B CYS 175 ? 1_555 114.5 ? 
15 SG  ? B CYS 26 ? B CYS 157 ? 1_555 ZN ? E ZN . ? B ZN 301 ? 1_555 SG  ? B CYS 44 ? B CYS 175 ? 1_555 107.3 ? 
16 SG  ? B CYS 23 ? B CYS 154 ? 1_555 ZN ? E ZN . ? B ZN 301 ? 1_555 SG  ? B CYS 47 ? B CYS 178 ? 1_555 105.7 ? 
17 SG  ? B CYS 26 ? B CYS 157 ? 1_555 ZN ? E ZN . ? B ZN 301 ? 1_555 SG  ? B CYS 47 ? B CYS 178 ? 1_555 104.1 ? 
18 SG  ? B CYS 44 ? B CYS 175 ? 1_555 ZN ? E ZN . ? B ZN 301 ? 1_555 SG  ? B CYS 47 ? B CYS 178 ? 1_555 103.1 ? 
19 SG  ? B CYS 36 ? B CYS 167 ? 1_555 ZN ? F ZN . ? B ZN 302 ? 1_555 SG  ? B CYS 39 ? B CYS 170 ? 1_555 114.5 ? 
20 SG  ? B CYS 36 ? B CYS 167 ? 1_555 ZN ? F ZN . ? B ZN 302 ? 1_555 NE2 ? B HIS 51 ? B HIS 182 ? 1_555 115.1 ? 
21 SG  ? B CYS 39 ? B CYS 170 ? 1_555 ZN ? F ZN . ? B ZN 302 ? 1_555 NE2 ? B HIS 51 ? B HIS 182 ? 1_555 105.9 ? 
22 SG  ? B CYS 36 ? B CYS 167 ? 1_555 ZN ? F ZN . ? B ZN 302 ? 1_555 ND1 ? B HIS 60 ? B HIS 191 ? 1_555 102.8 ? 
23 SG  ? B CYS 39 ? B CYS 170 ? 1_555 ZN ? F ZN . ? B ZN 302 ? 1_555 ND1 ? B HIS 60 ? B HIS 191 ? 1_555 107.8 ? 
24 NE2 ? B HIS 51 ? B HIS 182 ? 1_555 ZN ? F ZN . ? B ZN 302 ? 1_555 ND1 ? B HIS 60 ? B HIS 191 ? 1_555 110.6 ? 
# 
loop_
_struct_sheet.id 
_struct_sheet.type 
_struct_sheet.number_strands 
_struct_sheet.details 
AA1 ? 3 ? 
AA2 ? 3 ? 
# 
loop_
_struct_sheet_order.sheet_id 
_struct_sheet_order.range_id_1 
_struct_sheet_order.range_id_2 
_struct_sheet_order.offset 
_struct_sheet_order.sense 
AA1 1 2 ? anti-parallel 
AA1 2 3 ? anti-parallel 
AA2 1 2 ? anti-parallel 
AA2 2 3 ? anti-parallel 
# 
loop_
_struct_sheet_range.sheet_id 
_struct_sheet_range.id 
_struct_sheet_range.beg_label_comp_id 
_struct_sheet_range.beg_label_asym_id 
_struct_sheet_range.beg_label_seq_id 
_struct_sheet_range.pdbx_beg_PDB_ins_code 
_struct_sheet_range.end_label_comp_id 
_struct_sheet_range.end_label_asym_id 
_struct_sheet_range.end_label_seq_id 
_struct_sheet_range.pdbx_end_PDB_ins_code 
_struct_sheet_range.beg_auth_comp_id 
_struct_sheet_range.beg_auth_asym_id 
_struct_sheet_range.beg_auth_seq_id 
_struct_sheet_range.end_auth_comp_id 
_struct_sheet_range.end_auth_asym_id 
_struct_sheet_range.end_auth_seq_id 
AA1 1 GLU A 41 ? LEU A 43 ? GLU A 172 LEU A 174 
AA1 2 SER A 34 ? CYS A 36 ? SER A 165 CYS A 167 
AA1 3 VAL A 62 ? SER A 64 ? VAL A 193 SER A 195 
AA2 1 GLU B 41 ? LEU B 43 ? GLU B 172 LEU B 174 
AA2 2 SER B 34 ? CYS B 36 ? SER B 165 CYS B 167 
AA2 3 VAL B 62 ? SER B 64 ? VAL B 193 SER B 195 
# 
loop_
_pdbx_struct_sheet_hbond.sheet_id 
_pdbx_struct_sheet_hbond.range_id_1 
_pdbx_struct_sheet_hbond.range_id_2 
_pdbx_struct_sheet_hbond.range_1_label_atom_id 
_pdbx_struct_sheet_hbond.range_1_label_comp_id 
_pdbx_struct_sheet_hbond.range_1_label_asym_id 
_pdbx_struct_sheet_hbond.range_1_label_seq_id 
_pdbx_struct_sheet_hbond.range_1_PDB_ins_code 
_pdbx_struct_sheet_hbond.range_1_auth_atom_id 
_pdbx_struct_sheet_hbond.range_1_auth_comp_id 
_pdbx_struct_sheet_hbond.range_1_auth_asym_id 
_pdbx_struct_sheet_hbond.range_1_auth_seq_id 
_pdbx_struct_sheet_hbond.range_2_label_atom_id 
_pdbx_struct_sheet_hbond.range_2_label_comp_id 
_pdbx_struct_sheet_hbond.range_2_label_asym_id 
_pdbx_struct_sheet_hbond.range_2_label_seq_id 
_pdbx_struct_sheet_hbond.range_2_PDB_ins_code 
_pdbx_struct_sheet_hbond.range_2_auth_atom_id 
_pdbx_struct_sheet_hbond.range_2_auth_comp_id 
_pdbx_struct_sheet_hbond.range_2_auth_asym_id 
_pdbx_struct_sheet_hbond.range_2_auth_seq_id 
AA1 1 2 O GLU A 41 ? O GLU A 172 N CYS A 36 ? N CYS A 167 
AA1 2 3 N TYR A 35 ? N TYR A 166 O ARG A 63 ? O ARG A 194 
AA2 1 2 O GLU B 41 ? O GLU B 172 N CYS B 36 ? N CYS B 167 
AA2 2 3 N TYR B 35 ? N TYR B 166 O ARG B 63 ? O ARG B 194 
# 
loop_
_struct_site.id 
_struct_site.pdbx_evidence_code 
_struct_site.pdbx_auth_asym_id 
_struct_site.pdbx_auth_comp_id 
_struct_site.pdbx_auth_seq_id 
_struct_site.pdbx_auth_ins_code 
_struct_site.pdbx_num_residues 
_struct_site.details 
AC1 Software A ZN 301 ? 4 'binding site for residue ZN A 301' 
AC2 Software A ZN 302 ? 4 'binding site for residue ZN A 302' 
AC3 Software B ZN 301 ? 4 'binding site for residue ZN B 301' 
AC4 Software B ZN 302 ? 4 'binding site for residue ZN B 302' 
# 
loop_
_struct_site_gen.id 
_struct_site_gen.site_id 
_struct_site_gen.pdbx_num_res 
_struct_site_gen.label_comp_id 
_struct_site_gen.label_asym_id 
_struct_site_gen.label_seq_id 
_struct_site_gen.pdbx_auth_ins_code 
_struct_site_gen.auth_comp_id 
_struct_site_gen.auth_asym_id 
_struct_site_gen.auth_seq_id 
_struct_site_gen.label_atom_id 
_struct_site_gen.label_alt_id 
_struct_site_gen.symmetry 
_struct_site_gen.details 
1  AC1 4 CYS A 23 ? CYS A 154 . ? 1_555 ? 
2  AC1 4 CYS A 26 ? CYS A 157 . ? 1_555 ? 
3  AC1 4 CYS A 44 ? CYS A 175 . ? 1_555 ? 
4  AC1 4 CYS A 47 ? CYS A 178 . ? 1_555 ? 
5  AC2 4 CYS A 36 ? CYS A 167 . ? 1_555 ? 
6  AC2 4 CYS A 39 ? CYS A 170 . ? 1_555 ? 
7  AC2 4 HIS A 51 ? HIS A 182 . ? 1_555 ? 
8  AC2 4 HIS A 60 ? HIS A 191 . ? 1_555 ? 
9  AC3 4 CYS B 23 ? CYS B 154 . ? 1_555 ? 
10 AC3 4 CYS B 26 ? CYS B 157 . ? 1_555 ? 
11 AC3 4 CYS B 44 ? CYS B 175 . ? 1_555 ? 
12 AC3 4 CYS B 47 ? CYS B 178 . ? 1_555 ? 
13 AC4 4 CYS B 36 ? CYS B 167 . ? 1_555 ? 
14 AC4 4 CYS B 39 ? CYS B 170 . ? 1_555 ? 
15 AC4 4 HIS B 51 ? HIS B 182 . ? 1_555 ? 
16 AC4 4 HIS B 60 ? HIS B 191 . ? 1_555 ? 
# 
loop_
_pdbx_unobs_or_zero_occ_residues.id 
_pdbx_unobs_or_zero_occ_residues.PDB_model_num 
_pdbx_unobs_or_zero_occ_residues.polymer_flag 
_pdbx_unobs_or_zero_occ_residues.occupancy_flag 
_pdbx_unobs_or_zero_occ_residues.auth_asym_id 
_pdbx_unobs_or_zero_occ_residues.auth_comp_id 
_pdbx_unobs_or_zero_occ_residues.auth_seq_id 
_pdbx_unobs_or_zero_occ_residues.PDB_ins_code 
_pdbx_unobs_or_zero_occ_residues.label_asym_id 
_pdbx_unobs_or_zero_occ_residues.label_comp_id 
_pdbx_unobs_or_zero_occ_residues.label_seq_id 
1  1 Y 1 A GLY 132 ? A GLY 1  
2  1 Y 1 A PRO 133 ? A PRO 2  
3  1 Y 1 A GLY 134 ? A GLY 3  
4  1 Y 1 A PHE 135 ? A PHE 4  
5  1 Y 1 A MET 136 ? A MET 5  
6  1 Y 1 A ARG 137 ? A ARG 6  
7  1 Y 1 A ASP 138 ? A ASP 7  
8  1 Y 1 A SER 139 ? A SER 8  
9  1 Y 1 A GLY 140 ? A GLY 9  
10 1 Y 1 A SER 141 ? A SER 10 
11 1 Y 1 A LYS 142 ? A LYS 11 
12 1 Y 1 A ALA 143 ? A ALA 12 
13 1 Y 1 A SER 144 ? A SER 13 
14 1 Y 1 A SER 145 ? A SER 14 
15 1 Y 1 A ASP 146 ? A ASP 15 
16 1 Y 1 A SER 147 ? A SER 16 
17 1 Y 1 A GLN 148 ? A GLN 17 
18 1 Y 1 A ASP 149 ? A ASP 18 
19 1 Y 1 A ALA 150 ? A ALA 19 
20 1 Y 1 A GLY 197 ? A GLY 66 
21 1 Y 1 A PRO 198 ? A PRO 67 
22 1 Y 1 A ALA 199 ? A ALA 68 
23 1 Y 1 A LYS 200 ? A LYS 69 
24 1 Y 1 A THR 201 ? A THR 70 
25 1 Y 1 A ARG 202 ? A ARG 71 
26 1 Y 1 A ASP 203 ? A ASP 72 
27 1 Y 1 B GLY 132 ? B GLY 1  
28 1 Y 1 B PRO 133 ? B PRO 2  
29 1 Y 1 B GLY 134 ? B GLY 3  
30 1 Y 1 B PHE 135 ? B PHE 4  
31 1 Y 1 B MET 136 ? B MET 5  
32 1 Y 1 B ARG 137 ? B ARG 6  
33 1 Y 1 B ASP 138 ? B ASP 7  
34 1 Y 1 B SER 139 ? B SER 8  
35 1 Y 1 B GLY 140 ? B GLY 9  
36 1 Y 1 B SER 141 ? B SER 10 
37 1 Y 1 B LYS 142 ? B LYS 11 
38 1 Y 1 B ALA 143 ? B ALA 12 
39 1 Y 1 B SER 144 ? B SER 13 
40 1 Y 1 B SER 145 ? B SER 14 
41 1 Y 1 B ASP 146 ? B ASP 15 
42 1 Y 1 B SER 147 ? B SER 16 
43 1 Y 1 B GLN 148 ? B GLN 17 
44 1 Y 1 B ASP 149 ? B ASP 18 
45 1 Y 1 B ALA 150 ? B ALA 19 
46 1 Y 1 B ASN 151 ? B ASN 20 
47 1 Y 1 B GLN 152 ? B GLN 21 
48 1 Y 1 B CYS 153 ? B CYS 22 
49 1 Y 1 B GLY 197 ? B GLY 66 
50 1 Y 1 B PRO 198 ? B PRO 67 
51 1 Y 1 B ALA 199 ? B ALA 68 
52 1 Y 1 B LYS 200 ? B LYS 69 
53 1 Y 1 B THR 201 ? B THR 70 
54 1 Y 1 B ARG 202 ? B ARG 71 
55 1 Y 1 B ASP 203 ? B ASP 72 
# 
loop_
_chem_comp_atom.comp_id 
_chem_comp_atom.atom_id 
_chem_comp_atom.type_symbol 
_chem_comp_atom.pdbx_aromatic_flag 
_chem_comp_atom.pdbx_stereo_config 
_chem_comp_atom.pdbx_ordinal 
ALA N    N  N N 1   
ALA CA   C  N S 2   
ALA C    C  N N 3   
ALA O    O  N N 4   
ALA CB   C  N N 5   
ALA OXT  O  N N 6   
ALA H    H  N N 7   
ALA H2   H  N N 8   
ALA HA   H  N N 9   
ALA HB1  H  N N 10  
ALA HB2  H  N N 11  
ALA HB3  H  N N 12  
ALA HXT  H  N N 13  
ARG N    N  N N 14  
ARG CA   C  N S 15  
ARG C    C  N N 16  
ARG O    O  N N 17  
ARG CB   C  N N 18  
ARG CG   C  N N 19  
ARG CD   C  N N 20  
ARG NE   N  N N 21  
ARG CZ   C  N N 22  
ARG NH1  N  N N 23  
ARG NH2  N  N N 24  
ARG OXT  O  N N 25  
ARG H    H  N N 26  
ARG H2   H  N N 27  
ARG HA   H  N N 28  
ARG HB2  H  N N 29  
ARG HB3  H  N N 30  
ARG HG2  H  N N 31  
ARG HG3  H  N N 32  
ARG HD2  H  N N 33  
ARG HD3  H  N N 34  
ARG HE   H  N N 35  
ARG HH11 H  N N 36  
ARG HH12 H  N N 37  
ARG HH21 H  N N 38  
ARG HH22 H  N N 39  
ARG HXT  H  N N 40  
ASN N    N  N N 41  
ASN CA   C  N S 42  
ASN C    C  N N 43  
ASN O    O  N N 44  
ASN CB   C  N N 45  
ASN CG   C  N N 46  
ASN OD1  O  N N 47  
ASN ND2  N  N N 48  
ASN OXT  O  N N 49  
ASN H    H  N N 50  
ASN H2   H  N N 51  
ASN HA   H  N N 52  
ASN HB2  H  N N 53  
ASN HB3  H  N N 54  
ASN HD21 H  N N 55  
ASN HD22 H  N N 56  
ASN HXT  H  N N 57  
ASP N    N  N N 58  
ASP CA   C  N S 59  
ASP C    C  N N 60  
ASP O    O  N N 61  
ASP CB   C  N N 62  
ASP CG   C  N N 63  
ASP OD1  O  N N 64  
ASP OD2  O  N N 65  
ASP OXT  O  N N 66  
ASP H    H  N N 67  
ASP H2   H  N N 68  
ASP HA   H  N N 69  
ASP HB2  H  N N 70  
ASP HB3  H  N N 71  
ASP HD2  H  N N 72  
ASP HXT  H  N N 73  
CYS N    N  N N 74  
CYS CA   C  N R 75  
CYS C    C  N N 76  
CYS O    O  N N 77  
CYS CB   C  N N 78  
CYS SG   S  N N 79  
CYS OXT  O  N N 80  
CYS H    H  N N 81  
CYS H2   H  N N 82  
CYS HA   H  N N 83  
CYS HB2  H  N N 84  
CYS HB3  H  N N 85  
CYS HG   H  N N 86  
CYS HXT  H  N N 87  
GLN N    N  N N 88  
GLN CA   C  N S 89  
GLN C    C  N N 90  
GLN O    O  N N 91  
GLN CB   C  N N 92  
GLN CG   C  N N 93  
GLN CD   C  N N 94  
GLN OE1  O  N N 95  
GLN NE2  N  N N 96  
GLN OXT  O  N N 97  
GLN H    H  N N 98  
GLN H2   H  N N 99  
GLN HA   H  N N 100 
GLN HB2  H  N N 101 
GLN HB3  H  N N 102 
GLN HG2  H  N N 103 
GLN HG3  H  N N 104 
GLN HE21 H  N N 105 
GLN HE22 H  N N 106 
GLN HXT  H  N N 107 
GLU N    N  N N 108 
GLU CA   C  N S 109 
GLU C    C  N N 110 
GLU O    O  N N 111 
GLU CB   C  N N 112 
GLU CG   C  N N 113 
GLU CD   C  N N 114 
GLU OE1  O  N N 115 
GLU OE2  O  N N 116 
GLU OXT  O  N N 117 
GLU H    H  N N 118 
GLU H2   H  N N 119 
GLU HA   H  N N 120 
GLU HB2  H  N N 121 
GLU HB3  H  N N 122 
GLU HG2  H  N N 123 
GLU HG3  H  N N 124 
GLU HE2  H  N N 125 
GLU HXT  H  N N 126 
GLY N    N  N N 127 
GLY CA   C  N N 128 
GLY C    C  N N 129 
GLY O    O  N N 130 
GLY OXT  O  N N 131 
GLY H    H  N N 132 
GLY H2   H  N N 133 
GLY HA2  H  N N 134 
GLY HA3  H  N N 135 
GLY HXT  H  N N 136 
HIS N    N  N N 137 
HIS CA   C  N S 138 
HIS C    C  N N 139 
HIS O    O  N N 140 
HIS CB   C  N N 141 
HIS CG   C  Y N 142 
HIS ND1  N  Y N 143 
HIS CD2  C  Y N 144 
HIS CE1  C  Y N 145 
HIS NE2  N  Y N 146 
HIS OXT  O  N N 147 
HIS H    H  N N 148 
HIS H2   H  N N 149 
HIS HA   H  N N 150 
HIS HB2  H  N N 151 
HIS HB3  H  N N 152 
HIS HD1  H  N N 153 
HIS HD2  H  N N 154 
HIS HE1  H  N N 155 
HIS HE2  H  N N 156 
HIS HXT  H  N N 157 
HOH O    O  N N 158 
HOH H1   H  N N 159 
HOH H2   H  N N 160 
LEU N    N  N N 161 
LEU CA   C  N S 162 
LEU C    C  N N 163 
LEU O    O  N N 164 
LEU CB   C  N N 165 
LEU CG   C  N N 166 
LEU CD1  C  N N 167 
LEU CD2  C  N N 168 
LEU OXT  O  N N 169 
LEU H    H  N N 170 
LEU H2   H  N N 171 
LEU HA   H  N N 172 
LEU HB2  H  N N 173 
LEU HB3  H  N N 174 
LEU HG   H  N N 175 
LEU HD11 H  N N 176 
LEU HD12 H  N N 177 
LEU HD13 H  N N 178 
LEU HD21 H  N N 179 
LEU HD22 H  N N 180 
LEU HD23 H  N N 181 
LEU HXT  H  N N 182 
LYS N    N  N N 183 
LYS CA   C  N S 184 
LYS C    C  N N 185 
LYS O    O  N N 186 
LYS CB   C  N N 187 
LYS CG   C  N N 188 
LYS CD   C  N N 189 
LYS CE   C  N N 190 
LYS NZ   N  N N 191 
LYS OXT  O  N N 192 
LYS H    H  N N 193 
LYS H2   H  N N 194 
LYS HA   H  N N 195 
LYS HB2  H  N N 196 
LYS HB3  H  N N 197 
LYS HG2  H  N N 198 
LYS HG3  H  N N 199 
LYS HD2  H  N N 200 
LYS HD3  H  N N 201 
LYS HE2  H  N N 202 
LYS HE3  H  N N 203 
LYS HZ1  H  N N 204 
LYS HZ2  H  N N 205 
LYS HZ3  H  N N 206 
LYS HXT  H  N N 207 
MET N    N  N N 208 
MET CA   C  N S 209 
MET C    C  N N 210 
MET O    O  N N 211 
MET CB   C  N N 212 
MET CG   C  N N 213 
MET SD   S  N N 214 
MET CE   C  N N 215 
MET OXT  O  N N 216 
MET H    H  N N 217 
MET H2   H  N N 218 
MET HA   H  N N 219 
MET HB2  H  N N 220 
MET HB3  H  N N 221 
MET HG2  H  N N 222 
MET HG3  H  N N 223 
MET HE1  H  N N 224 
MET HE2  H  N N 225 
MET HE3  H  N N 226 
MET HXT  H  N N 227 
PHE N    N  N N 228 
PHE CA   C  N S 229 
PHE C    C  N N 230 
PHE O    O  N N 231 
PHE CB   C  N N 232 
PHE CG   C  Y N 233 
PHE CD1  C  Y N 234 
PHE CD2  C  Y N 235 
PHE CE1  C  Y N 236 
PHE CE2  C  Y N 237 
PHE CZ   C  Y N 238 
PHE OXT  O  N N 239 
PHE H    H  N N 240 
PHE H2   H  N N 241 
PHE HA   H  N N 242 
PHE HB2  H  N N 243 
PHE HB3  H  N N 244 
PHE HD1  H  N N 245 
PHE HD2  H  N N 246 
PHE HE1  H  N N 247 
PHE HE2  H  N N 248 
PHE HZ   H  N N 249 
PHE HXT  H  N N 250 
PRO N    N  N N 251 
PRO CA   C  N S 252 
PRO C    C  N N 253 
PRO O    O  N N 254 
PRO CB   C  N N 255 
PRO CG   C  N N 256 
PRO CD   C  N N 257 
PRO OXT  O  N N 258 
PRO H    H  N N 259 
PRO HA   H  N N 260 
PRO HB2  H  N N 261 
PRO HB3  H  N N 262 
PRO HG2  H  N N 263 
PRO HG3  H  N N 264 
PRO HD2  H  N N 265 
PRO HD3  H  N N 266 
PRO HXT  H  N N 267 
SER N    N  N N 268 
SER CA   C  N S 269 
SER C    C  N N 270 
SER O    O  N N 271 
SER CB   C  N N 272 
SER OG   O  N N 273 
SER OXT  O  N N 274 
SER H    H  N N 275 
SER H2   H  N N 276 
SER HA   H  N N 277 
SER HB2  H  N N 278 
SER HB3  H  N N 279 
SER HG   H  N N 280 
SER HXT  H  N N 281 
THR N    N  N N 282 
THR CA   C  N S 283 
THR C    C  N N 284 
THR O    O  N N 285 
THR CB   C  N R 286 
THR OG1  O  N N 287 
THR CG2  C  N N 288 
THR OXT  O  N N 289 
THR H    H  N N 290 
THR H2   H  N N 291 
THR HA   H  N N 292 
THR HB   H  N N 293 
THR HG1  H  N N 294 
THR HG21 H  N N 295 
THR HG22 H  N N 296 
THR HG23 H  N N 297 
THR HXT  H  N N 298 
TYR N    N  N N 299 
TYR CA   C  N S 300 
TYR C    C  N N 301 
TYR O    O  N N 302 
TYR CB   C  N N 303 
TYR CG   C  Y N 304 
TYR CD1  C  Y N 305 
TYR CD2  C  Y N 306 
TYR CE1  C  Y N 307 
TYR CE2  C  Y N 308 
TYR CZ   C  Y N 309 
TYR OH   O  N N 310 
TYR OXT  O  N N 311 
TYR H    H  N N 312 
TYR H2   H  N N 313 
TYR HA   H  N N 314 
TYR HB2  H  N N 315 
TYR HB3  H  N N 316 
TYR HD1  H  N N 317 
TYR HD2  H  N N 318 
TYR HE1  H  N N 319 
TYR HE2  H  N N 320 
TYR HH   H  N N 321 
TYR HXT  H  N N 322 
VAL N    N  N N 323 
VAL CA   C  N S 324 
VAL C    C  N N 325 
VAL O    O  N N 326 
VAL CB   C  N N 327 
VAL CG1  C  N N 328 
VAL CG2  C  N N 329 
VAL OXT  O  N N 330 
VAL H    H  N N 331 
VAL H2   H  N N 332 
VAL HA   H  N N 333 
VAL HB   H  N N 334 
VAL HG11 H  N N 335 
VAL HG12 H  N N 336 
VAL HG13 H  N N 337 
VAL HG21 H  N N 338 
VAL HG22 H  N N 339 
VAL HG23 H  N N 340 
VAL HXT  H  N N 341 
ZN  ZN   ZN N N 342 
# 
loop_
_chem_comp_bond.comp_id 
_chem_comp_bond.atom_id_1 
_chem_comp_bond.atom_id_2 
_chem_comp_bond.value_order 
_chem_comp_bond.pdbx_aromatic_flag 
_chem_comp_bond.pdbx_stereo_config 
_chem_comp_bond.pdbx_ordinal 
ALA N   CA   sing N N 1   
ALA N   H    sing N N 2   
ALA N   H2   sing N N 3   
ALA CA  C    sing N N 4   
ALA CA  CB   sing N N 5   
ALA CA  HA   sing N N 6   
ALA C   O    doub N N 7   
ALA C   OXT  sing N N 8   
ALA CB  HB1  sing N N 9   
ALA CB  HB2  sing N N 10  
ALA CB  HB3  sing N N 11  
ALA OXT HXT  sing N N 12  
ARG N   CA   sing N N 13  
ARG N   H    sing N N 14  
ARG N   H2   sing N N 15  
ARG CA  C    sing N N 16  
ARG CA  CB   sing N N 17  
ARG CA  HA   sing N N 18  
ARG C   O    doub N N 19  
ARG C   OXT  sing N N 20  
ARG CB  CG   sing N N 21  
ARG CB  HB2  sing N N 22  
ARG CB  HB3  sing N N 23  
ARG CG  CD   sing N N 24  
ARG CG  HG2  sing N N 25  
ARG CG  HG3  sing N N 26  
ARG CD  NE   sing N N 27  
ARG CD  HD2  sing N N 28  
ARG CD  HD3  sing N N 29  
ARG NE  CZ   sing N N 30  
ARG NE  HE   sing N N 31  
ARG CZ  NH1  sing N N 32  
ARG CZ  NH2  doub N N 33  
ARG NH1 HH11 sing N N 34  
ARG NH1 HH12 sing N N 35  
ARG NH2 HH21 sing N N 36  
ARG NH2 HH22 sing N N 37  
ARG OXT HXT  sing N N 38  
ASN N   CA   sing N N 39  
ASN N   H    sing N N 40  
ASN N   H2   sing N N 41  
ASN CA  C    sing N N 42  
ASN CA  CB   sing N N 43  
ASN CA  HA   sing N N 44  
ASN C   O    doub N N 45  
ASN C   OXT  sing N N 46  
ASN CB  CG   sing N N 47  
ASN CB  HB2  sing N N 48  
ASN CB  HB3  sing N N 49  
ASN CG  OD1  doub N N 50  
ASN CG  ND2  sing N N 51  
ASN ND2 HD21 sing N N 52  
ASN ND2 HD22 sing N N 53  
ASN OXT HXT  sing N N 54  
ASP N   CA   sing N N 55  
ASP N   H    sing N N 56  
ASP N   H2   sing N N 57  
ASP CA  C    sing N N 58  
ASP CA  CB   sing N N 59  
ASP CA  HA   sing N N 60  
ASP C   O    doub N N 61  
ASP C   OXT  sing N N 62  
ASP CB  CG   sing N N 63  
ASP CB  HB2  sing N N 64  
ASP CB  HB3  sing N N 65  
ASP CG  OD1  doub N N 66  
ASP CG  OD2  sing N N 67  
ASP OD2 HD2  sing N N 68  
ASP OXT HXT  sing N N 69  
CYS N   CA   sing N N 70  
CYS N   H    sing N N 71  
CYS N   H2   sing N N 72  
CYS CA  C    sing N N 73  
CYS CA  CB   sing N N 74  
CYS CA  HA   sing N N 75  
CYS C   O    doub N N 76  
CYS C   OXT  sing N N 77  
CYS CB  SG   sing N N 78  
CYS CB  HB2  sing N N 79  
CYS CB  HB3  sing N N 80  
CYS SG  HG   sing N N 81  
CYS OXT HXT  sing N N 82  
GLN N   CA   sing N N 83  
GLN N   H    sing N N 84  
GLN N   H2   sing N N 85  
GLN CA  C    sing N N 86  
GLN CA  CB   sing N N 87  
GLN CA  HA   sing N N 88  
GLN C   O    doub N N 89  
GLN C   OXT  sing N N 90  
GLN CB  CG   sing N N 91  
GLN CB  HB2  sing N N 92  
GLN CB  HB3  sing N N 93  
GLN CG  CD   sing N N 94  
GLN CG  HG2  sing N N 95  
GLN CG  HG3  sing N N 96  
GLN CD  OE1  doub N N 97  
GLN CD  NE2  sing N N 98  
GLN NE2 HE21 sing N N 99  
GLN NE2 HE22 sing N N 100 
GLN OXT HXT  sing N N 101 
GLU N   CA   sing N N 102 
GLU N   H    sing N N 103 
GLU N   H2   sing N N 104 
GLU CA  C    sing N N 105 
GLU CA  CB   sing N N 106 
GLU CA  HA   sing N N 107 
GLU C   O    doub N N 108 
GLU C   OXT  sing N N 109 
GLU CB  CG   sing N N 110 
GLU CB  HB2  sing N N 111 
GLU CB  HB3  sing N N 112 
GLU CG  CD   sing N N 113 
GLU CG  HG2  sing N N 114 
GLU CG  HG3  sing N N 115 
GLU CD  OE1  doub N N 116 
GLU CD  OE2  sing N N 117 
GLU OE2 HE2  sing N N 118 
GLU OXT HXT  sing N N 119 
GLY N   CA   sing N N 120 
GLY N   H    sing N N 121 
GLY N   H2   sing N N 122 
GLY CA  C    sing N N 123 
GLY CA  HA2  sing N N 124 
GLY CA  HA3  sing N N 125 
GLY C   O    doub N N 126 
GLY C   OXT  sing N N 127 
GLY OXT HXT  sing N N 128 
HIS N   CA   sing N N 129 
HIS N   H    sing N N 130 
HIS N   H2   sing N N 131 
HIS CA  C    sing N N 132 
HIS CA  CB   sing N N 133 
HIS CA  HA   sing N N 134 
HIS C   O    doub N N 135 
HIS C   OXT  sing N N 136 
HIS CB  CG   sing N N 137 
HIS CB  HB2  sing N N 138 
HIS CB  HB3  sing N N 139 
HIS CG  ND1  sing Y N 140 
HIS CG  CD2  doub Y N 141 
HIS ND1 CE1  doub Y N 142 
HIS ND1 HD1  sing N N 143 
HIS CD2 NE2  sing Y N 144 
HIS CD2 HD2  sing N N 145 
HIS CE1 NE2  sing Y N 146 
HIS CE1 HE1  sing N N 147 
HIS NE2 HE2  sing N N 148 
HIS OXT HXT  sing N N 149 
HOH O   H1   sing N N 150 
HOH O   H2   sing N N 151 
LEU N   CA   sing N N 152 
LEU N   H    sing N N 153 
LEU N   H2   sing N N 154 
LEU CA  C    sing N N 155 
LEU CA  CB   sing N N 156 
LEU CA  HA   sing N N 157 
LEU C   O    doub N N 158 
LEU C   OXT  sing N N 159 
LEU CB  CG   sing N N 160 
LEU CB  HB2  sing N N 161 
LEU CB  HB3  sing N N 162 
LEU CG  CD1  sing N N 163 
LEU CG  CD2  sing N N 164 
LEU CG  HG   sing N N 165 
LEU CD1 HD11 sing N N 166 
LEU CD1 HD12 sing N N 167 
LEU CD1 HD13 sing N N 168 
LEU CD2 HD21 sing N N 169 
LEU CD2 HD22 sing N N 170 
LEU CD2 HD23 sing N N 171 
LEU OXT HXT  sing N N 172 
LYS N   CA   sing N N 173 
LYS N   H    sing N N 174 
LYS N   H2   sing N N 175 
LYS CA  C    sing N N 176 
LYS CA  CB   sing N N 177 
LYS CA  HA   sing N N 178 
LYS C   O    doub N N 179 
LYS C   OXT  sing N N 180 
LYS CB  CG   sing N N 181 
LYS CB  HB2  sing N N 182 
LYS CB  HB3  sing N N 183 
LYS CG  CD   sing N N 184 
LYS CG  HG2  sing N N 185 
LYS CG  HG3  sing N N 186 
LYS CD  CE   sing N N 187 
LYS CD  HD2  sing N N 188 
LYS CD  HD3  sing N N 189 
LYS CE  NZ   sing N N 190 
LYS CE  HE2  sing N N 191 
LYS CE  HE3  sing N N 192 
LYS NZ  HZ1  sing N N 193 
LYS NZ  HZ2  sing N N 194 
LYS NZ  HZ3  sing N N 195 
LYS OXT HXT  sing N N 196 
MET N   CA   sing N N 197 
MET N   H    sing N N 198 
MET N   H2   sing N N 199 
MET CA  C    sing N N 200 
MET CA  CB   sing N N 201 
MET CA  HA   sing N N 202 
MET C   O    doub N N 203 
MET C   OXT  sing N N 204 
MET CB  CG   sing N N 205 
MET CB  HB2  sing N N 206 
MET CB  HB3  sing N N 207 
MET CG  SD   sing N N 208 
MET CG  HG2  sing N N 209 
MET CG  HG3  sing N N 210 
MET SD  CE   sing N N 211 
MET CE  HE1  sing N N 212 
MET CE  HE2  sing N N 213 
MET CE  HE3  sing N N 214 
MET OXT HXT  sing N N 215 
PHE N   CA   sing N N 216 
PHE N   H    sing N N 217 
PHE N   H2   sing N N 218 
PHE CA  C    sing N N 219 
PHE CA  CB   sing N N 220 
PHE CA  HA   sing N N 221 
PHE C   O    doub N N 222 
PHE C   OXT  sing N N 223 
PHE CB  CG   sing N N 224 
PHE CB  HB2  sing N N 225 
PHE CB  HB3  sing N N 226 
PHE CG  CD1  doub Y N 227 
PHE CG  CD2  sing Y N 228 
PHE CD1 CE1  sing Y N 229 
PHE CD1 HD1  sing N N 230 
PHE CD2 CE2  doub Y N 231 
PHE CD2 HD2  sing N N 232 
PHE CE1 CZ   doub Y N 233 
PHE CE1 HE1  sing N N 234 
PHE CE2 CZ   sing Y N 235 
PHE CE2 HE2  sing N N 236 
PHE CZ  HZ   sing N N 237 
PHE OXT HXT  sing N N 238 
PRO N   CA   sing N N 239 
PRO N   CD   sing N N 240 
PRO N   H    sing N N 241 
PRO CA  C    sing N N 242 
PRO CA  CB   sing N N 243 
PRO CA  HA   sing N N 244 
PRO C   O    doub N N 245 
PRO C   OXT  sing N N 246 
PRO CB  CG   sing N N 247 
PRO CB  HB2  sing N N 248 
PRO CB  HB3  sing N N 249 
PRO CG  CD   sing N N 250 
PRO CG  HG2  sing N N 251 
PRO CG  HG3  sing N N 252 
PRO CD  HD2  sing N N 253 
PRO CD  HD3  sing N N 254 
PRO OXT HXT  sing N N 255 
SER N   CA   sing N N 256 
SER N   H    sing N N 257 
SER N   H2   sing N N 258 
SER CA  C    sing N N 259 
SER CA  CB   sing N N 260 
SER CA  HA   sing N N 261 
SER C   O    doub N N 262 
SER C   OXT  sing N N 263 
SER CB  OG   sing N N 264 
SER CB  HB2  sing N N 265 
SER CB  HB3  sing N N 266 
SER OG  HG   sing N N 267 
SER OXT HXT  sing N N 268 
THR N   CA   sing N N 269 
THR N   H    sing N N 270 
THR N   H2   sing N N 271 
THR CA  C    sing N N 272 
THR CA  CB   sing N N 273 
THR CA  HA   sing N N 274 
THR C   O    doub N N 275 
THR C   OXT  sing N N 276 
THR CB  OG1  sing N N 277 
THR CB  CG2  sing N N 278 
THR CB  HB   sing N N 279 
THR OG1 HG1  sing N N 280 
THR CG2 HG21 sing N N 281 
THR CG2 HG22 sing N N 282 
THR CG2 HG23 sing N N 283 
THR OXT HXT  sing N N 284 
TYR N   CA   sing N N 285 
TYR N   H    sing N N 286 
TYR N   H2   sing N N 287 
TYR CA  C    sing N N 288 
TYR CA  CB   sing N N 289 
TYR CA  HA   sing N N 290 
TYR C   O    doub N N 291 
TYR C   OXT  sing N N 292 
TYR CB  CG   sing N N 293 
TYR CB  HB2  sing N N 294 
TYR CB  HB3  sing N N 295 
TYR CG  CD1  doub Y N 296 
TYR CG  CD2  sing Y N 297 
TYR CD1 CE1  sing Y N 298 
TYR CD1 HD1  sing N N 299 
TYR CD2 CE2  doub Y N 300 
TYR CD2 HD2  sing N N 301 
TYR CE1 CZ   doub Y N 302 
TYR CE1 HE1  sing N N 303 
TYR CE2 CZ   sing Y N 304 
TYR CE2 HE2  sing N N 305 
TYR CZ  OH   sing N N 306 
TYR OH  HH   sing N N 307 
TYR OXT HXT  sing N N 308 
VAL N   CA   sing N N 309 
VAL N   H    sing N N 310 
VAL N   H2   sing N N 311 
VAL CA  C    sing N N 312 
VAL CA  CB   sing N N 313 
VAL CA  HA   sing N N 314 
VAL C   O    doub N N 315 
VAL C   OXT  sing N N 316 
VAL CB  CG1  sing N N 317 
VAL CB  CG2  sing N N 318 
VAL CB  HB   sing N N 319 
VAL CG1 HG11 sing N N 320 
VAL CG1 HG12 sing N N 321 
VAL CG1 HG13 sing N N 322 
VAL CG2 HG21 sing N N 323 
VAL CG2 HG22 sing N N 324 
VAL CG2 HG23 sing N N 325 
VAL OXT HXT  sing N N 326 
# 
_pdbx_audit_support.funding_organization   'Royal Society of New Zealand' 
_pdbx_audit_support.country                'New Zealand' 
_pdbx_audit_support.grant_number           ? 
_pdbx_audit_support.ordinal                1 
# 
_atom_sites.entry_id                    6O5K 
_atom_sites.fract_transf_matrix[1][1]   -0.02379942 
_atom_sites.fract_transf_matrix[1][2]   0.01873919 
_atom_sites.fract_transf_matrix[1][3]   -0.00018866 
_atom_sites.fract_transf_matrix[2][1]   0.00641650 
_atom_sites.fract_transf_matrix[2][2]   0.00831380 
_atom_sites.fract_transf_matrix[2][3]   0.01635086 
_atom_sites.fract_transf_matrix[3][1]   0.00717787 
_atom_sites.fract_transf_matrix[3][2]   0.00904150 
_atom_sites.fract_transf_matrix[3][3]   -0.00741404 
_atom_sites.fract_transf_vector[1]      0.843244 
_atom_sites.fract_transf_vector[2]      0.627326 
_atom_sites.fract_transf_vector[3]      0.449059 
# 
loop_
_atom_type.symbol 
C  
N  
O  
S  
ZN 
# 
loop_
_atom_site.group_PDB 
_atom_site.id 
_atom_site.type_symbol 
_atom_site.label_atom_id 
_atom_site.label_alt_id 
_atom_site.label_comp_id 
_atom_site.label_asym_id 
_atom_site.label_entity_id 
_atom_site.label_seq_id 
_atom_site.pdbx_PDB_ins_code 
_atom_site.Cartn_x 
_atom_site.Cartn_y 
_atom_site.Cartn_z 
_atom_site.occupancy 
_atom_site.B_iso_or_equiv 
_atom_site.pdbx_formal_charge 
_atom_site.auth_seq_id 
_atom_site.auth_comp_id 
_atom_site.auth_asym_id 
_atom_site.auth_atom_id 
_atom_site.pdbx_PDB_model_num 
ATOM   1   N  N   . ASN A 1 20 ? 9.857   15.927  -11.613 1.00 47.29 ? 151 ASN A N   1 
ATOM   2   C  CA  . ASN A 1 20 ? 11.343  15.724  -11.737 1.00 47.24 ? 151 ASN A CA  1 
ATOM   3   C  C   . ASN A 1 20 ? 11.723  14.240  -11.570 1.00 43.86 ? 151 ASN A C   1 
ATOM   4   O  O   . ASN A 1 20 ? 12.594  13.761  -12.312 1.00 41.44 ? 151 ASN A O   1 
ATOM   5   C  CB  . ASN A 1 20 ? 12.120  16.579  -10.734 1.00 50.15 ? 151 ASN A CB  1 
ATOM   6   N  N   . GLN A 1 21 ? 11.116  13.531  -10.596 1.00 33.72 ? 152 GLN A N   1 
ATOM   7   C  CA  . GLN A 1 21 ? 11.500  12.141  -10.275 1.00 32.33 ? 152 GLN A CA  1 
ATOM   8   C  C   . GLN A 1 21 ? 10.346  11.171  -10.533 1.00 26.42 ? 152 GLN A C   1 
ATOM   9   O  O   . GLN A 1 21 ? 9.206   11.488  -10.259 1.00 24.98 ? 152 GLN A O   1 
ATOM   10  C  CB  . GLN A 1 21 ? 11.838  11.978  -8.794  1.00 40.58 ? 152 GLN A CB  1 
ATOM   11  C  CG  . GLN A 1 21 ? 13.271  12.318  -8.434  1.00 43.22 ? 152 GLN A CG  1 
ATOM   12  C  CD  . GLN A 1 21 ? 13.698  11.527  -7.227  1.00 45.63 ? 152 GLN A CD  1 
ATOM   13  O  OE1 . GLN A 1 21 ? 14.173  10.400  -7.345  1.00 53.92 ? 152 GLN A OE1 1 
ATOM   14  N  NE2 . GLN A 1 21 ? 13.507  12.105  -6.052  1.00 45.52 ? 152 GLN A NE2 1 
ATOM   15  N  N   . CYS A 1 22 ? 10.670  9.960   -10.995 1.00 23.01 ? 153 CYS A N   1 
ATOM   16  C  CA  . CYS A 1 22 ? 9.690   8.874   -11.037 1.00 24.96 ? 153 CYS A CA  1 
ATOM   17  C  C   . CYS A 1 22 ? 9.638   8.155   -9.687  1.00 23.21 ? 153 CYS A C   1 
ATOM   18  O  O   . CYS A 1 22 ? 10.631  8.054   -8.971  1.00 22.98 ? 153 CYS A O   1 
ATOM   19  C  CB  . CYS A 1 22 ? 10.021  7.817   -12.079 1.00 28.94 ? 153 CYS A CB  1 
ATOM   20  S  SG  . CYS A 1 22 ? 9.669   8.346   -13.772 1.00 40.15 ? 153 CYS A SG  1 
ATOM   21  N  N   . CYS A 1 23 ? 8.449   7.640   -9.380  1.00 23.61 ? 154 CYS A N   1 
ATOM   22  C  CA  . CYS A 1 23 ? 8.260   6.623   -8.364  1.00 24.24 ? 154 CYS A CA  1 
ATOM   23  C  C   . CYS A 1 23 ? 8.938   5.338   -8.848  1.00 23.82 ? 154 CYS A C   1 
ATOM   24  O  O   . CYS A 1 23 ? 8.720   4.910   -9.989  1.00 29.12 ? 154 CYS A O   1 
ATOM   25  C  CB  . CYS A 1 23 ? 6.778   6.349   -8.133  1.00 22.38 ? 154 CYS A CB  1 
ATOM   26  S  SG  . CYS A 1 23 ? 6.437   5.157   -6.808  1.00 21.06 ? 154 CYS A SG  1 
ATOM   27  N  N   . THR A 1 24 ? 9.737   4.716   -7.983  1.00 26.48 ? 155 THR A N   1 
ATOM   28  C  CA  . THR A 1 24 ? 10.359  3.430   -8.331  1.00 30.87 ? 155 THR A CA  1 
ATOM   29  C  C   . THR A 1 24 ? 9.871   2.328   -7.385  1.00 31.32 ? 155 THR A C   1 
ATOM   30  O  O   . THR A 1 24 ? 10.517  1.304   -7.258  1.00 34.87 ? 155 THR A O   1 
ATOM   31  C  CB  . THR A 1 24 ? 11.887  3.521   -8.342  1.00 34.66 ? 155 THR A CB  1 
ATOM   32  O  OG1 . THR A 1 24 ? 12.275  4.074   -7.080  1.00 37.76 ? 155 THR A OG1 1 
ATOM   33  C  CG2 . THR A 1 24 ? 12.401  4.341   -9.510  1.00 36.85 ? 155 THR A CG2 1 
ATOM   34  N  N   . SER A 1 25 ? 8.726   2.548   -6.733  1.00 26.69 ? 156 SER A N   1 
ATOM   35  C  CA  . SER A 1 25 ? 8.107   1.516   -5.883  1.00 29.23 ? 156 SER A CA  1 
ATOM   36  C  C   . SER A 1 25 ? 6.946   0.835   -6.618  1.00 27.34 ? 156 SER A C   1 
ATOM   37  O  O   . SER A 1 25 ? 6.312   -0.065  -6.100  1.00 28.96 ? 156 SER A O   1 
ATOM   38  C  CB  . SER A 1 25 ? 7.677   2.108   -4.583  1.00 30.29 ? 156 SER A CB  1 
ATOM   39  O  OG  . SER A 1 25 ? 8.792   2.740   -3.975  1.00 38.75 ? 156 SER A OG  1 
ATOM   40  N  N   . CYS A 1 26 ? 6.679   1.271   -7.848  1.00 24.74 ? 157 CYS A N   1 
ATOM   41  C  CA  . CYS A 1 26 ? 5.776   0.585   -8.765  1.00 26.48 ? 157 CYS A CA  1 
ATOM   42  C  C   . CYS A 1 26 ? 6.365   0.664   -10.176 1.00 29.72 ? 157 CYS A C   1 
ATOM   43  O  O   . CYS A 1 26 ? 7.412   1.294   -10.390 1.00 31.32 ? 157 CYS A O   1 
ATOM   44  C  CB  . CYS A 1 26 ? 4.373   1.180   -8.701  1.00 27.29 ? 157 CYS A CB  1 
ATOM   45  S  SG  . CYS A 1 26 ? 4.257   2.892   -9.287  1.00 26.68 ? 157 CYS A SG  1 
ATOM   46  N  N   . GLU A 1 27 ? 5.674   0.041   -11.132 1.00 32.78 ? 158 GLU A N   1 
ATOM   47  C  CA  . GLU A 1 27 ? 6.125   -0.051  -12.519 1.00 36.20 ? 158 GLU A CA  1 
ATOM   48  C  C   . GLU A 1 27 ? 5.296   0.872   -13.432 1.00 35.66 ? 158 GLU A C   1 
ATOM   49  O  O   . GLU A 1 27 ? 5.293   0.694   -14.640 1.00 39.66 ? 158 GLU A O   1 
ATOM   50  C  CB  . GLU A 1 27 ? 6.034   -1.509  -12.978 1.00 39.85 ? 158 GLU A CB  1 
ATOM   51  C  CG  . GLU A 1 27 ? 6.983   -2.445  -12.250 1.00 43.47 ? 158 GLU A CG  1 
ATOM   52  N  N   . ASP A 1 28 ? 4.630   1.879   -12.848 1.00 33.17 ? 159 ASP A N   1 
ATOM   53  C  CA  . ASP A 1 28 ? 3.729   2.764   -13.581 1.00 34.71 ? 159 ASP A CA  1 
ATOM   54  C  C   . ASP A 1 28 ? 4.525   3.875   -14.279 1.00 34.60 ? 159 ASP A C   1 
ATOM   55  O  O   . ASP A 1 28 ? 3.937   4.638   -15.038 1.00 35.00 ? 159 ASP A O   1 
ATOM   56  C  CB  . ASP A 1 28 ? 2.660   3.366   -12.656 1.00 35.31 ? 159 ASP A CB  1 
ATOM   57  C  CG  . ASP A 1 28 ? 1.626   2.379   -12.143 1.00 36.86 ? 159 ASP A CG  1 
ATOM   58  O  OD1 . ASP A 1 28 ? 1.596   1.251   -12.656 1.00 40.59 ? 159 ASP A OD1 1 
ATOM   59  O  OD2 . ASP A 1 28 ? 0.837   2.760   -11.253 1.00 42.20 ? 159 ASP A OD2 1 
ATOM   60  N  N   . ASN A 1 29 ? 5.836   3.983   -14.007 1.00 30.55 ? 160 ASN A N   1 
ATOM   61  C  CA  . ASN A 1 29 ? 6.652   5.141   -14.417 1.00 31.68 ? 160 ASN A CA  1 
ATOM   62  C  C   . ASN A 1 29 ? 5.886   6.437   -14.129 1.00 29.88 ? 160 ASN A C   1 
ATOM   63  O  O   . ASN A 1 29 ? 5.769   7.312   -14.980 1.00 35.75 ? 160 ASN A O   1 
ATOM   64  C  CB  . ASN A 1 29 ? 7.051   5.088   -15.896 1.00 33.09 ? 160 ASN A CB  1 
ATOM   65  C  CG  . ASN A 1 29 ? 8.181   4.123   -16.162 1.00 34.75 ? 160 ASN A CG  1 
ATOM   66  O  OD1 . ASN A 1 29 ? 7.976   3.129   -16.848 1.00 40.96 ? 160 ASN A OD1 1 
ATOM   67  N  ND2 . ASN A 1 29 ? 9.364   4.421   -15.636 1.00 37.39 ? 160 ASN A ND2 1 
ATOM   68  N  N   . ALA A 1 30 ? 5.368   6.544   -12.904 1.00 25.93 ? 161 ALA A N   1 
ATOM   69  C  CA  . ALA A 1 30 ? 4.510   7.637   -12.494 1.00 22.93 ? 161 ALA A CA  1 
ATOM   70  C  C   . ALA A 1 30 ? 5.351   8.707   -11.801 1.00 22.58 ? 161 ALA A C   1 
ATOM   71  O  O   . ALA A 1 30 ? 6.380   8.385   -11.219 1.00 22.63 ? 161 ALA A O   1 
ATOM   72  C  CB  . ALA A 1 30 ? 3.443   7.097   -11.576 1.00 23.58 ? 161 ALA A CB  1 
ATOM   73  N  N   . PRO A 1 31 ? 4.947   9.998   -11.829 1.00 22.45 ? 162 PRO A N   1 
ATOM   74  C  CA  . PRO A 1 31 ? 5.692   11.043  -11.130 1.00 21.65 ? 162 PRO A CA  1 
ATOM   75  C  C   . PRO A 1 31 ? 5.597   10.845  -9.615  1.00 20.35 ? 162 PRO A C   1 
ATOM   76  O  O   . PRO A 1 31 ? 4.516   10.577  -9.110  1.00 21.67 ? 162 PRO A O   1 
ATOM   77  C  CB  . PRO A 1 31 ? 4.982   12.353  -11.516 1.00 20.92 ? 162 PRO A CB  1 
ATOM   78  C  CG  . PRO A 1 31 ? 3.593   11.914  -11.928 1.00 24.37 ? 162 PRO A CG  1 
ATOM   79  C  CD  . PRO A 1 31 ? 3.760   10.527  -12.516 1.00 23.04 ? 162 PRO A CD  1 
ATOM   80  N  N   . ALA A 1 32 ? 6.726   10.993  -8.925  1.00 21.53 ? 163 ALA A N   1 
ATOM   81  C  CA  . ALA A 1 32 ? 6.745   11.029  -7.477  1.00 22.29 ? 163 ALA A CA  1 
ATOM   82  C  C   . ALA A 1 32 ? 6.260   12.410  -7.038  1.00 24.03 ? 163 ALA A C   1 
ATOM   83  O  O   . ALA A 1 32 ? 6.724   13.405  -7.549  1.00 25.37 ? 163 ALA A O   1 
ATOM   84  C  CB  . ALA A 1 32 ? 8.128   10.709  -6.957  1.00 22.55 ? 163 ALA A CB  1 
ATOM   85  N  N   . THR A 1 33 ? 5.280   12.442  -6.124  1.00 22.75 ? 164 THR A N   1 
ATOM   86  C  CA  . THR A 1 33 ? 4.736   13.651  -5.537  1.00 22.61 ? 164 THR A CA  1 
ATOM   87  C  C   . THR A 1 33 ? 5.130   13.746  -4.059  1.00 19.58 ? 164 THR A C   1 
ATOM   88  O  O   . THR A 1 33 ? 4.861   14.752  -3.403  1.00 19.37 ? 164 THR A O   1 
ATOM   89  C  CB  . THR A 1 33 ? 3.206   13.635  -5.641  1.00 27.85 ? 164 THR A CB  1 
ATOM   90  O  OG1 . THR A 1 33 ? 2.733   12.429  -5.029  1.00 29.58 ? 164 THR A OG1 1 
ATOM   91  C  CG2 . THR A 1 33 ? 2.706   13.664  -7.068  1.00 32.17 ? 164 THR A CG2 1 
ATOM   92  N  N   . SER A 1 34 ? 5.757   12.681  -3.547  1.00 17.07 ? 165 SER A N   1 
ATOM   93  C  CA  A SER A 1 34 ? 5.984   12.496  -2.125  0.50 16.28 ? 165 SER A CA  1 
ATOM   94  C  CA  B SER A 1 34 ? 5.993   12.507  -2.131  0.50 16.89 ? 165 SER A CA  1 
ATOM   95  C  C   . SER A 1 34 ? 7.270   11.691  -1.912  1.00 15.78 ? 165 SER A C   1 
ATOM   96  O  O   . SER A 1 34 ? 7.842   11.126  -2.856  1.00 15.92 ? 165 SER A O   1 
ATOM   97  C  CB  A SER A 1 34 ? 4.809   11.786  -1.471  0.50 16.55 ? 165 SER A CB  1 
ATOM   98  C  CB  B SER A 1 34 ? 4.824   11.803  -1.489  0.50 18.74 ? 165 SER A CB  1 
ATOM   99  O  OG  A SER A 1 34 ? 3.610   12.533  -1.598  0.50 16.02 ? 165 SER A OG  1 
ATOM   100 O  OG  B SER A 1 34 ? 4.799   10.456  -1.924  0.50 21.53 ? 165 SER A OG  1 
ATOM   101 N  N   A TYR A 1 35 ? 7.721   11.635  -0.655  0.60 15.72 ? 166 TYR A N   1 
ATOM   102 N  N   B TYR A 1 35 ? 7.636   11.561  -0.633  0.40 15.34 ? 166 TYR A N   1 
ATOM   103 C  CA  A TYR A 1 35 ? 8.716   10.653  -0.282  0.60 17.19 ? 166 TYR A CA  1 
ATOM   104 C  CA  B TYR A 1 35 ? 8.790   10.806  -0.202  0.40 16.70 ? 166 TYR A CA  1 
ATOM   105 C  C   A TYR A 1 35 ? 8.395   10.089  1.099   0.60 17.51 ? 166 TYR A C   1 
ATOM   106 C  C   B TYR A 1 35 ? 8.434   10.116  1.121   0.40 17.36 ? 166 TYR A C   1 
ATOM   107 O  O   A TYR A 1 35 ? 7.850   10.760  1.972   0.60 17.95 ? 166 TYR A O   1 
ATOM   108 O  O   B TYR A 1 35 ? 7.869   10.760  2.002   0.40 17.76 ? 166 TYR A O   1 
ATOM   109 C  CB  A TYR A 1 35 ? 10.152  11.178  -0.389  0.60 19.86 ? 166 TYR A CB  1 
ATOM   110 C  CB  B TYR A 1 35 ? 9.992   11.751  -0.073  0.40 18.40 ? 166 TYR A CB  1 
ATOM   111 C  CG  A TYR A 1 35 ? 10.631  12.065  0.726   0.60 20.71 ? 166 TYR A CG  1 
ATOM   112 C  CG  B TYR A 1 35 ? 11.223  11.133  0.536   0.40 19.47 ? 166 TYR A CG  1 
ATOM   113 C  CD1 A TYR A 1 35 ? 10.445  13.439  0.672   0.60 21.57 ? 166 TYR A CD1 1 
ATOM   114 C  CD1 B TYR A 1 35 ? 12.022  10.267  -0.186  0.40 21.53 ? 166 TYR A CD1 1 
ATOM   115 C  CD2 A TYR A 1 35 ? 11.338  11.545  1.798   0.60 23.14 ? 166 TYR A CD2 1 
ATOM   116 C  CD2 B TYR A 1 35 ? 11.582  11.398  1.843   0.40 20.41 ? 166 TYR A CD2 1 
ATOM   117 C  CE1 A TYR A 1 35 ? 10.913  14.274  1.674   0.60 21.07 ? 166 TYR A CE1 1 
ATOM   118 C  CE1 B TYR A 1 35 ? 13.147  9.681   0.374   0.40 23.50 ? 166 TYR A CE1 1 
ATOM   119 C  CE2 A TYR A 1 35 ? 11.811  12.367  2.809   0.60 24.16 ? 166 TYR A CE2 1 
ATOM   120 C  CE2 B TYR A 1 35 ? 12.710  10.831  2.414   0.40 20.64 ? 166 TYR A CE2 1 
ATOM   121 C  CZ  A TYR A 1 35 ? 11.598  13.734  2.746   0.60 22.00 ? 166 TYR A CZ  1 
ATOM   122 C  CZ  B TYR A 1 35 ? 13.489  9.946   1.689   0.40 19.88 ? 166 TYR A CZ  1 
ATOM   123 O  OH  A TYR A 1 35 ? 12.043  14.541  3.750   0.60 28.29 ? 166 TYR A OH  1 
ATOM   124 O  OH  B TYR A 1 35 ? 14.600  9.367   2.244   0.40 16.34 ? 166 TYR A OH  1 
ATOM   125 N  N   . CYS A 1 36 ? 8.757   8.819   1.254   1.00 16.49 ? 167 CYS A N   1 
ATOM   126 C  CA  . CYS A 1 36 ? 8.621   8.141   2.527   1.00 16.25 ? 167 CYS A CA  1 
ATOM   127 C  C   . CYS A 1 36 ? 9.993   8.115   3.198   1.00 14.96 ? 167 CYS A C   1 
ATOM   128 O  O   . CYS A 1 36 ? 10.956  7.594   2.628   1.00 16.53 ? 167 CYS A O   1 
ATOM   129 C  CB  . CYS A 1 36 ? 8.097   6.717   2.382   1.00 16.19 ? 167 CYS A CB  1 
ATOM   130 S  SG  . CYS A 1 36 ? 8.038   5.918   4.001   1.00 16.18 ? 167 CYS A SG  1 
ATOM   131 N  N   . VAL A 1 37 ? 10.049  8.612   4.431   1.00 17.81 ? 168 VAL A N   1 
ATOM   132 C  CA  . VAL A 1 37 ? 11.273  8.650   5.212   1.00 20.65 ? 168 VAL A CA  1 
ATOM   133 C  C   . VAL A 1 37 ? 11.746  7.227   5.541   1.00 20.48 ? 168 VAL A C   1 
ATOM   134 O  O   . VAL A 1 37 ? 12.906  6.896   5.362   1.00 19.96 ? 168 VAL A O   1 
ATOM   135 C  CB  . VAL A 1 37 ? 11.107  9.496   6.489   1.00 23.06 ? 168 VAL A CB  1 
ATOM   136 C  CG1 . VAL A 1 37 ? 12.377  9.487   7.331   1.00 24.30 ? 168 VAL A CG1 1 
ATOM   137 C  CG2 . VAL A 1 37 ? 10.699  10.925  6.168   1.00 25.31 ? 168 VAL A CG2 1 
ATOM   138 N  N   . GLU A 1 38 ? 10.839  6.385   6.032   1.00 20.57 ? 169 GLU A N   1 
ATOM   139 C  CA  . GLU A 1 38 ? 11.227  5.044   6.520   1.00 19.23 ? 169 GLU A CA  1 
ATOM   140 C  C   . GLU A 1 38 ? 11.654  4.159   5.346   1.00 17.56 ? 169 GLU A C   1 
ATOM   141 O  O   . GLU A 1 38 ? 12.574  3.362   5.491   1.00 19.90 ? 169 GLU A O   1 
ATOM   142 C  CB  . GLU A 1 38 ? 10.106  4.372   7.305   1.00 19.95 ? 169 GLU A CB  1 
ATOM   143 C  CG  . GLU A 1 38 ? 9.888   4.986   8.679   1.00 22.25 ? 169 GLU A CG  1 
ATOM   144 C  CD  . GLU A 1 38 ? 9.037   6.237   8.688   1.00 23.45 ? 169 GLU A CD  1 
ATOM   145 O  OE1 . GLU A 1 38 ? 8.568   6.642   7.626   1.00 22.29 ? 169 GLU A OE1 1 
ATOM   146 O  OE2 . GLU A 1 38 ? 8.843   6.798   9.768   1.00 30.07 ? 169 GLU A OE2 1 
ATOM   147 N  N   . CYS A 1 39 ? 10.970  4.290   4.206   1.00 16.88 ? 170 CYS A N   1 
ATOM   148 C  CA  . CYS A 1 39 ? 11.305  3.542   3.009   1.00 17.18 ? 170 CYS A CA  1 
ATOM   149 C  C   . CYS A 1 39 ? 12.481  4.185   2.255   1.00 19.98 ? 170 CYS A C   1 
ATOM   150 O  O   . CYS A 1 39 ? 13.116  3.504   1.460   1.00 20.95 ? 170 CYS A O   1 
ATOM   151 C  CB  . CYS A 1 39 ? 10.120  3.422   2.063   1.00 17.59 ? 170 CYS A CB  1 
ATOM   152 S  SG  . CYS A 1 39 ? 8.770   2.384   2.700   1.00 18.51 ? 170 CYS A SG  1 
ATOM   153 N  N   . SER A 1 40 ? 12.738  5.479   2.502   1.00 20.03 ? 171 SER A N   1 
ATOM   154 C  CA  A SER A 1 40 ? 13.713  6.270   1.745   0.50 20.06 ? 171 SER A CA  1 
ATOM   155 C  CA  B SER A 1 40 ? 13.706  6.273   1.743   0.50 19.97 ? 171 SER A CA  1 
ATOM   156 C  C   . SER A 1 40 ? 13.433  6.128   0.242   1.00 19.87 ? 171 SER A C   1 
ATOM   157 O  O   . SER A 1 40 ? 14.327  5.790   -0.549  1.00 21.27 ? 171 SER A O   1 
ATOM   158 C  CB  A SER A 1 40 ? 15.128  5.874   2.095   0.50 20.27 ? 171 SER A CB  1 
ATOM   159 C  CB  B SER A 1 40 ? 15.113  5.891   2.103   0.50 20.07 ? 171 SER A CB  1 
ATOM   160 O  OG  A SER A 1 40 ? 16.054  6.862   1.653   0.50 21.28 ? 171 SER A OG  1 
ATOM   161 O  OG  B SER A 1 40 ? 15.402  6.340   3.412   0.50 20.61 ? 171 SER A OG  1 
ATOM   162 N  N   . GLU A 1 41 ? 12.177  6.382   -0.146  1.00 17.90 ? 172 GLU A N   1 
ATOM   163 C  CA  . GLU A 1 41 ? 11.693  6.171   -1.510  1.00 20.42 ? 172 GLU A CA  1 
ATOM   164 C  C   . GLU A 1 41 ? 10.770  7.319   -1.913  1.00 18.08 ? 172 GLU A C   1 
ATOM   165 O  O   . GLU A 1 41 ? 9.877   7.699   -1.153  1.00 19.36 ? 172 GLU A O   1 
ATOM   166 C  CB  . GLU A 1 41 ? 10.866  4.879   -1.617  1.00 23.47 ? 172 GLU A CB  1 
ATOM   167 C  CG  . GLU A 1 41 ? 11.663  3.604   -1.713  1.00 30.91 ? 172 GLU A CG  1 
ATOM   168 C  CD  . GLU A 1 41 ? 12.447  3.378   -2.998  1.00 41.92 ? 172 GLU A CD  1 
ATOM   169 O  OE1 . GLU A 1 41 ? 13.323  2.502   -2.978  1.00 50.25 ? 172 GLU A OE1 1 
ATOM   170 O  OE2 . GLU A 1 41 ? 12.197  4.080   -4.010  1.00 48.90 ? 172 GLU A OE2 1 
ATOM   171 N  N   . PRO A 1 42 ? 10.932  7.890   -3.131  1.00 19.41 ? 173 PRO A N   1 
ATOM   172 C  CA  . PRO A 1 42 ? 9.923   8.761   -3.719  1.00 18.87 ? 173 PRO A CA  1 
ATOM   173 C  C   . PRO A 1 42 ? 8.705   7.916   -4.108  1.00 17.97 ? 173 PRO A C   1 
ATOM   174 O  O   . PRO A 1 42 ? 8.879   6.812   -4.634  1.00 19.97 ? 173 PRO A O   1 
ATOM   175 C  CB  . PRO A 1 42 ? 10.566  9.336   -5.001  1.00 21.99 ? 173 PRO A CB  1 
ATOM   176 C  CG  . PRO A 1 42 ? 12.003  8.904   -4.957  1.00 23.81 ? 173 PRO A CG  1 
ATOM   177 C  CD  . PRO A 1 42 ? 12.090  7.721   -4.019  1.00 22.02 ? 173 PRO A CD  1 
ATOM   178 N  N   . LEU A 1 43 ? 7.504   8.445   -3.880  1.00 17.63 ? 174 LEU A N   1 
ATOM   179 C  CA  . LEU A 1 43 ? 6.275   7.706   -4.134  1.00 18.47 ? 174 LEU A CA  1 
ATOM   180 C  C   . LEU A 1 43 ? 5.327   8.545   -4.985  1.00 15.63 ? 174 LEU A C   1 
ATOM   181 O  O   . LEU A 1 43 ? 5.195   9.747   -4.748  1.00 18.30 ? 174 LEU A O   1 
ATOM   182 C  CB  . LEU A 1 43 ? 5.599   7.365   -2.804  1.00 19.29 ? 174 LEU A CB  1 
ATOM   183 C  CG  . LEU A 1 43 ? 6.363   6.459   -1.847  1.00 19.38 ? 174 LEU A CG  1 
ATOM   184 C  CD1 . LEU A 1 43 ? 5.520   6.250   -0.589  1.00 20.39 ? 174 LEU A CD1 1 
ATOM   185 C  CD2 . LEU A 1 43 ? 6.693   5.111   -2.469  1.00 19.55 ? 174 LEU A CD2 1 
ATOM   186 N  N   . CYS A 1 44 ? 4.654   7.864   -5.917  1.00 16.72 ? 175 CYS A N   1 
ATOM   187 C  CA  . CYS A 1 44 ? 3.569   8.429   -6.696  1.00 18.15 ? 175 CYS A CA  1 
ATOM   188 C  C   . CYS A 1 44 ? 2.307   8.447   -5.837  1.00 18.48 ? 175 CYS A C   1 
ATOM   189 O  O   . CYS A 1 44 ? 2.270   7.850   -4.735  1.00 18.15 ? 175 CYS A O   1 
ATOM   190 C  CB  . CYS A 1 44 ? 3.325   7.654   -7.989  1.00 20.28 ? 175 CYS A CB  1 
ATOM   191 S  SG  . CYS A 1 44 ? 2.727   5.954   -7.767  1.00 20.56 ? 175 CYS A SG  1 
ATOM   192 N  N   . GLU A 1 45 ? 1.280   9.143   -6.333  1.00 20.52 ? 176 GLU A N   1 
ATOM   193 C  CA  . GLU A 1 45 ? 0.009   9.259   -5.623  1.00 19.74 ? 176 GLU A CA  1 
ATOM   194 C  C   . GLU A 1 45 ? -0.595  7.877   -5.349  1.00 18.30 ? 176 GLU A C   1 
ATOM   195 O  O   . GLU A 1 45 ? -1.097  7.653   -4.255  1.00 19.08 ? 176 GLU A O   1 
ATOM   196 C  CB  . GLU A 1 45 ? -0.967  10.123  -6.415  1.00 24.59 ? 176 GLU A CB  1 
ATOM   197 C  CG  . GLU A 1 45 ? -0.580  11.584  -6.368  1.00 32.00 ? 176 GLU A CG  1 
ATOM   198 C  CD  . GLU A 1 45 ? -0.704  12.163  -4.970  1.00 35.85 ? 176 GLU A CD  1 
ATOM   199 O  OE1 . GLU A 1 45 ? -1.852  12.343  -4.525  1.00 42.78 ? 176 GLU A OE1 1 
ATOM   200 O  OE2 . GLU A 1 45 ? 0.350   12.376  -4.313  1.00 47.51 ? 176 GLU A OE2 1 
ATOM   201 N  N   . THR A 1 46 ? -0.553  6.968   -6.329  1.00 19.14 ? 177 THR A N   1 
ATOM   202 C  CA  . THR A 1 46 ? -1.159  5.627   -6.134  1.00 21.15 ? 177 THR A CA  1 
ATOM   203 C  C   . THR A 1 46 ? -0.419  4.879   -5.015  1.00 20.47 ? 177 THR A C   1 
ATOM   204 O  O   . THR A 1 46 ? -1.053  4.245   -4.169  1.00 18.64 ? 177 THR A O   1 
ATOM   205 C  CB  . THR A 1 46 ? -1.172  4.822   -7.434  1.00 23.16 ? 177 THR A CB  1 
ATOM   206 O  OG1 . THR A 1 46 ? -1.747  5.654   -8.438  1.00 24.61 ? 177 THR A OG1 1 
ATOM   207 C  CG2 . THR A 1 46 ? -1.977  3.543   -7.334  1.00 24.49 ? 177 THR A CG2 1 
ATOM   208 N  N   . CYS A 1 47 ? 0.918   4.964   -5.004  1.00 17.77 ? 178 CYS A N   1 
ATOM   209 C  CA  . CYS A 1 47 ? 1.720   4.304   -3.980  1.00 16.92 ? 178 CYS A CA  1 
ATOM   210 C  C   . CYS A 1 47 ? 1.520   4.955   -2.601  1.00 16.71 ? 178 CYS A C   1 
ATOM   211 O  O   . CYS A 1 47 ? 1.561   4.251   -1.584  1.00 14.86 ? 178 CYS A O   1 
ATOM   212 C  CB  . CYS A 1 47 ? 3.191   4.248   -4.380  1.00 19.71 ? 178 CYS A CB  1 
ATOM   213 S  SG  . CYS A 1 47 ? 3.506   3.026   -5.681  1.00 19.83 ? 178 CYS A SG  1 
ATOM   214 N  N   . VAL A 1 48 ? 1.287   6.277   -2.555  1.00 16.34 ? 179 VAL A N   1 
ATOM   215 C  CA  . VAL A 1 48 ? 1.011   6.941   -1.293  1.00 16.24 ? 179 VAL A CA  1 
ATOM   216 C  C   . VAL A 1 48 ? -0.292  6.372   -0.712  1.00 16.13 ? 179 VAL A C   1 
ATOM   217 O  O   . VAL A 1 48 ? -0.353  6.043   0.469   1.00 15.61 ? 179 VAL A O   1 
ATOM   218 C  CB  . VAL A 1 48 ? 0.932   8.477   -1.412  1.00 17.04 ? 179 VAL A CB  1 
ATOM   219 C  CG1 . VAL A 1 48 ? 0.403   9.094   -0.122  1.00 16.90 ? 179 VAL A CG1 1 
ATOM   220 C  CG2 . VAL A 1 48 ? 2.281   9.082   -1.739  1.00 17.77 ? 179 VAL A CG2 1 
ATOM   221 N  N   . GLU A 1 49 ? -1.324  6.290   -1.554  1.00 16.88 ? 180 GLU A N   1 
ATOM   222 C  CA  . GLU A 1 49 ? -2.629  5.761   -1.137  1.00 17.34 ? 180 GLU A CA  1 
ATOM   223 C  C   . GLU A 1 49 ? -2.480  4.312   -0.638  1.00 17.90 ? 180 GLU A C   1 
ATOM   224 O  O   . GLU A 1 49 ? -3.059  3.936   0.384   1.00 17.68 ? 180 GLU A O   1 
ATOM   225 C  CB  . GLU A 1 49 ? -3.619  5.855   -2.291  1.00 17.57 ? 180 GLU A CB  1 
ATOM   226 C  CG  . GLU A 1 49 ? -3.982  7.286   -2.636  1.00 18.76 ? 180 GLU A CG  1 
ATOM   227 C  CD  . GLU A 1 49 ? -4.890  7.446   -3.834  1.00 24.72 ? 180 GLU A CD  1 
ATOM   228 O  OE1 . GLU A 1 49 ? -5.605  6.488   -4.147  1.00 31.86 ? 180 GLU A OE1 1 
ATOM   229 O  OE2 . GLU A 1 49 ? -4.904  8.542   -4.430  1.00 30.26 ? 180 GLU A OE2 1 
ATOM   230 N  N   . ALA A 1 50 ? -1.692  3.504   -1.345  1.00 15.69 ? 181 ALA A N   1 
ATOM   231 C  CA  . ALA A 1 50 ? -1.481  2.099   -0.948  1.00 15.30 ? 181 ALA A CA  1 
ATOM   232 C  C   . ALA A 1 50 ? -0.773  2.053   0.406   1.00 16.67 ? 181 ALA A C   1 
ATOM   233 O  O   . ALA A 1 50 ? -1.121  1.211   1.259   1.00 18.32 ? 181 ALA A O   1 
ATOM   234 C  CB  . ALA A 1 50 ? -0.720  1.333   -1.988  1.00 16.15 ? 181 ALA A CB  1 
ATOM   235 N  N   . HIS A 1 51 ? 0.214   2.951   0.588   1.00 14.50 ? 182 HIS A N   1 
ATOM   236 C  CA  . HIS A 1 51 ? 0.992   3.026   1.821   1.00 15.89 ? 182 HIS A CA  1 
ATOM   237 C  C   . HIS A 1 51 ? 0.061   3.187   3.033   1.00 16.36 ? 182 HIS A C   1 
ATOM   238 O  O   . HIS A 1 51 ? 0.327   2.660   4.120   1.00 16.59 ? 182 HIS A O   1 
ATOM   239 C  CB  . HIS A 1 51 ? 2.002   4.188   1.766   1.00 15.56 ? 182 HIS A CB  1 
ATOM   240 C  CG  . HIS A 1 51 ? 3.428   3.790   1.954   1.00 13.38 ? 182 HIS A CG  1 
ATOM   241 N  ND1 . HIS A 1 51 ? 4.080   2.948   1.088   1.00 16.52 ? 182 HIS A ND1 1 
ATOM   242 C  CD2 . HIS A 1 51 ? 4.348   4.136   2.872   1.00 16.56 ? 182 HIS A CD2 1 
ATOM   243 C  CE1 . HIS A 1 51 ? 5.330   2.784   1.476   1.00 14.82 ? 182 HIS A CE1 1 
ATOM   244 N  NE2 . HIS A 1 51 ? 5.536   3.499   2.555   1.00 15.88 ? 182 HIS A NE2 1 
ATOM   245 N  N   . GLN A 1 52 ? -1.002  3.972   2.842   1.00 19.50 ? 183 GLN A N   1 
ATOM   246 C  CA  . GLN A 1 52 ? -1.960  4.313   3.879   1.00 21.00 ? 183 GLN A CA  1 
ATOM   247 C  C   . GLN A 1 52 ? -2.864  3.122   4.234   1.00 21.66 ? 183 GLN A C   1 
ATOM   248 O  O   . GLN A 1 52 ? -3.398  3.089   5.354   1.00 26.21 ? 183 GLN A O   1 
ATOM   249 C  CB  . GLN A 1 52 ? -2.772  5.521   3.402   1.00 22.74 ? 183 GLN A CB  1 
ATOM   250 C  CG  . GLN A 1 52 ? -1.945  6.793   3.329   1.00 23.53 ? 183 GLN A CG  1 
ATOM   251 C  CD  . GLN A 1 52 ? -1.571  7.261   4.709   1.00 27.68 ? 183 GLN A CD  1 
ATOM   252 O  OE1 . GLN A 1 52 ? -0.399  7.385   5.041   1.00 35.78 ? 183 GLN A OE1 1 
ATOM   253 N  NE2 . GLN A 1 52 ? -2.574  7.513   5.538   1.00 30.72 ? 183 GLN A NE2 1 
ATOM   254 N  N   . ARG A 1 53 ? -3.027  2.155   3.319   1.00 21.06 ? 184 ARG A N   1 
ATOM   255 C  CA  . ARG A 1 53 ? -3.979  1.024   3.490   1.00 24.93 ? 184 ARG A CA  1 
ATOM   256 C  C   . ARG A 1 53 ? -3.308  -0.284  3.918   1.00 23.93 ? 184 ARG A C   1 
ATOM   257 O  O   . ARG A 1 53 ? -3.940  -1.330  3.939   1.00 28.31 ? 184 ARG A O   1 
ATOM   258 C  CB  . ARG A 1 53 ? -4.660  0.701   2.160   1.00 26.77 ? 184 ARG A CB  1 
ATOM   259 C  CG  . ARG A 1 53 ? -5.983  1.414   2.021   1.00 26.80 ? 184 ARG A CG  1 
ATOM   260 C  CD  . ARG A 1 53 ? -6.576  1.381   0.636   1.00 26.86 ? 184 ARG A CD  1 
ATOM   261 N  NE  . ARG A 1 53 ? -7.574  2.429   0.584   1.00 27.61 ? 184 ARG A NE  1 
ATOM   262 C  CZ  . ARG A 1 53 ? -8.852  2.281   0.907   1.00 29.43 ? 184 ARG A CZ  1 
ATOM   263 N  NH1 . ARG A 1 53 ? -9.340  1.072   1.179   1.00 29.69 ? 184 ARG A NH1 1 
ATOM   264 N  NH2 . ARG A 1 53 ? -9.629  3.355   0.935   1.00 28.23 ? 184 ARG A NH2 1 
ATOM   265 N  N   . VAL A 1 54 ? -2.002  -0.272  4.112   1.00 19.64 ? 185 VAL A N   1 
ATOM   266 C  CA  . VAL A 1 54 ? -1.305  -1.459  4.545   1.00 18.43 ? 185 VAL A CA  1 
ATOM   267 C  C   . VAL A 1 54 ? -0.841  -1.175  5.963   1.00 20.43 ? 185 VAL A C   1 
ATOM   268 O  O   . VAL A 1 54 ? -0.201  -0.161  6.213   1.00 17.98 ? 185 VAL A O   1 
ATOM   269 C  CB  . VAL A 1 54 ? -0.153  -1.816  3.593   1.00 18.67 ? 185 VAL A CB  1 
ATOM   270 C  CG1 . VAL A 1 54 ? 0.716   -2.923  4.157   1.00 18.90 ? 185 VAL A CG1 1 
ATOM   271 C  CG2 . VAL A 1 54 ? -0.680  -2.167  2.212   1.00 18.04 ? 185 VAL A CG2 1 
ATOM   272 N  N   . LYS A 1 55 ? -1.190  -2.055  6.902   1.00 19.44 ? 186 LYS A N   1 
ATOM   273 C  CA  . LYS A 1 55 ? -0.956  -1.768  8.307   1.00 23.10 ? 186 LYS A CA  1 
ATOM   274 C  C   . LYS A 1 55 ? 0.536   -1.528  8.579   1.00 20.27 ? 186 LYS A C   1 
ATOM   275 O  O   . LYS A 1 55 ? 0.884   -0.670  9.386   1.00 20.92 ? 186 LYS A O   1 
ATOM   276 C  CB  . LYS A 1 55 ? -1.540  -2.880  9.185   1.00 27.66 ? 186 LYS A CB  1 
ATOM   277 C  CG  . LYS A 1 55 ? -3.063  -2.901  9.182   1.00 33.95 ? 186 LYS A CG  1 
ATOM   278 C  CD  . LYS A 1 55 ? -3.694  -3.818  10.217  1.00 38.59 ? 186 LYS A CD  1 
ATOM   279 C  CE  . LYS A 1 55 ? -5.178  -3.558  10.388  1.00 43.21 ? 186 LYS A CE  1 
ATOM   280 N  NZ  . LYS A 1 55 ? -5.684  -4.111  11.665  1.00 48.80 ? 186 LYS A NZ  1 
ATOM   281 N  N   . TYR A 1 56 ? 1.411   -2.281  7.909   1.00 20.07 ? 187 TYR A N   1 
ATOM   282 C  CA  . TYR A 1 56 ? 2.864   -2.185  8.125   1.00 22.10 ? 187 TYR A CA  1 
ATOM   283 C  C   . TYR A 1 56 ? 3.409   -0.780  7.779   1.00 19.90 ? 187 TYR A C   1 
ATOM   284 O  O   . TYR A 1 56 ? 4.362   -0.334  8.413   1.00 20.26 ? 187 TYR A O   1 
ATOM   285 C  CB  . TYR A 1 56 ? 3.595   -3.271  7.334   1.00 24.53 ? 187 TYR A CB  1 
ATOM   286 C  CG  . TYR A 1 56 ? 5.080   -3.292  7.584   1.00 28.72 ? 187 TYR A CG  1 
ATOM   287 C  CD1 . TYR A 1 56 ? 5.618   -3.945  8.685   1.00 32.94 ? 187 TYR A CD1 1 
ATOM   288 C  CD2 . TYR A 1 56 ? 5.949   -2.615  6.742   1.00 30.24 ? 187 TYR A CD2 1 
ATOM   289 C  CE1 . TYR A 1 56 ? 6.983   -3.943  8.930   1.00 33.50 ? 187 TYR A CE1 1 
ATOM   290 C  CE2 . TYR A 1 56 ? 7.310   -2.595  6.979   1.00 31.05 ? 187 TYR A CE2 1 
ATOM   291 C  CZ  . TYR A 1 56 ? 7.830   -3.267  8.065   1.00 33.42 ? 187 TYR A CZ  1 
ATOM   292 O  OH  . TYR A 1 56 ? 9.177   -3.205  8.259   1.00 38.99 ? 187 TYR A OH  1 
ATOM   293 N  N   . THR A 1 57 ? 2.776   -0.082  6.824   1.00 17.37 ? 188 THR A N   1 
ATOM   294 C  CA  . THR A 1 57 ? 3.279   1.197   6.326   1.00 17.92 ? 188 THR A CA  1 
ATOM   295 C  C   . THR A 1 57 ? 2.397   2.391   6.709   1.00 19.13 ? 188 THR A C   1 
ATOM   296 O  O   . THR A 1 57 ? 2.798   3.528   6.460   1.00 19.01 ? 188 THR A O   1 
ATOM   297 C  CB  . THR A 1 57 ? 3.468   1.149   4.806   1.00 16.59 ? 188 THR A CB  1 
ATOM   298 O  OG1 . THR A 1 57 ? 2.261   0.689   4.199   1.00 16.11 ? 188 THR A OG1 1 
ATOM   299 C  CG2 . THR A 1 57 ? 4.614   0.248   4.405   1.00 17.07 ? 188 THR A CG2 1 
ATOM   300 N  N   . LYS A 1 58 ? 1.238   2.153   7.344   1.00 18.03 ? 189 LYS A N   1 
ATOM   301 C  CA  . LYS A 1 58 ? 0.245   3.201   7.578   1.00 20.84 ? 189 LYS A CA  1 
ATOM   302 C  C   . LYS A 1 58 ? 0.826   4.384   8.372   1.00 21.01 ? 189 LYS A C   1 
ATOM   303 O  O   . LYS A 1 58 ? 0.413   5.540   8.158   1.00 23.28 ? 189 LYS A O   1 
ATOM   304 C  CB  . LYS A 1 58 ? -0.969  2.593   8.285   1.00 25.52 ? 189 LYS A CB  1 
ATOM   305 C  CG  . LYS A 1 58 ? -2.051  3.578   8.693   1.00 31.25 ? 189 LYS A CG  1 
ATOM   306 C  CD  . LYS A 1 58 ? -3.395  2.918   8.947   1.00 36.07 ? 189 LYS A CD  1 
ATOM   307 C  CE  . LYS A 1 58 ? -4.564  3.862   8.769   1.00 38.86 ? 189 LYS A CE  1 
ATOM   308 N  NZ  . LYS A 1 58 ? -4.649  4.394   7.386   1.00 36.94 ? 189 LYS A NZ  1 
ATOM   309 N  N   . ASP A 1 59 ? 1.767   4.112   9.279   1.00 20.26 ? 190 ASP A N   1 
ATOM   310 C  CA  . ASP A 1 59 ? 2.322   5.115   10.181  1.00 23.37 ? 190 ASP A CA  1 
ATOM   311 C  C   . ASP A 1 59 ? 3.675   5.643   9.672   1.00 21.16 ? 190 ASP A C   1 
ATOM   312 O  O   . ASP A 1 59 ? 4.338   6.385   10.376  1.00 20.67 ? 190 ASP A O   1 
ATOM   313 C  CB  . ASP A 1 59 ? 2.404   4.565   11.610  1.00 28.43 ? 190 ASP A CB  1 
ATOM   314 C  CG  . ASP A 1 59 ? 1.029   4.315   12.209  1.00 38.06 ? 190 ASP A CG  1 
ATOM   315 O  OD1 . ASP A 1 59 ? 0.133   5.166   11.988  1.00 45.79 ? 190 ASP A OD1 1 
ATOM   316 O  OD2 . ASP A 1 59 ? 0.846   3.265   12.878  1.00 47.68 ? 190 ASP A OD2 1 
ATOM   317 N  N   . HIS A 1 60 ? 4.069   5.289   8.448   1.00 18.78 ? 191 HIS A N   1 
ATOM   318 C  CA  . HIS A 1 60 ? 5.282   5.858   7.837   1.00 18.15 ? 191 HIS A CA  1 
ATOM   319 C  C   . HIS A 1 60 ? 5.114   7.374   7.651   1.00 17.59 ? 191 HIS A C   1 
ATOM   320 O  O   . HIS A 1 60 ? 4.006   7.903   7.487   1.00 16.77 ? 191 HIS A O   1 
ATOM   321 C  CB  . HIS A 1 60 ? 5.607   5.177   6.507   1.00 16.96 ? 191 HIS A CB  1 
ATOM   322 C  CG  . HIS A 1 60 ? 6.276   3.854   6.668   1.00 17.23 ? 191 HIS A CG  1 
ATOM   323 N  ND1 . HIS A 1 60 ? 6.932   3.236   5.630   1.00 16.07 ? 191 HIS A ND1 1 
ATOM   324 C  CD2 . HIS A 1 60 ? 6.419   3.057   7.755   1.00 18.07 ? 191 HIS A CD2 1 
ATOM   325 C  CE1 . HIS A 1 60 ? 7.444   2.090   6.057   1.00 16.96 ? 191 HIS A CE1 1 
ATOM   326 N  NE2 . HIS A 1 60 ? 7.136   1.957   7.373   1.00 17.54 ? 191 HIS A NE2 1 
ATOM   327 N  N   . THR A 1 61 ? 6.245   8.065   7.734   1.00 18.77 ? 192 THR A N   1 
ATOM   328 C  CA  . THR A 1 61 ? 6.327   9.486   7.518   1.00 20.12 ? 192 THR A CA  1 
ATOM   329 C  C   . THR A 1 61 ? 6.427   9.747   6.013   1.00 18.37 ? 192 THR A C   1 
ATOM   330 O  O   . THR A 1 61 ? 7.517   9.683   5.442   1.00 19.93 ? 192 THR A O   1 
ATOM   331 C  CB  . THR A 1 61 ? 7.517   10.066  8.278   1.00 20.47 ? 192 THR A CB  1 
ATOM   332 O  OG1 . THR A 1 61 ? 7.378   9.653   9.630   1.00 24.45 ? 192 THR A OG1 1 
ATOM   333 C  CG2 . THR A 1 61 ? 7.594   11.574  8.205   1.00 25.19 ? 192 THR A CG2 1 
ATOM   334 N  N   . VAL A 1 62 ? 5.272   10.017  5.392   1.00 16.34 ? 193 VAL A N   1 
ATOM   335 C  CA  . VAL A 1 62 ? 5.186   10.328  3.991   1.00 16.62 ? 193 VAL A CA  1 
ATOM   336 C  C   . VAL A 1 62 ? 5.003   11.847  3.866   1.00 16.97 ? 193 VAL A C   1 
ATOM   337 O  O   . VAL A 1 62 ? 4.083   12.439  4.459   1.00 15.56 ? 193 VAL A O   1 
ATOM   338 C  CB  . VAL A 1 62 ? 4.059   9.569   3.275   1.00 16.39 ? 193 VAL A CB  1 
ATOM   339 C  CG1 . VAL A 1 62 ? 3.952   9.985   1.803   1.00 17.38 ? 193 VAL A CG1 1 
ATOM   340 C  CG2 . VAL A 1 62 ? 4.246   8.052   3.410   1.00 17.85 ? 193 VAL A CG2 1 
ATOM   341 N  N   . ARG A 1 63 ? 5.912   12.471  3.115   1.00 17.31 ? 194 ARG A N   1 
ATOM   342 C  CA  . ARG A 1 63 ? 5.996   13.923  3.023   1.00 17.95 ? 194 ARG A CA  1 
ATOM   343 C  C   . ARG A 1 63 ? 5.750   14.322  1.572   1.00 16.27 ? 194 ARG A C   1 
ATOM   344 O  O   . ARG A 1 63 ? 6.379   13.753  0.684   1.00 17.90 ? 194 ARG A O   1 
ATOM   345 C  CB  . ARG A 1 63 ? 7.401   14.374  3.418   1.00 20.78 ? 194 ARG A CB  1 
ATOM   346 C  CG  . ARG A 1 63 ? 7.714   14.180  4.889   1.00 24.18 ? 194 ARG A CG  1 
ATOM   347 C  CD  . ARG A 1 63 ? 9.162   14.456  5.192   1.00 27.93 ? 194 ARG A CD  1 
ATOM   348 N  NE  . ARG A 1 63 ? 9.383   14.484  6.624   1.00 29.81 ? 194 ARG A NE  1 
ATOM   349 C  CZ  . ARG A 1 63 ? 10.578  14.449  7.194   1.00 31.35 ? 194 ARG A CZ  1 
ATOM   350 N  NH1 . ARG A 1 63 ? 11.662  14.310  6.445   1.00 33.09 ? 194 ARG A NH1 1 
ATOM   351 N  NH2 . ARG A 1 63 ? 10.680  14.544  8.507   1.00 34.85 ? 194 ARG A NH2 1 
ATOM   352 N  N   . SER A 1 64 ? 4.840   15.273  1.329   1.00 16.52 ? 195 SER A N   1 
ATOM   353 C  CA  A SER A 1 64 ? 4.645   15.839  -0.007  0.50 18.12 ? 195 SER A CA  1 
ATOM   354 C  CA  B SER A 1 64 ? 4.653   15.819  -0.010  0.50 18.00 ? 195 SER A CA  1 
ATOM   355 C  C   . SER A 1 64 ? 5.893   16.636  -0.393  1.00 18.27 ? 195 SER A C   1 
ATOM   356 O  O   . SER A 1 64 ? 6.504   17.266  0.452   1.00 18.64 ? 195 SER A O   1 
ATOM   357 C  CB  A SER A 1 64 ? 3.413   16.710  -0.068  0.50 19.58 ? 195 SER A CB  1 
ATOM   358 C  CB  B SER A 1 64 ? 3.413   16.658  -0.084  0.50 19.25 ? 195 SER A CB  1 
ATOM   359 O  OG  A SER A 1 64 ? 3.471   17.616  -1.167  0.50 21.49 ? 195 SER A OG  1 
ATOM   360 O  OG  B SER A 1 64 ? 3.558   17.823  0.712   0.50 22.66 ? 195 SER A OG  1 
ATOM   361 N  N   . THR A 1 65 ? 6.256   16.591  -1.675  1.00 19.90 ? 196 THR A N   1 
ATOM   362 C  CA  . THR A 1 65 ? 7.408   17.324  -2.151  1.00 22.24 ? 196 THR A CA  1 
ATOM   363 C  C   . THR A 1 65 ? 6.895   18.513  -2.963  1.00 30.19 ? 196 THR A C   1 
ATOM   364 O  O   . THR A 1 65 ? 7.683   19.394  -3.183  1.00 40.99 ? 196 THR A O   1 
ATOM   365 C  CB  . THR A 1 65 ? 8.363   16.435  -2.956  1.00 25.93 ? 196 THR A CB  1 
ATOM   366 O  OG1 . THR A 1 65 ? 7.622   15.869  -4.034  1.00 32.25 ? 196 THR A OG1 1 
ATOM   367 C  CG2 . THR A 1 65 ? 8.977   15.327  -2.133  1.00 29.32 ? 196 THR A CG2 1 
ATOM   368 N  N   . CYS B 1 23 ? -13.400 -5.661  6.683   1.00 43.40 ? 154 CYS B N   1 
ATOM   369 C  CA  . CYS B 1 23 ? -11.987 -5.218  6.458   1.00 39.46 ? 154 CYS B CA  1 
ATOM   370 C  C   . CYS B 1 23 ? -11.598 -4.236  7.564   1.00 39.26 ? 154 CYS B C   1 
ATOM   371 O  O   . CYS B 1 23 ? -12.338 -3.320  7.838   1.00 46.87 ? 154 CYS B O   1 
ATOM   372 C  CB  . CYS B 1 23 ? -11.811 -4.562  5.090   1.00 34.45 ? 154 CYS B CB  1 
ATOM   373 S  SG  . CYS B 1 23 ? -10.101 -4.049  4.760   1.00 31.72 ? 154 CYS B SG  1 
ATOM   374 N  N   . THR B 1 24 ? -10.435 -4.448  8.184   1.00 42.87 ? 155 THR B N   1 
ATOM   375 C  CA  . THR B 1 24 ? -9.948  -3.575  9.246   1.00 45.47 ? 155 THR B CA  1 
ATOM   376 C  C   . THR B 1 24 ? -8.641  -2.899  8.818   1.00 47.00 ? 155 THR B C   1 
ATOM   377 O  O   . THR B 1 24 ? -7.901  -2.413  9.666   1.00 60.33 ? 155 THR B O   1 
ATOM   378 C  CB  . THR B 1 24 ? -9.756  -4.354  10.554  1.00 54.54 ? 155 THR B CB  1 
ATOM   379 N  N   . SER B 1 25 ? -8.362  -2.865  7.513   1.00 42.65 ? 156 SER B N   1 
ATOM   380 C  CA  . SER B 1 25 ? -7.193  -2.154  6.998   1.00 44.02 ? 156 SER B CA  1 
ATOM   381 C  C   . SER B 1 25 ? -7.601  -0.776  6.463   1.00 48.77 ? 156 SER B C   1 
ATOM   382 O  O   . SER B 1 25 ? -6.727  0.040   6.168   1.00 49.64 ? 156 SER B O   1 
ATOM   383 C  CB  . SER B 1 25 ? -6.465  -2.972  5.962   1.00 45.99 ? 156 SER B CB  1 
ATOM   384 O  OG  . SER B 1 25 ? -5.502  -3.814  6.576   1.00 46.15 ? 156 SER B OG  1 
ATOM   385 N  N   . CYS B 1 26 ? -8.913  -0.532  6.344   1.00 47.07 ? 157 CYS B N   1 
ATOM   386 C  CA  . CYS B 1 26 ? -9.433  0.748   5.880   1.00 41.89 ? 157 CYS B CA  1 
ATOM   387 C  C   . CYS B 1 26 ? -10.732 1.071   6.630   1.00 42.23 ? 157 CYS B C   1 
ATOM   388 O  O   . CYS B 1 26 ? -11.194 0.268   7.433   1.00 44.24 ? 157 CYS B O   1 
ATOM   389 C  CB  . CYS B 1 26 ? -9.652  0.749   4.368   1.00 36.81 ? 157 CYS B CB  1 
ATOM   390 S  SG  . CYS B 1 26 ? -11.051 -0.261  3.813   1.00 32.91 ? 157 CYS B SG  1 
ATOM   391 N  N   . GLU B 1 27 ? -11.281 2.265   6.380   1.00 42.76 ? 158 GLU B N   1 
ATOM   392 C  CA  . GLU B 1 27 ? -12.526 2.716   7.025   1.00 44.39 ? 158 GLU B CA  1 
ATOM   393 C  C   . GLU B 1 27 ? -13.622 2.918   5.967   1.00 40.01 ? 158 GLU B C   1 
ATOM   394 O  O   . GLU B 1 27 ? -14.584 3.664   6.203   1.00 40.52 ? 158 GLU B O   1 
ATOM   395 C  CB  . GLU B 1 27 ? -12.293 3.998   7.835   1.00 55.40 ? 158 GLU B CB  1 
ATOM   396 N  N   . ASP B 1 28 ? -13.523 2.202   4.839   1.00 35.93 ? 159 ASP B N   1 
ATOM   397 C  CA  . ASP B 1 28 ? -14.529 2.262   3.757   1.00 36.36 ? 159 ASP B CA  1 
ATOM   398 C  C   . ASP B 1 28 ? -15.787 1.468   4.162   1.00 40.20 ? 159 ASP B C   1 
ATOM   399 O  O   . ASP B 1 28 ? -16.768 1.424   3.412   1.00 45.55 ? 159 ASP B O   1 
ATOM   400 C  CB  . ASP B 1 28 ? -13.991 1.724   2.423   1.00 34.35 ? 159 ASP B CB  1 
ATOM   401 C  CG  . ASP B 1 28 ? -12.837 2.503   1.791   1.00 37.52 ? 159 ASP B CG  1 
ATOM   402 O  OD1 . ASP B 1 28 ? -12.491 3.588   2.301   1.00 39.82 ? 159 ASP B OD1 1 
ATOM   403 O  OD2 . ASP B 1 28 ? -12.280 2.011   0.783   1.00 34.83 ? 159 ASP B OD2 1 
ATOM   404 N  N   . ASN B 1 29 ? -15.764 0.857   5.357   1.00 41.52 ? 160 ASN B N   1 
ATOM   405 C  CA  . ASN B 1 29 ? -16.819 -0.034  5.846   1.00 47.63 ? 160 ASN B CA  1 
ATOM   406 C  C   . ASN B 1 29 ? -17.169 -1.030  4.734   1.00 48.74 ? 160 ASN B C   1 
ATOM   407 O  O   . ASN B 1 29 ? -18.335 -1.251  4.450   1.00 61.17 ? 160 ASN B O   1 
ATOM   408 C  CB  . ASN B 1 29 ? -18.050 0.739   6.331   1.00 51.55 ? 160 ASN B CB  1 
ATOM   409 N  N   . ALA B 1 30 ? -16.138 -1.607  4.111   1.00 47.31 ? 161 ALA B N   1 
ATOM   410 C  CA  . ALA B 1 30 ? -16.310 -2.459  2.941   1.00 47.43 ? 161 ALA B CA  1 
ATOM   411 C  C   . ALA B 1 30 ? -16.290 -3.906  3.405   1.00 47.61 ? 161 ALA B C   1 
ATOM   412 O  O   . ALA B 1 30 ? -15.592 -4.239  4.363   1.00 42.52 ? 161 ALA B O   1 
ATOM   413 C  CB  . ALA B 1 30 ? -15.238 -2.191  1.909   1.00 48.28 ? 161 ALA B CB  1 
ATOM   414 N  N   . PRO B 1 31 ? -17.044 -4.808  2.742   1.00 46.49 ? 162 PRO B N   1 
ATOM   415 C  CA  . PRO B 1 31 ? -16.993 -6.226  3.083   1.00 43.99 ? 162 PRO B CA  1 
ATOM   416 C  C   . PRO B 1 31 ? -15.617 -6.785  2.703   1.00 41.72 ? 162 PRO B C   1 
ATOM   417 O  O   . PRO B 1 31 ? -15.105 -6.468  1.629   1.00 42.83 ? 162 PRO B O   1 
ATOM   418 C  CB  . PRO B 1 31 ? -18.103 -6.859  2.235   1.00 45.78 ? 162 PRO B CB  1 
ATOM   419 C  CG  . PRO B 1 31 ? -18.259 -5.914  1.063   1.00 50.45 ? 162 PRO B CG  1 
ATOM   420 C  CD  . PRO B 1 31 ? -17.963 -4.535  1.623   1.00 51.57 ? 162 PRO B CD  1 
ATOM   421 N  N   . ALA B 1 32 ? -15.043 -7.594  3.598   1.00 41.08 ? 163 ALA B N   1 
ATOM   422 C  CA  . ALA B 1 32 ? -13.854 -8.368  3.309   1.00 33.98 ? 163 ALA B CA  1 
ATOM   423 C  C   . ALA B 1 32 ? -14.218 -9.483  2.326   1.00 35.33 ? 163 ALA B C   1 
ATOM   424 O  O   . ALA B 1 32 ? -15.162 -10.229 2.578   1.00 42.79 ? 163 ALA B O   1 
ATOM   425 C  CB  . ALA B 1 32 ? -13.307 -8.923  4.592   1.00 35.65 ? 163 ALA B CB  1 
ATOM   426 N  N   . THR B 1 33 ? -13.499 -9.538  1.199   1.00 33.67 ? 164 THR B N   1 
ATOM   427 C  CA  . THR B 1 33 ? -13.688 -10.533 0.155   1.00 35.23 ? 164 THR B CA  1 
ATOM   428 C  C   . THR B 1 33 ? -12.429 -11.390 0.013   1.00 31.16 ? 164 THR B C   1 
ATOM   429 O  O   . THR B 1 33 ? -12.414 -12.328 -0.779  1.00 31.51 ? 164 THR B O   1 
ATOM   430 C  CB  . THR B 1 33 ? -14.001 -9.883  -1.198  1.00 40.42 ? 164 THR B CB  1 
ATOM   431 O  OG1 . THR B 1 33 ? -13.035 -8.844  -1.375  1.00 45.49 ? 164 THR B OG1 1 
ATOM   432 C  CG2 . THR B 1 33 ? -15.412 -9.343  -1.278  1.00 45.76 ? 164 THR B CG2 1 
ATOM   433 N  N   . SER B 1 34 ? -11.390 -11.064 0.792   1.00 30.22 ? 165 SER B N   1 
ATOM   434 C  CA  . SER B 1 34 ? -10.143 -11.828 0.811   1.00 26.63 ? 165 SER B CA  1 
ATOM   435 C  C   . SER B 1 34 ? -9.585  -11.925 2.237   1.00 25.64 ? 165 SER B C   1 
ATOM   436 O  O   . SER B 1 34 ? -10.059 -11.273 3.159   1.00 27.45 ? 165 SER B O   1 
ATOM   437 C  CB  . SER B 1 34 ? -9.143  -11.206 -0.112  1.00 26.51 ? 165 SER B CB  1 
ATOM   438 O  OG  . SER B 1 34 ? -9.566  -11.263 -1.468  1.00 29.40 ? 165 SER B OG  1 
ATOM   439 N  N   . TYR B 1 35 ? -8.576  -12.777 2.399   1.00 24.50 ? 166 TYR B N   1 
ATOM   440 C  CA  . TYR B 1 35 ? -7.907  -12.985 3.660   1.00 24.17 ? 166 TYR B CA  1 
ATOM   441 C  C   . TYR B 1 35 ? -6.404  -13.140 3.391   1.00 24.15 ? 166 TYR B C   1 
ATOM   442 O  O   . TYR B 1 35 ? -6.013  -13.922 2.521   1.00 23.38 ? 166 TYR B O   1 
ATOM   443 C  CB  . TYR B 1 35 ? -8.498  -14.225 4.335   1.00 24.80 ? 166 TYR B CB  1 
ATOM   444 C  CG  . TYR B 1 35 ? -7.811  -14.650 5.604   1.00 25.73 ? 166 TYR B CG  1 
ATOM   445 C  CD1 . TYR B 1 35 ? -8.131  -14.082 6.829   1.00 28.53 ? 166 TYR B CD1 1 
ATOM   446 C  CD2 . TYR B 1 35 ? -6.848  -15.649 5.582   1.00 27.15 ? 166 TYR B CD2 1 
ATOM   447 C  CE1 . TYR B 1 35 ? -7.494  -14.478 7.997   1.00 29.94 ? 166 TYR B CE1 1 
ATOM   448 C  CE2 . TYR B 1 35 ? -6.183  -16.034 6.735   1.00 32.30 ? 166 TYR B CE2 1 
ATOM   449 C  CZ  . TYR B 1 35 ? -6.530  -15.470 7.950   1.00 31.39 ? 166 TYR B CZ  1 
ATOM   450 O  OH  . TYR B 1 35 ? -5.906  -15.868 9.098   1.00 38.54 ? 166 TYR B OH  1 
ATOM   451 N  N   . CYS B 1 36 ? -5.574  -12.382 4.111   1.00 22.90 ? 167 CYS B N   1 
ATOM   452 C  CA  . CYS B 1 36 ? -4.138  -12.540 4.025   1.00 22.04 ? 167 CYS B CA  1 
ATOM   453 C  C   . CYS B 1 36 ? -3.647  -13.475 5.137   1.00 21.83 ? 167 CYS B C   1 
ATOM   454 O  O   . CYS B 1 36 ? -3.871  -13.213 6.309   1.00 23.28 ? 167 CYS B O   1 
ATOM   455 C  CB  . CYS B 1 36 ? -3.411  -11.214 4.174   1.00 21.50 ? 167 CYS B CB  1 
ATOM   456 S  SG  . CYS B 1 36 ? -1.617  -11.456 4.180   1.00 21.00 ? 167 CYS B SG  1 
ATOM   457 N  N   . VAL B 1 37 ? -2.938  -14.533 4.735   1.00 25.44 ? 168 VAL B N   1 
ATOM   458 C  CA  . VAL B 1 37 ? -2.491  -15.586 5.625   1.00 28.55 ? 168 VAL B CA  1 
ATOM   459 C  C   . VAL B 1 37 ? -1.439  -15.027 6.585   1.00 28.24 ? 168 VAL B C   1 
ATOM   460 O  O   . VAL B 1 37 ? -1.553  -15.242 7.793   1.00 28.49 ? 168 VAL B O   1 
ATOM   461 C  CB  . VAL B 1 37 ? -1.935  -16.782 4.831   1.00 32.74 ? 168 VAL B CB  1 
ATOM   462 C  CG1 . VAL B 1 37 ? -1.363  -17.854 5.746   1.00 35.00 ? 168 VAL B CG1 1 
ATOM   463 C  CG2 . VAL B 1 37 ? -2.982  -17.374 3.902   1.00 35.36 ? 168 VAL B CG2 1 
ATOM   464 N  N   . GLU B 1 38 ? -0.438  -14.302 6.051   1.00 29.77 ? 169 GLU B N   1 
ATOM   465 C  CA  . GLU B 1 38 ? 0.689   -13.834 6.860   1.00 28.58 ? 169 GLU B CA  1 
ATOM   466 C  C   . GLU B 1 38 ? 0.198   -12.823 7.900   1.00 27.73 ? 169 GLU B C   1 
ATOM   467 O  O   . GLU B 1 38 ? 0.646   -12.852 9.052   1.00 28.55 ? 169 GLU B O   1 
ATOM   468 C  CB  . GLU B 1 38 ? 1.798   -13.207 6.005   1.00 30.99 ? 169 GLU B CB  1 
ATOM   469 C  CG  . GLU B 1 38 ? 2.626   -14.226 5.244   1.00 34.22 ? 169 GLU B CG  1 
ATOM   470 C  CD  . GLU B 1 38 ? 1.993   -14.720 3.955   1.00 37.00 ? 169 GLU B CD  1 
ATOM   471 O  OE1 . GLU B 1 38 ? 0.906   -14.222 3.609   1.00 37.06 ? 169 GLU B OE1 1 
ATOM   472 O  OE2 . GLU B 1 38 ? 2.594   -15.591 3.294   1.00 46.75 ? 169 GLU B OE2 1 
ATOM   473 N  N   . CYS B 1 39 ? -0.711  -11.934 7.479   1.00 24.65 ? 170 CYS B N   1 
ATOM   474 C  CA  . CYS B 1 39 ? -1.256  -10.905 8.355   1.00 29.77 ? 170 CYS B CA  1 
ATOM   475 C  C   . CYS B 1 39 ? -2.383  -11.461 9.239   1.00 29.84 ? 170 CYS B C   1 
ATOM   476 O  O   . CYS B 1 39 ? -2.723  -10.839 10.239  1.00 31.56 ? 170 CYS B O   1 
ATOM   477 C  CB  . CYS B 1 39 ? -1.812  -9.738  7.549   1.00 28.45 ? 170 CYS B CB  1 
ATOM   478 S  SG  . CYS B 1 39 ? -0.563  -8.818  6.614   1.00 25.81 ? 170 CYS B SG  1 
ATOM   479 N  N   . SER B 1 40 ? -2.979  -12.596 8.840   1.00 29.64 ? 171 SER B N   1 
ATOM   480 C  CA  . SER B 1 40 ? -4.198  -13.127 9.448   1.00 31.43 ? 171 SER B CA  1 
ATOM   481 C  C   . SER B 1 40 ? -5.266  -12.027 9.528   1.00 33.33 ? 171 SER B C   1 
ATOM   482 O  O   . SER B 1 40 ? -5.808  -11.736 10.601  1.00 34.79 ? 171 SER B O   1 
ATOM   483 C  CB  . SER B 1 40 ? -3.909  -13.736 10.795  1.00 32.49 ? 171 SER B CB  1 
ATOM   484 O  OG  . SER B 1 40 ? -3.092  -14.886 10.651  1.00 41.94 ? 171 SER B OG  1 
ATOM   485 N  N   . GLU B 1 41 ? -5.560  -11.428 8.365   1.00 33.18 ? 172 GLU B N   1 
ATOM   486 C  CA  . GLU B 1 41 ? -6.459  -10.276 8.265   1.00 33.81 ? 172 GLU B CA  1 
ATOM   487 C  C   . GLU B 1 41 ? -7.400  -10.442 7.078   1.00 31.27 ? 172 GLU B C   1 
ATOM   488 O  O   . GLU B 1 41 ? -6.951  -10.690 5.959   1.00 25.81 ? 172 GLU B O   1 
ATOM   489 C  CB  . GLU B 1 41 ? -5.674  -8.983  8.048   1.00 39.56 ? 172 GLU B CB  1 
ATOM   490 C  CG  . GLU B 1 41 ? -5.090  -8.397  9.319   1.00 49.19 ? 172 GLU B CG  1 
ATOM   491 C  CD  . GLU B 1 41 ? -5.992  -7.401  10.023  1.00 57.70 ? 172 GLU B CD  1 
ATOM   492 O  OE1 . GLU B 1 41 ? -5.449  -6.441  10.607  1.00 64.64 ? 172 GLU B OE1 1 
ATOM   493 O  OE2 . GLU B 1 41 ? -7.230  -7.586  9.994   1.00 70.74 ? 172 GLU B OE2 1 
ATOM   494 N  N   . PRO B 1 42 ? -8.723  -10.253 7.273   1.00 30.70 ? 173 PRO B N   1 
ATOM   495 C  CA  . PRO B 1 42 ? -9.644  -10.091 6.153   1.00 28.80 ? 173 PRO B CA  1 
ATOM   496 C  C   . PRO B 1 42 ? -9.413  -8.709  5.520   1.00 26.59 ? 173 PRO B C   1 
ATOM   497 O  O   . PRO B 1 42 ? -9.196  -7.752  6.240   1.00 28.65 ? 173 PRO B O   1 
ATOM   498 C  CB  . PRO B 1 42 ? -11.049 -10.176 6.773   1.00 29.56 ? 173 PRO B CB  1 
ATOM   499 C  CG  . PRO B 1 42 ? -10.832 -10.568 8.228   1.00 33.22 ? 173 PRO B CG  1 
ATOM   500 C  CD  . PRO B 1 42 ? -9.406  -10.192 8.572   1.00 32.59 ? 173 PRO B CD  1 
ATOM   501 N  N   . LEU B 1 43 ? -9.484  -8.641  4.187   1.00 24.79 ? 174 LEU B N   1 
ATOM   502 C  CA  . LEU B 1 43 ? -9.241  -7.426  3.416   1.00 25.54 ? 174 LEU B CA  1 
ATOM   503 C  C   . LEU B 1 43 ? -10.359 -7.242  2.381   1.00 26.80 ? 174 LEU B C   1 
ATOM   504 O  O   . LEU B 1 43 ? -10.829 -8.212  1.788   1.00 27.97 ? 174 LEU B O   1 
ATOM   505 C  CB  . LEU B 1 43 ? -7.896  -7.572  2.693   1.00 26.06 ? 174 LEU B CB  1 
ATOM   506 C  CG  . LEU B 1 43 ? -6.662  -7.725  3.575   1.00 27.10 ? 174 LEU B CG  1 
ATOM   507 C  CD1 . LEU B 1 43 ? -5.437  -8.024  2.724   1.00 28.09 ? 174 LEU B CD1 1 
ATOM   508 C  CD2 . LEU B 1 43 ? -6.444  -6.488  4.438   1.00 29.36 ? 174 LEU B CD2 1 
ATOM   509 N  N   . CYS B 1 44 ? -10.746 -5.987  2.134   1.00 27.31 ? 175 CYS B N   1 
ATOM   510 C  CA  . CYS B 1 44 ? -11.592 -5.606  0.994   1.00 25.35 ? 175 CYS B CA  1 
ATOM   511 C  C   . CYS B 1 44 ? -10.740 -5.606  -0.281  1.00 23.65 ? 175 CYS B C   1 
ATOM   512 O  O   . CYS B 1 44 ? -9.502  -5.690  -0.212  1.00 25.19 ? 175 CYS B O   1 
ATOM   513 C  CB  . CYS B 1 44 ? -12.253 -4.249  1.219   1.00 28.08 ? 175 CYS B CB  1 
ATOM   514 S  SG  . CYS B 1 44 ? -11.101 -2.843  1.223   1.00 28.20 ? 175 CYS B SG  1 
ATOM   515 N  N   . GLU B 1 45 ? -11.399 -5.514  -1.440  1.00 25.10 ? 176 GLU B N   1 
ATOM   516 C  CA  . GLU B 1 45 ? -10.683 -5.542  -2.726  1.00 29.76 ? 176 GLU B CA  1 
ATOM   517 C  C   . GLU B 1 45 ? -9.700  -4.358  -2.825  1.00 28.50 ? 176 GLU B C   1 
ATOM   518 O  O   . GLU B 1 45 ? -8.598  -4.527  -3.335  1.00 28.89 ? 176 GLU B O   1 
ATOM   519 C  CB  . GLU B 1 45 ? -11.666 -5.548  -3.897  1.00 33.33 ? 176 GLU B CB  1 
ATOM   520 C  CG  . GLU B 1 45 ? -10.996 -5.700  -5.259  1.00 40.92 ? 176 GLU B CG  1 
ATOM   521 C  CD  . GLU B 1 45 ? -9.995  -6.844  -5.409  1.00 49.66 ? 176 GLU B CD  1 
ATOM   522 O  OE1 . GLU B 1 45 ? -8.859  -6.579  -5.880  1.00 57.89 ? 176 GLU B OE1 1 
ATOM   523 O  OE2 . GLU B 1 45 ? -10.350 -8.004  -5.073  1.00 53.58 ? 176 GLU B OE2 1 
ATOM   524 N  N   . THR B 1 46 ? -10.082 -3.173  -2.341  1.00 26.12 ? 177 THR B N   1 
ATOM   525 C  CA  . THR B 1 46 ? -9.174  -2.000  -2.396  1.00 25.88 ? 177 THR B CA  1 
ATOM   526 C  C   . THR B 1 46 ? -7.894  -2.276  -1.587  1.00 25.09 ? 177 THR B C   1 
ATOM   527 O  O   . THR B 1 46 ? -6.775  -1.973  -2.015  1.00 25.96 ? 177 THR B O   1 
ATOM   528 C  CB  . THR B 1 46 ? -9.885  -0.731  -1.912  1.00 28.95 ? 177 THR B CB  1 
ATOM   529 O  OG1 . THR B 1 46 ? -11.088 -0.613  -2.668  1.00 32.04 ? 177 THR B OG1 1 
ATOM   530 C  CG2 . THR B 1 46 ? -9.062  0.527   -2.071  1.00 29.64 ? 177 THR B CG2 1 
ATOM   531 N  N   . CYS B 1 47 ? -8.059  -2.845  -0.392  1.00 23.06 ? 178 CYS B N   1 
ATOM   532 C  CA  . CYS B 1 47 ? -6.930  -3.139  0.472   1.00 22.65 ? 178 CYS B CA  1 
ATOM   533 C  C   . CYS B 1 47 ? -6.113  -4.319  -0.067  1.00 21.86 ? 178 CYS B C   1 
ATOM   534 O  O   . CYS B 1 47 ? -4.915  -4.359  0.151   1.00 20.92 ? 178 CYS B O   1 
ATOM   535 C  CB  . CYS B 1 47 ? -7.387  -3.365  1.903   1.00 24.11 ? 178 CYS B CB  1 
ATOM   536 S  SG  . CYS B 1 47 ? -7.960  -1.823  2.656   1.00 26.36 ? 178 CYS B SG  1 
ATOM   537 N  N   . VAL B 1 48 ? -6.737  -5.258  -0.789  1.00 21.57 ? 179 VAL B N   1 
ATOM   538 C  CA  . VAL B 1 48 ? -5.973  -6.313  -1.458  1.00 23.78 ? 179 VAL B CA  1 
ATOM   539 C  C   . VAL B 1 48 ? -5.037  -5.667  -2.488  1.00 24.10 ? 179 VAL B C   1 
ATOM   540 O  O   . VAL B 1 48 ? -3.880  -6.011  -2.545  1.00 20.64 ? 179 VAL B O   1 
ATOM   541 C  CB  . VAL B 1 48 ? -6.868  -7.376  -2.118  1.00 26.17 ? 179 VAL B CB  1 
ATOM   542 C  CG1 . VAL B 1 48 ? -6.077  -8.282  -3.055  1.00 25.21 ? 179 VAL B CG1 1 
ATOM   543 C  CG2 . VAL B 1 48 ? -7.608  -8.187  -1.070  1.00 26.08 ? 179 VAL B CG2 1 
ATOM   544 N  N   . GLU B 1 49 ? -5.566  -4.752  -3.302  1.00 24.56 ? 180 GLU B N   1 
ATOM   545 C  CA  . GLU B 1 49 ? -4.767  -4.075  -4.325  1.00 25.91 ? 180 GLU B CA  1 
ATOM   546 C  C   . GLU B 1 49 ? -3.613  -3.300  -3.666  1.00 21.00 ? 180 GLU B C   1 
ATOM   547 O  O   . GLU B 1 49 ? -2.482  -3.345  -4.156  1.00 22.92 ? 180 GLU B O   1 
ATOM   548 C  CB  . GLU B 1 49 ? -5.661  -3.180  -5.177  1.00 31.10 ? 180 GLU B CB  1 
ATOM   549 C  CG  . GLU B 1 49 ? -6.621  -3.974  -6.037  1.00 36.31 ? 180 GLU B CG  1 
ATOM   550 C  CD  . GLU B 1 49 ? -7.691  -3.157  -6.736  1.00 43.85 ? 180 GLU B CD  1 
ATOM   551 O  OE1 . GLU B 1 49 ? -7.556  -1.915  -6.781  1.00 53.10 ? 180 GLU B OE1 1 
ATOM   552 O  OE2 . GLU B 1 49 ? -8.676  -3.769  -7.210  1.00 54.68 ? 180 GLU B OE2 1 
ATOM   553 N  N   . ALA B 1 50 ? -3.876  -2.637  -2.537  1.00 19.10 ? 181 ALA B N   1 
ATOM   554 C  CA  . ALA B 1 50 ? -2.820  -1.921  -1.817  1.00 18.76 ? 181 ALA B CA  1 
ATOM   555 C  C   . ALA B 1 50 ? -1.762  -2.915  -1.306  1.00 18.31 ? 181 ALA B C   1 
ATOM   556 O  O   . ALA B 1 50 ? -0.576  -2.671  -1.383  1.00 18.63 ? 181 ALA B O   1 
ATOM   557 C  CB  . ALA B 1 50 ? -3.401  -1.108  -0.690  1.00 17.45 ? 181 ALA B CB  1 
ATOM   558 N  N   . HIS B 1 51 ? -2.225  -4.056  -0.782  1.00 18.39 ? 182 HIS B N   1 
ATOM   559 C  CA  . HIS B 1 51 ? -1.344  -5.096  -0.229  1.00 17.32 ? 182 HIS B CA  1 
ATOM   560 C  C   . HIS B 1 51 ? -0.358  -5.554  -1.306  1.00 18.58 ? 182 HIS B C   1 
ATOM   561 O  O   . HIS B 1 51 ? 0.812   -5.819  -1.026  1.00 20.36 ? 182 HIS B O   1 
ATOM   562 C  CB  . HIS B 1 51 ? -2.172  -6.294  0.260   1.00 17.00 ? 182 HIS B CB  1 
ATOM   563 C  CG  . HIS B 1 51 ? -1.797  -6.796  1.614   1.00 16.14 ? 182 HIS B CG  1 
ATOM   564 N  ND1 . HIS B 1 51 ? -2.067  -6.075  2.745   1.00 16.72 ? 182 HIS B ND1 1 
ATOM   565 C  CD2 . HIS B 1 51 ? -1.258  -7.968  2.024   1.00 18.47 ? 182 HIS B CD2 1 
ATOM   566 C  CE1 . HIS B 1 51 ? -1.680  -6.760  3.809   1.00 19.02 ? 182 HIS B CE1 1 
ATOM   567 N  NE2 . HIS B 1 51 ? -1.173  -7.924  3.393   1.00 18.03 ? 182 HIS B NE2 1 
ATOM   568 N  N   . GLN B 1 52 ? -0.863  -5.661  -2.542  1.00 19.86 ? 183 GLN B N   1 
ATOM   569 C  CA  . GLN B 1 52 ? -0.079  -6.146  -3.675  1.00 22.78 ? 183 GLN B CA  1 
ATOM   570 C  C   . GLN B 1 52 ? 0.926   -5.089  -4.154  1.00 22.76 ? 183 GLN B C   1 
ATOM   571 O  O   . GLN B 1 52 ? 1.925   -5.446  -4.772  1.00 25.41 ? 183 GLN B O   1 
ATOM   572 C  CB  . GLN B 1 52 ? -1.020  -6.626  -4.776  1.00 26.54 ? 183 GLN B CB  1 
ATOM   573 C  CG  . GLN B 1 52 ? -1.753  -7.901  -4.356  1.00 32.12 ? 183 GLN B CG  1 
ATOM   574 C  CD  . GLN B 1 52 ? -2.889  -8.320  -5.258  1.00 37.96 ? 183 GLN B CD  1 
ATOM   575 O  OE1 . GLN B 1 52 ? -3.408  -7.544  -6.061  1.00 44.01 ? 183 GLN B OE1 1 
ATOM   576 N  NE2 . GLN B 1 52 ? -3.302  -9.569  -5.112  1.00 42.66 ? 183 GLN B NE2 1 
ATOM   577 N  N   . ARG B 1 53 ? 0.669   -3.814  -3.856  1.00 20.56 ? 184 ARG B N   1 
ATOM   578 C  CA  . ARG B 1 53 ? 1.479   -2.673  -4.363  1.00 20.49 ? 184 ARG B CA  1 
ATOM   579 C  C   . ARG B 1 53 ? 2.594   -2.296  -3.379  1.00 19.13 ? 184 ARG B C   1 
ATOM   580 O  O   . ARG B 1 53 ? 3.655   -1.823  -3.790  1.00 21.80 ? 184 ARG B O   1 
ATOM   581 C  CB  . ARG B 1 53 ? 0.542   -1.497  -4.672  1.00 21.60 ? 184 ARG B CB  1 
ATOM   582 C  CG  . ARG B 1 53 ? 1.250   -0.221  -5.107  1.00 24.53 ? 184 ARG B CG  1 
ATOM   583 C  CD  . ARG B 1 53 ? 0.271   0.852   -5.499  1.00 24.42 ? 184 ARG B CD  1 
ATOM   584 N  NE  . ARG B 1 53 ? -0.249  0.559   -6.818  1.00 30.02 ? 184 ARG B NE  1 
ATOM   585 C  CZ  . ARG B 1 53 ? 0.261   1.035   -7.947  1.00 27.71 ? 184 ARG B CZ  1 
ATOM   586 N  NH1 . ARG B 1 53 ? 1.238   1.925   -7.920  1.00 30.77 ? 184 ARG B NH1 1 
ATOM   587 N  NH2 . ARG B 1 53 ? -0.223  0.626   -9.097  1.00 27.47 ? 184 ARG B NH2 1 
ATOM   588 N  N   . VAL B 1 54 ? 2.394   -2.563  -2.085  1.00 16.64 ? 185 VAL B N   1 
ATOM   589 C  CA  . VAL B 1 54 ? 3.375   -2.220  -1.066  1.00 17.58 ? 185 VAL B CA  1 
ATOM   590 C  C   . VAL B 1 54 ? 4.443   -3.321  -1.022  1.00 18.71 ? 185 VAL B C   1 
ATOM   591 O  O   . VAL B 1 54 ? 4.131   -4.493  -0.934  1.00 18.57 ? 185 VAL B O   1 
ATOM   592 C  CB  . VAL B 1 54 ? 2.702   -1.999  0.302   1.00 17.39 ? 185 VAL B CB  1 
ATOM   593 C  CG1 . VAL B 1 54 ? 3.702   -1.914  1.443   1.00 18.37 ? 185 VAL B CG1 1 
ATOM   594 C  CG2 . VAL B 1 54 ? 1.830   -0.753  0.281   1.00 18.64 ? 185 VAL B CG2 1 
ATOM   595 N  N   . LYS B 1 55 ? 5.714   -2.931  -1.115  1.00 19.07 ? 186 LYS B N   1 
ATOM   596 C  CA  . LYS B 1 55 ? 6.768   -3.930  -1.335  1.00 19.57 ? 186 LYS B CA  1 
ATOM   597 C  C   . LYS B 1 55 ? 6.817   -4.952  -0.186  1.00 17.67 ? 186 LYS B C   1 
ATOM   598 O  O   . LYS B 1 55 ? 7.077   -6.113  -0.443  1.00 20.34 ? 186 LYS B O   1 
ATOM   599 C  CB  . LYS B 1 55 ? 8.121   -3.246  -1.493  1.00 22.68 ? 186 LYS B CB  1 
ATOM   600 C  CG  . LYS B 1 55 ? 8.587   -2.526  -0.252  1.00 25.52 ? 186 LYS B CG  1 
ATOM   601 C  CD  . LYS B 1 55 ? 9.785   -1.664  -0.507  1.00 33.60 ? 186 LYS B CD  1 
ATOM   602 C  CE  . LYS B 1 55 ? 11.054  -2.333  -0.057  1.00 36.83 ? 186 LYS B CE  1 
ATOM   603 N  NZ  . LYS B 1 55 ? 12.164  -1.358  -0.074  1.00 49.00 ? 186 LYS B NZ  1 
ATOM   604 N  N   . TYR B 1 56 ? 6.564   -4.525  1.060   1.00 16.31 ? 187 TYR B N   1 
ATOM   605 C  CA  . TYR B 1 56 ? 6.726   -5.430  2.218   1.00 15.80 ? 187 TYR B CA  1 
ATOM   606 C  C   . TYR B 1 56 ? 5.646   -6.522  2.222   1.00 17.03 ? 187 TYR B C   1 
ATOM   607 O  O   . TYR B 1 56 ? 5.864   -7.604  2.813   1.00 18.87 ? 187 TYR B O   1 
ATOM   608 C  CB  . TYR B 1 56 ? 6.729   -4.680  3.549   1.00 14.93 ? 187 TYR B CB  1 
ATOM   609 C  CG  . TYR B 1 56 ? 7.714   -3.537  3.610   1.00 17.17 ? 187 TYR B CG  1 
ATOM   610 C  CD1 . TYR B 1 56 ? 9.079   -3.732  3.738   1.00 17.63 ? 187 TYR B CD1 1 
ATOM   611 C  CD2 . TYR B 1 56 ? 7.254   -2.243  3.480   1.00 18.78 ? 187 TYR B CD2 1 
ATOM   612 C  CE1 . TYR B 1 56 ? 9.957   -2.659  3.762   1.00 20.20 ? 187 TYR B CE1 1 
ATOM   613 C  CE2 . TYR B 1 56 ? 8.109   -1.165  3.512   1.00 20.67 ? 187 TYR B CE2 1 
ATOM   614 C  CZ  . TYR B 1 56 ? 9.464   -1.371  3.655   1.00 21.51 ? 187 TYR B CZ  1 
ATOM   615 O  OH  . TYR B 1 56 ? 10.280  -0.276  3.692   1.00 27.30 ? 187 TYR B OH  1 
ATOM   616 N  N   . THR B 1 57 ? 4.504   -6.258  1.583   1.00 17.25 ? 188 THR B N   1 
ATOM   617 C  CA  . THR B 1 57 ? 3.358   -7.176  1.627   1.00 17.41 ? 188 THR B CA  1 
ATOM   618 C  C   . THR B 1 57 ? 3.062   -7.817  0.265   1.00 18.47 ? 188 THR B C   1 
ATOM   619 O  O   . THR B 1 57 ? 2.165   -8.695  0.168   1.00 18.27 ? 188 THR B O   1 
ATOM   620 C  CB  . THR B 1 57 ? 2.113   -6.456  2.157   1.00 18.86 ? 188 THR B CB  1 
ATOM   621 O  OG1 . THR B 1 57 ? 1.894   -5.260  1.411   1.00 18.73 ? 188 THR B OG1 1 
ATOM   622 C  CG2 . THR B 1 57 ? 2.231   -6.119  3.629   1.00 18.90 ? 188 THR B CG2 1 
ATOM   623 N  N   . LYS B 1 58 ? 3.797   -7.432  -0.789  1.00 21.07 ? 189 LYS B N   1 
ATOM   624 C  CA  . LYS B 1 58 ? 3.430   -7.842  -2.147  1.00 23.23 ? 189 LYS B CA  1 
ATOM   625 C  C   . LYS B 1 58 ? 3.501   -9.369  -2.316  1.00 23.30 ? 189 LYS B C   1 
ATOM   626 O  O   . LYS B 1 58 ? 2.834   -9.897  -3.182  1.00 23.81 ? 189 LYS B O   1 
ATOM   627 C  CB  . LYS B 1 58 ? 4.278   -7.101  -3.187  1.00 28.01 ? 189 LYS B CB  1 
ATOM   628 C  CG  . LYS B 1 58 ? 5.720   -7.546  -3.332  1.00 34.40 ? 189 LYS B CG  1 
ATOM   629 C  CD  . LYS B 1 58 ? 6.464   -6.720  -4.381  1.00 40.48 ? 189 LYS B CD  1 
ATOM   630 C  CE  . LYS B 1 58 ? 7.969   -6.751  -4.210  1.00 48.57 ? 189 LYS B CE  1 
ATOM   631 N  NZ  . LYS B 1 58 ? 8.509   -8.119  -4.403  1.00 54.61 ? 189 LYS B NZ  1 
ATOM   632 N  N   . ASP B 1 59 ? 4.299   -10.068 -1.498  1.00 24.79 ? 190 ASP B N   1 
ATOM   633 C  CA  . ASP B 1 59 ? 4.502   -11.518 -1.628  1.00 26.82 ? 190 ASP B CA  1 
ATOM   634 C  C   . ASP B 1 59 ? 3.602   -12.284 -0.642  1.00 24.19 ? 190 ASP B C   1 
ATOM   635 O  O   . ASP B 1 59 ? 3.693   -13.491 -0.558  1.00 27.37 ? 190 ASP B O   1 
ATOM   636 C  CB  . ASP B 1 59 ? 5.984   -11.878 -1.454  1.00 30.74 ? 190 ASP B CB  1 
ATOM   637 C  CG  . ASP B 1 59 ? 6.891   -11.198 -2.472  1.00 36.72 ? 190 ASP B CG  1 
ATOM   638 O  OD1 . ASP B 1 59 ? 6.494   -11.164 -3.654  1.00 39.67 ? 190 ASP B OD1 1 
ATOM   639 O  OD2 . ASP B 1 59 ? 7.990   -10.692 -2.076  1.00 39.56 ? 190 ASP B OD2 1 
ATOM   640 N  N   . HIS B 1 60 ? 2.716   -11.589 0.077   1.00 23.35 ? 191 HIS B N   1 
ATOM   641 C  CA  . HIS B 1 60 ? 1.807   -12.249 1.015   1.00 23.91 ? 191 HIS B CA  1 
ATOM   642 C  C   . HIS B 1 60 ? 0.825   -13.142 0.244   1.00 25.34 ? 191 HIS B C   1 
ATOM   643 O  O   . HIS B 1 60 ? 0.486   -12.888 -0.912  1.00 26.84 ? 191 HIS B O   1 
ATOM   644 C  CB  . HIS B 1 60 ? 1.094   -11.214 1.894   1.00 23.03 ? 191 HIS B CB  1 
ATOM   645 C  CG  . HIS B 1 60 ? 1.946   -10.693 3.003   1.00 21.71 ? 191 HIS B CG  1 
ATOM   646 N  ND1 . HIS B 1 60 ? 1.424   -9.998  4.067   1.00 19.25 ? 191 HIS B ND1 1 
ATOM   647 C  CD2 . HIS B 1 60 ? 3.280   -10.782 3.218   1.00 21.31 ? 191 HIS B CD2 1 
ATOM   648 C  CE1 . HIS B 1 60 ? 2.400   -9.681  4.896   1.00 21.69 ? 191 HIS B CE1 1 
ATOM   649 N  NE2 . HIS B 1 60 ? 3.550   -10.165 4.404   1.00 21.74 ? 191 HIS B NE2 1 
ATOM   650 N  N   . THR B 1 61 ? 0.404   -14.215 0.909   1.00 24.13 ? 192 THR B N   1 
ATOM   651 C  CA  . THR B 1 61 ? -0.583  -15.149 0.416   1.00 26.39 ? 192 THR B CA  1 
ATOM   652 C  C   . THR B 1 61 ? -1.982  -14.611 0.729   1.00 23.55 ? 192 THR B C   1 
ATOM   653 O  O   . THR B 1 61 ? -2.440  -14.662 1.870   1.00 25.89 ? 192 THR B O   1 
ATOM   654 C  CB  . THR B 1 61 ? -0.388  -16.519 1.072   1.00 29.07 ? 192 THR B CB  1 
ATOM   655 O  OG1 . THR B 1 61 ? 0.965   -16.892 0.831   1.00 31.18 ? 192 THR B OG1 1 
ATOM   656 C  CG2 . THR B 1 61 ? -1.331  -17.581 0.546   1.00 32.04 ? 192 THR B CG2 1 
ATOM   657 N  N   . VAL B 1 62 ? -2.645  -14.081 -0.296  1.00 23.21 ? 193 VAL B N   1 
ATOM   658 C  CA  . VAL B 1 62 ? -3.963  -13.514 -0.151  1.00 23.81 ? 193 VAL B CA  1 
ATOM   659 C  C   . VAL B 1 62 ? -4.938  -14.464 -0.850  1.00 26.19 ? 193 VAL B C   1 
ATOM   660 O  O   . VAL B 1 62 ? -4.788  -14.786 -2.017  1.00 28.77 ? 193 VAL B O   1 
ATOM   661 C  CB  . VAL B 1 62 ? -4.041  -12.079 -0.712  1.00 26.00 ? 193 VAL B CB  1 
ATOM   662 C  CG1 . VAL B 1 62 ? -5.441  -11.519 -0.601  1.00 27.30 ? 193 VAL B CG1 1 
ATOM   663 C  CG2 . VAL B 1 62 ? -3.043  -11.143 -0.034  1.00 26.80 ? 193 VAL B CG2 1 
ATOM   664 N  N   . ARG B 1 63 ? -5.950  -14.909 -0.110  1.00 26.50 ? 194 ARG B N   1 
ATOM   665 C  CA  A ARG B 1 63 ? -6.926  -15.881 -0.594  0.50 25.42 ? 194 ARG B CA  1 
ATOM   666 C  CA  B ARG B 1 63 ? -6.922  -15.880 -0.620  0.50 25.11 ? 194 ARG B CA  1 
ATOM   667 C  C   . ARG B 1 63 ? -8.302  -15.225 -0.713  1.00 26.12 ? 194 ARG B C   1 
ATOM   668 O  O   . ARG B 1 63 ? -8.684  -14.481 0.148   1.00 28.37 ? 194 ARG B O   1 
ATOM   669 C  CB  A ARG B 1 63 ? -7.051  -17.040 0.394   0.50 25.17 ? 194 ARG B CB  1 
ATOM   670 C  CB  B ARG B 1 63 ? -6.993  -17.115 0.285   0.50 24.38 ? 194 ARG B CB  1 
ATOM   671 C  CG  A ARG B 1 63 ? -5.766  -17.801 0.671   0.50 25.05 ? 194 ARG B CG  1 
ATOM   672 C  CG  B ARG B 1 63 ? -5.729  -17.961 0.299   0.50 23.77 ? 194 ARG B CG  1 
ATOM   673 C  CD  A ARG B 1 63 ? -6.033  -18.813 1.777   0.50 27.84 ? 194 ARG B CD  1 
ATOM   674 C  CD  B ARG B 1 63 ? -5.941  -19.334 0.928   0.50 26.55 ? 194 ARG B CD  1 
ATOM   675 N  NE  A ARG B 1 63 ? -4.860  -19.597 2.127   0.50 30.98 ? 194 ARG B NE  1 
ATOM   676 N  NE  B ARG B 1 63 ? -4.694  -19.903 1.435   0.50 29.53 ? 194 ARG B NE  1 
ATOM   677 C  CZ  A ARG B 1 63 ? -4.605  -20.070 3.347   0.50 27.16 ? 194 ARG B CZ  1 
ATOM   678 C  CZ  B ARG B 1 63 ? -3.753  -20.455 0.681   0.50 27.64 ? 194 ARG B CZ  1 
ATOM   679 N  NH1 A ARG B 1 63 ? -5.470  -19.855 4.326   0.50 28.39 ? 194 ARG B NH1 1 
ATOM   680 N  NH1 B ARG B 1 63 ? -3.925  -20.525 -0.631  0.50 28.75 ? 194 ARG B NH1 1 
ATOM   681 N  NH2 A ARG B 1 63 ? -3.463  -20.718 3.590   0.50 27.91 ? 194 ARG B NH2 1 
ATOM   682 N  NH2 B ARG B 1 63 ? -2.657  -20.952 1.241   0.50 28.30 ? 194 ARG B NH2 1 
ATOM   683 N  N   . SER B 1 64 ? -9.039  -15.556 -1.772  1.00 27.40 ? 195 SER B N   1 
ATOM   684 C  CA  A SER B 1 64 ? -10.422 -15.102 -1.926  0.50 29.33 ? 195 SER B CA  1 
ATOM   685 C  CA  B SER B 1 64 ? -10.414 -15.091 -1.910  0.50 29.49 ? 195 SER B CA  1 
ATOM   686 C  C   . SER B 1 64 ? -11.306 -15.834 -0.907  1.00 31.24 ? 195 SER B C   1 
ATOM   687 O  O   . SER B 1 64 ? -11.132 -17.030 -0.674  1.00 33.10 ? 195 SER B O   1 
ATOM   688 C  CB  A SER B 1 64 ? -10.912 -15.318 -3.333  0.50 28.97 ? 195 SER B CB  1 
ATOM   689 C  CB  B SER B 1 64 ? -10.904 -15.280 -3.312  0.50 31.99 ? 195 SER B CB  1 
ATOM   690 O  OG  A SER B 1 64 ? -12.319 -15.163 -3.389  0.50 29.20 ? 195 SER B OG  1 
ATOM   691 O  OG  B SER B 1 64 ? -11.175 -16.646 -3.545  0.50 32.36 ? 195 SER B OG  1 
ATOM   692 N  N   . THR B 1 65 ? -12.242 -15.099 -0.303  1.00 32.71 ? 196 THR B N   1 
ATOM   693 C  CA  . THR B 1 65 ? -13.267 -15.657 0.561   1.00 34.61 ? 196 THR B CA  1 
ATOM   694 C  C   . THR B 1 65 ? -14.620 -15.404 -0.106  1.00 39.42 ? 196 THR B C   1 
ATOM   695 O  O   . THR B 1 65 ? -15.581 -16.089 0.206   1.00 47.66 ? 196 THR B O   1 
ATOM   696 C  CB  . THR B 1 65 ? -13.243 -15.055 1.974   1.00 38.40 ? 196 THR B CB  1 
ATOM   697 O  OG1 . THR B 1 65 ? -13.518 -13.659 1.865   1.00 46.13 ? 196 THR B OG1 1 
ATOM   698 C  CG2 . THR B 1 65 ? -11.931 -15.248 2.702   1.00 41.03 ? 196 THR B CG2 1 
HETATM 699 ZN ZN  . ZN  C 2 .  ? 4.346   4.292   -7.470  1.00 20.83 ? 301 ZN  A ZN  1 
HETATM 700 ZN ZN  . ZN  D 2 .  ? 7.279   3.859   3.720   1.00 15.80 ? 302 ZN  A ZN  1 
HETATM 701 ZN ZN  . ZN  E 2 .  ? -10.187 -2.292  3.208   1.00 27.95 ? 301 ZN  B ZN  1 
HETATM 702 ZN ZN  . ZN  F 2 .  ? -0.524  -9.516  4.535   1.00 20.66 ? 302 ZN  B ZN  1 
HETATM 703 O  O   . HOH G 3 .  ? -3.849  10.478  -3.631  1.00 38.79 ? 401 HOH A O   1 
HETATM 704 O  O   . HOH G 3 .  ? 10.307  4.740   -5.444  1.00 42.88 ? 402 HOH A O   1 
HETATM 705 O  O   . HOH G 3 .  ? 6.444   4.429   -11.092 1.00 30.49 ? 403 HOH A O   1 
HETATM 706 O  O   . HOH G 3 .  ? 4.648   -2.071  -6.374  1.00 29.93 ? 404 HOH A O   1 
HETATM 707 O  O   . HOH G 3 .  ? 0.794   5.220   -10.319 1.00 32.29 ? 405 HOH A O   1 
HETATM 708 O  O   . HOH G 3 .  ? 11.636  3.400   -16.517 1.00 49.74 ? 406 HOH A O   1 
HETATM 709 O  O   . HOH G 3 .  ? 3.751   17.163  -3.783  1.00 35.50 ? 407 HOH A O   1 
HETATM 710 O  O   . HOH G 3 .  ? 3.112   2.064   -1.280  1.00 16.36 ? 408 HOH A O   1 
HETATM 711 O  O   . HOH G 3 .  ? 13.330  8.215   -8.857  1.00 36.79 ? 409 HOH A O   1 
HETATM 712 O  O   . HOH G 3 .  ? 1.821   10.690  -8.787  1.00 23.32 ? 410 HOH A O   1 
HETATM 713 O  O   . HOH G 3 .  ? 2.910   1.672   9.987   1.00 41.01 ? 411 HOH A O   1 
HETATM 714 O  O   . HOH G 3 .  ? 1.940   5.846   4.925   1.00 23.47 ? 412 HOH A O   1 
HETATM 715 O  O   . HOH G 3 .  ? -5.726  4.770   0.690   1.00 22.26 ? 413 HOH A O   1 
HETATM 716 O  O   . HOH G 3 .  ? 7.026   -0.131  9.317   1.00 42.91 ? 414 HOH A O   1 
HETATM 717 O  O   . HOH G 3 .  ? 0.474   -4.967  6.999   1.00 32.37 ? 415 HOH A O   1 
HETATM 718 O  O   . HOH G 3 .  ? 0.048   7.883   -9.376  1.00 43.90 ? 416 HOH A O   1 
HETATM 719 O  O   . HOH G 3 .  ? 9.037   17.511  2.165   1.00 41.27 ? 417 HOH A O   1 
HETATM 720 O  O   . HOH G 3 .  ? 15.068  5.447   -4.256  1.00 45.46 ? 418 HOH A O   1 
HETATM 721 O  O   . HOH G 3 .  ? -7.223  4.614   -1.988  1.00 40.94 ? 419 HOH A O   1 
HETATM 722 O  O   . HOH G 3 .  ? -2.694  11.053  -1.525  1.00 43.63 ? 420 HOH A O   1 
HETATM 723 O  O   . HOH G 3 .  ? -5.082  2.259   -2.381  1.00 31.78 ? 421 HOH A O   1 
HETATM 724 O  O   . HOH G 3 .  ? 8.334   1.196   -0.240  1.00 34.69 ? 422 HOH A O   1 
HETATM 725 O  O   . HOH G 3 .  ? -2.955  9.528   0.613   1.00 38.03 ? 423 HOH A O   1 
HETATM 726 O  O   . HOH G 3 .  ? -9.437  3.983   -3.344  1.00 41.38 ? 424 HOH A O   1 
HETATM 727 O  O   . HOH G 3 .  ? 2.241   -6.859  7.485   1.00 35.67 ? 425 HOH A O   1 
HETATM 728 O  O   . HOH G 3 .  ? -10.795 6.630   -4.540  1.00 55.79 ? 426 HOH A O   1 
HETATM 729 O  O   . HOH H 3 .  ? 0.295   -11.036 -2.523  1.00 42.04 ? 401 HOH B O   1 
HETATM 730 O  O   . HOH H 3 .  ? -14.304 -6.081  -0.871  1.00 42.94 ? 402 HOH B O   1 
HETATM 731 O  O   . HOH H 3 .  ? -2.944  -4.228  5.931   1.00 22.06 ? 403 HOH B O   1 
HETATM 732 O  O   . HOH H 3 .  ? -12.855 -0.445  -0.110  1.00 36.85 ? 404 HOH B O   1 
HETATM 733 O  O   . HOH H 3 .  ? -2.406  -1.000  -7.089  1.00 31.74 ? 405 HOH B O   1 
HETATM 734 O  O   . HOH H 3 .  ? -1.875  -3.566  -6.765  1.00 31.98 ? 406 HOH B O   1 
HETATM 735 O  O   . HOH H 3 .  ? -3.767  -3.973  2.773   1.00 22.37 ? 407 HOH B O   1 
HETATM 736 O  O   . HOH H 3 .  ? -12.215 2.742   -1.839  1.00 43.74 ? 408 HOH B O   1 
HETATM 737 O  O   . HOH H 3 .  ? 9.562   -7.319  -0.638  1.00 37.76 ? 409 HOH B O   1 
HETATM 738 O  O   . HOH H 3 .  ? 4.398   0.857   -3.465  1.00 22.37 ? 410 HOH B O   1 
HETATM 739 O  O   . HOH H 3 .  ? 5.883   -9.577  0.792   1.00 34.43 ? 411 HOH B O   1 
HETATM 740 O  O   . HOH H 3 .  ? -5.639  0.160   -3.543  1.00 33.21 ? 412 HOH B O   1 
HETATM 741 O  O   . HOH H 3 .  ? -0.383  -8.972  -1.138  1.00 29.03 ? 413 HOH B O   1 
HETATM 742 O  O   . HOH H 3 .  ? -13.487 -1.425  5.424   1.00 40.03 ? 414 HOH B O   1 
HETATM 743 O  O   . HOH H 3 .  ? 6.252   0.044   -1.325  1.00 26.42 ? 415 HOH B O   1 
HETATM 744 O  O   . HOH H 3 .  ? 10.837  -6.216  -2.755  1.00 46.59 ? 416 HOH B O   1 
HETATM 745 O  O   . HOH H 3 .  ? 12.868  -2.322  -3.303  1.00 40.34 ? 417 HOH B O   1 
HETATM 746 O  O   . HOH H 3 .  ? -3.435  0.342   -4.586  1.00 38.72 ? 418 HOH B O   1 
# 
loop_
_atom_site_anisotrop.id 
_atom_site_anisotrop.type_symbol 
_atom_site_anisotrop.pdbx_label_atom_id 
_atom_site_anisotrop.pdbx_label_alt_id 
_atom_site_anisotrop.pdbx_label_comp_id 
_atom_site_anisotrop.pdbx_label_asym_id 
_atom_site_anisotrop.pdbx_label_seq_id 
_atom_site_anisotrop.pdbx_PDB_ins_code 
_atom_site_anisotrop.U[1][1] 
_atom_site_anisotrop.U[2][2] 
_atom_site_anisotrop.U[3][3] 
_atom_site_anisotrop.U[1][2] 
_atom_site_anisotrop.U[1][3] 
_atom_site_anisotrop.U[2][3] 
_atom_site_anisotrop.pdbx_auth_seq_id 
_atom_site_anisotrop.pdbx_auth_comp_id 
_atom_site_anisotrop.pdbx_auth_asym_id 
_atom_site_anisotrop.pdbx_auth_atom_id 
1   N  N   . ASN A 20 ? 0.7353 0.3639 0.6976 0.1272  0.1275  0.0627  151 ASN A N   
2   C  CA  . ASN A 20 ? 0.7102 0.3908 0.6936 0.0452  0.1610  0.0304  151 ASN A CA  
3   C  C   . ASN A 20 ? 0.6557 0.4273 0.5831 0.0730  0.2341  0.0739  151 ASN A C   
4   O  O   . ASN A 20 ? 0.6860 0.5142 0.3743 0.1183  0.1860  0.1274  151 ASN A O   
5   C  CB  . ASN A 20 ? 0.7440 0.3693 0.7920 -0.0589 0.1368  0.0584  151 ASN A CB  
6   N  N   . GLN A 21 ? 0.4448 0.3608 0.4753 0.0095  0.1615  -0.0208 152 GLN A N   
7   C  CA  . GLN A 21 ? 0.3843 0.3890 0.4547 -0.0474 0.0986  0.0316  152 GLN A CA  
8   C  C   . GLN A 21 ? 0.2824 0.3746 0.3467 0.0096  0.0690  0.0654  152 GLN A C   
9   O  O   . GLN A 21 ? 0.2704 0.3477 0.3311 -0.0607 0.1392  0.0571  152 GLN A O   
10  C  CB  . GLN A 21 ? 0.5504 0.5066 0.4850 -0.0442 0.0643  0.0180  152 GLN A CB  
11  C  CG  . GLN A 21 ? 0.5170 0.5258 0.5993 0.0273  0.0469  0.0641  152 GLN A CG  
12  C  CD  . GLN A 21 ? 0.6540 0.5155 0.5642 -0.0043 0.0632  0.0603  152 GLN A CD  
13  O  OE1 . GLN A 21 ? 0.6138 0.5306 0.9041 -0.0025 0.0489  0.0620  152 GLN A OE1 
14  N  NE2 . GLN A 21 ? 0.6892 0.4361 0.6043 -0.1053 0.1698  0.0488  152 GLN A NE2 
15  N  N   . CYS A 22 ? 0.2232 0.3659 0.2849 -0.0376 0.0855  0.0795  153 CYS A N   
16  C  CA  . CYS A 22 ? 0.3093 0.3434 0.2955 -0.0716 0.1040  0.1408  153 CYS A CA  
17  C  C   . CYS A 22 ? 0.2758 0.3280 0.2778 -0.0429 0.0558  0.1260  153 CYS A C   
18  O  O   . CYS A 22 ? 0.2914 0.2953 0.2862 -0.0605 0.0434  0.1342  153 CYS A O   
19  C  CB  . CYS A 22 ? 0.3711 0.4074 0.3207 -0.0825 0.1453  0.1210  153 CYS A CB  
20  S  SG  . CYS A 22 ? 0.6550 0.5228 0.3473 -0.0183 0.1528  0.1709  153 CYS A SG  
21  N  N   . CYS A 23 ? 0.2680 0.2920 0.3368 0.0085  0.0979  0.1449  154 CYS A N   
22  C  CA  . CYS A 23 ? 0.2974 0.2646 0.3590 -0.0293 0.1156  0.1315  154 CYS A CA  
23  C  C   . CYS A 23 ? 0.2649 0.2471 0.3929 -0.0633 0.1392  0.1043  154 CYS A C   
24  O  O   . CYS A 23 ? 0.4051 0.2972 0.4041 -0.0496 0.2177  0.0513  154 CYS A O   
25  C  CB  . CYS A 23 ? 0.2854 0.3159 0.2488 0.0112  0.1320  0.1423  154 CYS A CB  
26  S  SG  . CYS A 23 ? 0.3014 0.2335 0.2651 -0.0505 0.0916  0.1119  154 CYS A SG  
27  N  N   . THR A 24 ? 0.3013 0.2299 0.4748 -0.0461 0.1056  0.1076  155 THR A N   
28  C  CA  . THR A 24 ? 0.3440 0.2778 0.5511 0.0075  0.1181  0.1123  155 THR A CA  
29  C  C   . THR A 24 ? 0.3640 0.2703 0.5556 0.0587  0.1331  0.1428  155 THR A C   
30  O  O   . THR A 24 ? 0.4055 0.3141 0.6052 0.0873  0.0876  0.2091  155 THR A O   
31  C  CB  . THR A 24 ? 0.3520 0.3487 0.6162 -0.0888 0.0887  0.0951  155 THR A CB  
32  O  OG1 . THR A 24 ? 0.4073 0.4382 0.5890 0.0158  0.0287  0.0680  155 THR A OG1 
33  C  CG2 . THR A 24 ? 0.3244 0.4535 0.6220 -0.0504 0.1455  0.1084  155 THR A CG2 
34  N  N   . SER A 25 ? 0.3853 0.2512 0.3775 0.0815  0.0939  0.1609  156 SER A N   
35  C  CA  . SER A 25 ? 0.4409 0.2795 0.3901 -0.0053 0.0946  0.1245  156 SER A CA  
36  C  C   . SER A 25 ? 0.4459 0.2493 0.3432 -0.0121 0.0928  0.1494  156 SER A C   
37  O  O   . SER A 25 ? 0.5013 0.2899 0.3090 0.0034  0.1443  0.1868  156 SER A O   
38  C  CB  . SER A 25 ? 0.4761 0.3297 0.3448 0.0106  0.0363  0.1089  156 SER A CB  
39  O  OG  . SER A 25 ? 0.5221 0.4642 0.4858 -0.0370 0.0294  0.0474  156 SER A OG  
40  N  N   . CYS A 26 ? 0.3890 0.2534 0.2974 -0.0467 0.1472  0.1297  157 CYS A N   
41  C  CA  . CYS A 26 ? 0.4414 0.2524 0.3122 -0.0043 0.1063  0.1093  157 CYS A CA  
42  C  C   . CYS A 26 ? 0.4775 0.3331 0.3186 -0.0129 0.1290  0.0537  157 CYS A C   
43  O  O   . CYS A 26 ? 0.5075 0.2995 0.3830 0.0128  0.1837  0.1205  157 CYS A O   
44  C  CB  . CYS A 26 ? 0.4060 0.3157 0.3152 -0.0190 0.1031  0.1067  157 CYS A CB  
45  S  SG  . CYS A 26 ? 0.3750 0.3139 0.3244 -0.0346 0.0595  0.1070  157 CYS A SG  
46  N  N   . GLU A 27 ? 0.6282 0.2920 0.3253 -0.0758 0.1059  0.0686  158 GLU A N   
47  C  CA  . GLU A 27 ? 0.6837 0.3503 0.3412 -0.0275 0.1450  0.0685  158 GLU A CA  
48  C  C   . GLU A 27 ? 0.6499 0.3837 0.3212 -0.0396 0.0830  0.0333  158 GLU A C   
49  O  O   . GLU A 27 ? 0.8120 0.3757 0.3189 -0.0870 0.0994  0.0634  158 GLU A O   
50  C  CB  . GLU A 27 ? 0.7871 0.3806 0.3464 0.0234  0.0382  0.0359  158 GLU A CB  
51  C  CG  . GLU A 27 ? 0.8380 0.4442 0.3693 0.0394  -0.0431 0.0499  158 GLU A CG  
52  N  N   . ASP A 28 ? 0.5640 0.3914 0.3046 -0.0100 0.1485  0.1415  159 ASP A N   
53  C  CA  . ASP A 28 ? 0.5734 0.3637 0.3819 -0.0286 0.0882  0.1134  159 ASP A CA  
54  C  C   . ASP A 28 ? 0.5729 0.3979 0.3439 -0.0061 0.0882  0.1585  159 ASP A C   
55  O  O   . ASP A 28 ? 0.6180 0.3882 0.3234 -0.0267 0.0817  0.1615  159 ASP A O   
56  C  CB  . ASP A 28 ? 0.5549 0.3639 0.4225 -0.0389 0.0945  0.1160  159 ASP A CB  
57  C  CG  . ASP A 28 ? 0.5306 0.3648 0.5049 -0.0979 0.0575  0.0468  159 ASP A CG  
58  O  OD1 . ASP A 28 ? 0.6164 0.3769 0.5489 -0.1604 0.0747  0.0296  159 ASP A OD1 
59  O  OD2 . ASP A 28 ? 0.5730 0.4562 0.5740 -0.0751 0.0459  -0.0700 159 ASP A OD2 
60  N  N   . ASN A 29 ? 0.5674 0.3307 0.2624 0.0178  0.1418  0.1607  160 ASN A N   
61  C  CA  . ASN A 29 ? 0.4782 0.4018 0.3236 -0.0038 0.1921  0.0981  160 ASN A CA  
62  C  C   . ASN A 29 ? 0.4797 0.4149 0.2405 0.0183  0.1972  0.1191  160 ASN A C   
63  O  O   . ASN A 29 ? 0.5940 0.4680 0.2960 0.1059  0.1754  0.1577  160 ASN A O   
64  C  CB  . ASN A 29 ? 0.5425 0.4189 0.2958 0.0513  0.1633  0.1886  160 ASN A CB  
65  C  CG  . ASN A 29 ? 0.5673 0.4125 0.3402 0.0373  0.1798  0.0943  160 ASN A CG  
66  O  OD1 . ASN A 29 ? 0.7955 0.3805 0.3802 0.0032  0.1971  0.0982  160 ASN A OD1 
67  N  ND2 . ASN A 29 ? 0.5505 0.5506 0.3197 0.0770  0.1349  0.1986  160 ASN A ND2 
68  N  N   . ALA A 30 ? 0.4080 0.3313 0.2456 -0.0061 0.2007  0.1557  161 ALA A N   
69  C  CA  . ALA A 30 ? 0.3732 0.3064 0.1915 -0.0366 0.1428  0.1069  161 ALA A CA  
70  C  C   . ALA A 30 ? 0.3181 0.2986 0.2411 -0.0356 0.1239  0.1125  161 ALA A C   
71  O  O   . ALA A 30 ? 0.3204 0.2279 0.3116 -0.0208 0.1194  0.1206  161 ALA A O   
72  C  CB  . ALA A 30 ? 0.3490 0.3615 0.1854 -0.0147 0.1469  0.1084  161 ALA A CB  
73  N  N   . PRO A 31 ? 0.3324 0.2934 0.2269 -0.0396 0.1068  0.1047  162 PRO A N   
74  C  CA  . PRO A 31 ? 0.3345 0.2664 0.2215 -0.0385 0.1314  0.0992  162 PRO A CA  
75  C  C   . PRO A 31 ? 0.3097 0.2370 0.2265 0.0054  0.0912  0.1143  162 PRO A C   
76  O  O   . PRO A 31 ? 0.3239 0.2800 0.2192 -0.0045 0.1087  0.1413  162 PRO A O   
77  C  CB  . PRO A 31 ? 0.3293 0.2876 0.1778 -0.0273 0.1434  0.1123  162 PRO A CB  
78  C  CG  . PRO A 31 ? 0.3679 0.3243 0.2334 -0.0127 0.0981  0.1110  162 PRO A CG  
79  C  CD  . PRO A 31 ? 0.3498 0.3304 0.1948 -0.0327 0.1005  0.0929  162 PRO A CD  
80  N  N   . ALA A 32 ? 0.3096 0.2157 0.2927 0.0022  0.0686  0.1015  163 ALA A N   
81  C  CA  . ALA A 32 ? 0.3151 0.2460 0.2858 -0.0324 0.1378  0.1196  163 ALA A CA  
82  C  C   . ALA A 32 ? 0.3278 0.2464 0.3386 -0.0063 0.1287  0.1454  163 ALA A C   
83  O  O   . ALA A 32 ? 0.4144 0.2738 0.2758 -0.0142 0.1850  0.1412  163 ALA A O   
84  C  CB  . ALA A 32 ? 0.3355 0.2322 0.2891 -0.0061 0.1379  0.1241  163 ALA A CB  
85  N  N   . THR A 33 ? 0.2995 0.2545 0.3104 0.0562  0.0987  0.1425  164 THR A N   
86  C  CA  . THR A 33 ? 0.3261 0.2437 0.2891 0.0089  0.0800  0.0982  164 THR A CA  
87  C  C   . THR A 33 ? 0.2493 0.1922 0.3024 0.0035  0.0885  0.0864  164 THR A C   
88  O  O   . THR A 33 ? 0.2768 0.2172 0.2417 -0.0040 0.1015  0.0858  164 THR A O   
89  C  CB  . THR A 33 ? 0.3339 0.3261 0.3982 0.0189  0.0578  0.0719  164 THR A CB  
90  O  OG1 . THR A 33 ? 0.2405 0.3582 0.5249 -0.0549 0.1022  0.0202  164 THR A OG1 
91  C  CG2 . THR A 33 ? 0.4186 0.3783 0.4255 0.0390  0.0292  0.0288  164 THR A CG2 
92  N  N   . SER A 34 ? 0.2045 0.1763 0.2678 -0.0233 0.1138  0.1037  165 SER A N   
93  C  CA  A SER A 34 ? 0.2046 0.1435 0.2705 -0.0292 0.0912  0.0771  165 SER A CA  
94  C  CA  B SER A 34 ? 0.2053 0.1625 0.2736 -0.0258 0.0921  0.0785  165 SER A CA  
95  C  C   . SER A 34 ? 0.1954 0.1434 0.2607 -0.0390 0.0817  0.0543  165 SER A C   
96  O  O   . SER A 34 ? 0.2205 0.1242 0.2600 -0.0587 0.1217  0.0719  165 SER A O   
97  C  CB  A SER A 34 ? 0.1986 0.1395 0.2905 -0.0374 0.0885  0.0669  165 SER A CB  
98  C  CB  B SER A 34 ? 0.2038 0.2007 0.3074 -0.0416 0.0996  0.0725  165 SER A CB  
99  O  OG  A SER A 34 ? 0.2120 0.1022 0.2943 -0.0393 0.0972  0.0812  165 SER A OG  
100 O  OG  B SER A 34 ? 0.2615 0.2060 0.3504 -0.0574 0.1132  0.0656  165 SER A OG  
101 N  N   A TYR A 35 ? 0.2010 0.1213 0.2747 -0.0469 0.0690  0.0755  166 TYR A N   
102 N  N   B TYR A 35 ? 0.2055 0.1070 0.2702 -0.0580 0.0766  0.0831  166 TYR A N   
103 C  CA  A TYR A 35 ? 0.2192 0.1598 0.2742 -0.0252 0.0729  0.0872  166 TYR A CA  
104 C  CA  B TYR A 35 ? 0.2236 0.1329 0.2780 -0.0442 0.0690  0.0873  166 TYR A CA  
105 C  C   A TYR A 35 ? 0.2404 0.1473 0.2773 -0.0256 0.0964  0.0770  166 TYR A C   
106 C  C   B TYR A 35 ? 0.2387 0.1427 0.2780 -0.0362 0.0939  0.0805  166 TYR A C   
107 O  O   A TYR A 35 ? 0.2421 0.1684 0.2712 0.0005  0.1240  0.1084  166 TYR A O   
108 O  O   B TYR A 35 ? 0.2426 0.1553 0.2768 -0.0226 0.1238  0.1089  166 TYR A O   
109 C  CB  A TYR A 35 ? 0.2212 0.2201 0.3132 -0.0448 0.0508  0.0679  166 TYR A CB  
110 C  CB  B TYR A 35 ? 0.2386 0.1519 0.3085 -0.0554 0.0373  0.0648  166 TYR A CB  
111 C  CG  A TYR A 35 ? 0.2393 0.2351 0.3124 -0.0625 0.0406  0.0685  166 TYR A CG  
112 C  CG  B TYR A 35 ? 0.2661 0.1388 0.3348 -0.0582 0.0073  0.0749  166 TYR A CG  
113 C  CD1 A TYR A 35 ? 0.2402 0.2445 0.3346 -0.0321 0.0560  0.0532  166 TYR A CD1 
114 C  CD1 B TYR A 35 ? 0.2909 0.1485 0.3784 -0.0115 -0.0360 0.0623  166 TYR A CD1 
115 C  CD2 A TYR A 35 ? 0.2787 0.2587 0.3416 -0.0760 -0.0020 0.0649  166 TYR A CD2 
116 C  CD2 B TYR A 35 ? 0.2612 0.1539 0.3603 -0.0495 -0.0256 0.0728  166 TYR A CD2 
117 C  CE1 A TYR A 35 ? 0.1921 0.2827 0.3255 -0.0794 0.0771  0.0535  166 TYR A CE1 
118 C  CE1 B TYR A 35 ? 0.2736 0.1996 0.4195 -0.0170 -0.0630 0.0340  166 TYR A CE1 
119 C  CE2 A TYR A 35 ? 0.2580 0.3026 0.3572 -0.0461 0.0027  0.0209  166 TYR A CE2 
120 C  CE2 B TYR A 35 ? 0.2457 0.1367 0.4015 -0.0372 -0.0132 0.0598  166 TYR A CE2 
121 C  CZ  A TYR A 35 ? 0.1986 0.2864 0.3504 -0.1073 0.0234  0.0147  166 TYR A CZ  
122 C  CZ  B TYR A 35 ? 0.2183 0.1298 0.4072 -0.0367 -0.0458 0.0434  166 TYR A CZ  
123 O  OH  A TYR A 35 ? 0.2554 0.3485 0.4708 -0.1296 0.0427  -0.0980 166 TYR A OH  
124 O  OH  B TYR A 35 ? 0.1775 0.0591 0.3842 -0.0783 -0.0110 0.0850  166 TYR A OH  
125 N  N   . CYS A 36 ? 0.2082 0.1499 0.2681 -0.0270 0.0986  0.0860  167 CYS A N   
126 C  CA  . CYS A 36 ? 0.2006 0.1706 0.2463 -0.0063 0.0832  0.0741  167 CYS A CA  
127 C  C   . CYS A 36 ? 0.2023 0.1188 0.2473 -0.0429 0.0887  0.0962  167 CYS A C   
128 O  O   . CYS A 36 ? 0.1623 0.1702 0.2955 -0.0422 0.0836  0.0913  167 CYS A O   
129 C  CB  . CYS A 36 ? 0.1787 0.1859 0.2505 -0.0092 0.0927  0.0548  167 CYS A CB  
130 S  SG  . CYS A 36 ? 0.1866 0.1755 0.2525 -0.0660 0.0637  0.0484  167 CYS A SG  
131 N  N   . VAL A 37 ? 0.2244 0.1540 0.2980 -0.0443 0.0796  0.0355  168 VAL A N   
132 C  CA  . VAL A 37 ? 0.2207 0.2069 0.3568 -0.0186 0.0641  0.0504  168 VAL A CA  
133 C  C   . VAL A 37 ? 0.2154 0.2118 0.3509 -0.0201 0.0740  0.0827  168 VAL A C   
134 O  O   . VAL A 37 ? 0.2146 0.2102 0.3335 -0.0125 0.0456  0.0683  168 VAL A O   
135 C  CB  . VAL A 37 ? 0.2700 0.2730 0.3331 -0.0088 0.0449  0.0414  168 VAL A CB  
136 C  CG1 . VAL A 37 ? 0.3057 0.2410 0.3763 -0.0571 0.0160  0.0339  168 VAL A CG1 
137 C  CG2 . VAL A 37 ? 0.2881 0.2603 0.4131 -0.0509 0.0171  0.0387  168 VAL A CG2 
138 N  N   . GLU A 38 ? 0.2118 0.2155 0.3540 -0.0017 0.0846  0.0972  169 GLU A N   
139 C  CA  . GLU A 38 ? 0.2002 0.1972 0.3333 -0.0064 0.0569  0.0674  169 GLU A CA  
140 C  C   . GLU A 38 ? 0.1722 0.1814 0.3136 -0.0413 0.0519  0.0793  169 GLU A C   
141 O  O   . GLU A 38 ? 0.2516 0.1703 0.3342 -0.0093 0.0270  0.0795  169 GLU A O   
142 C  CB  . GLU A 38 ? 0.2606 0.1966 0.3007 -0.0112 0.0715  0.0832  169 GLU A CB  
143 C  CG  . GLU A 38 ? 0.2969 0.2426 0.3058 -0.0270 0.0587  0.0602  169 GLU A CG  
144 C  CD  . GLU A 38 ? 0.3178 0.2781 0.2950 -0.0011 0.0670  0.0212  169 GLU A CD  
145 O  OE1 . GLU A 38 ? 0.2962 0.2219 0.3286 -0.0379 0.0650  0.0591  169 GLU A OE1 
146 O  OE2 . GLU A 38 ? 0.4257 0.3655 0.3512 0.0208  0.0527  -0.0547 169 GLU A OE2 
147 N  N   . CYS A 39 ? 0.1869 0.1631 0.2911 -0.0135 0.0688  0.1161  170 CYS A N   
148 C  CA  . CYS A 39 ? 0.2191 0.1293 0.3042 -0.0270 0.0426  0.1001  170 CYS A CA  
149 C  C   . CYS A 39 ? 0.2132 0.2041 0.3419 -0.0305 0.0675  0.0910  170 CYS A C   
150 O  O   . CYS A 39 ? 0.2186 0.2291 0.3483 -0.0231 0.0922  0.1258  170 CYS A O   
151 C  CB  . CYS A 39 ? 0.1781 0.1639 0.3261 -0.0285 0.0589  0.0992  170 CYS A CB  
152 S  SG  . CYS A 39 ? 0.1940 0.2195 0.2896 -0.0374 0.0807  0.1063  170 CYS A SG  
153 N  N   . SER A 40 ? 0.2308 0.2125 0.3176 -0.0313 0.0582  0.0899  171 SER A N   
154 C  CA  A SER A 40 ? 0.2058 0.1924 0.3642 -0.0319 0.0699  0.0680  171 SER A CA  
155 C  CA  B SER A 40 ? 0.2082 0.1891 0.3614 -0.0340 0.0537  0.0835  171 SER A CA  
156 C  C   . SER A 40 ? 0.2009 0.1885 0.3654 -0.0294 0.0509  0.0684  171 SER A C   
157 O  O   . SER A 40 ? 0.2343 0.1521 0.4216 -0.0546 0.1030  0.0866  171 SER A O   
158 C  CB  A SER A 40 ? 0.1939 0.2051 0.3711 -0.0451 0.0835  0.0733  171 SER A CB  
159 C  CB  B SER A 40 ? 0.2127 0.2017 0.3481 -0.0465 0.0414  0.1044  171 SER A CB  
160 O  OG  A SER A 40 ? 0.1908 0.2043 0.4132 -0.0309 0.1574  0.0397  171 SER A OG  
161 O  OG  B SER A 40 ? 0.2304 0.2061 0.3462 -0.0270 0.0389  0.1038  171 SER A OG  
162 N  N   . GLU A 41 ? 0.1992 0.1253 0.3557 -0.0069 0.0567  0.0817  172 GLU A N   
163 C  CA  . GLU A 41 ? 0.2282 0.1910 0.3563 0.0092  0.0649  0.0847  172 GLU A CA  
164 C  C   . GLU A 41 ? 0.2420 0.1749 0.2698 0.0012  0.0978  0.1124  172 GLU A C   
165 O  O   . GLU A 41 ? 0.2762 0.1848 0.2743 0.0253  0.1136  0.1086  172 GLU A O   
166 C  CB  . GLU A 41 ? 0.2656 0.1900 0.4361 -0.0112 0.0843  0.1136  172 GLU A CB  
167 C  CG  . GLU A 41 ? 0.3763 0.2897 0.5085 0.0965  0.0765  0.1307  172 GLU A CG  
168 C  CD  . GLU A 41 ? 0.6017 0.4220 0.5690 0.1554  0.1319  0.0144  172 GLU A CD  
169 O  OE1 . GLU A 41 ? 0.7344 0.3952 0.7797 0.1927  0.1599  0.0980  172 GLU A OE1 
170 O  OE2 . GLU A 41 ? 0.6523 0.5168 0.6888 0.1487  0.0705  0.0844  172 GLU A OE2 
171 N  N   . PRO A 42 ? 0.2305 0.2554 0.2514 -0.0184 0.1264  0.1043  173 PRO A N   
172 C  CA  . PRO A 42 ? 0.2305 0.2664 0.2199 -0.0070 0.1480  0.1108  173 PRO A CA  
173 C  C   . PRO A 42 ? 0.2395 0.2064 0.2368 0.0079  0.1297  0.1276  173 PRO A C   
174 O  O   . PRO A 42 ? 0.2624 0.2429 0.2532 -0.0030 0.1472  0.0872  173 PRO A O   
175 C  CB  . PRO A 42 ? 0.2784 0.3275 0.2293 -0.0047 0.1538  0.1426  173 PRO A CB  
176 C  CG  . PRO A 42 ? 0.2855 0.3562 0.2630 0.0100  0.1467  0.1333  173 PRO A CG  
177 C  CD  . PRO A 42 ? 0.2372 0.2996 0.2997 -0.0006 0.1508  0.1203  173 PRO A CD  
178 N  N   . LEU A 43 ? 0.2270 0.1921 0.2504 0.0013  0.1139  0.0999  174 LEU A N   
179 C  CA  . LEU A 43 ? 0.2372 0.2146 0.2497 -0.0029 0.0970  0.0932  174 LEU A CA  
180 C  C   . LEU A 43 ? 0.2106 0.2064 0.1766 -0.0334 0.1140  0.0939  174 LEU A C   
181 O  O   . LEU A 43 ? 0.2071 0.2013 0.2867 -0.0203 0.0944  0.0816  174 LEU A O   
182 C  CB  . LEU A 43 ? 0.2206 0.2713 0.2408 -0.0138 0.0900  0.0941  174 LEU A CB  
183 C  CG  . LEU A 43 ? 0.2256 0.2638 0.2470 -0.0098 0.1002  0.1006  174 LEU A CG  
184 C  CD1 . LEU A 43 ? 0.2787 0.2944 0.2016 0.0033  0.0776  0.1258  174 LEU A CD1 
185 C  CD2 . LEU A 43 ? 0.2277 0.2727 0.2425 -0.0410 0.0793  0.0844  174 LEU A CD2 
186 N  N   . CYS A 44 ? 0.2296 0.2155 0.1901 -0.0540 0.1135  0.1041  175 CYS A N   
187 C  CA  . CYS A 44 ? 0.2340 0.2004 0.2552 -0.0351 0.0975  0.0983  175 CYS A CA  
188 C  C   . CYS A 44 ? 0.2354 0.2342 0.2324 0.0264  0.0871  0.0914  175 CYS A C   
189 O  O   . CYS A 44 ? 0.1979 0.2446 0.2470 0.0012  0.0956  0.1169  175 CYS A O   
190 C  CB  . CYS A 44 ? 0.2631 0.2034 0.3037 -0.0552 0.0862  0.0643  175 CYS A CB  
191 S  SG  . CYS A 44 ? 0.2694 0.2150 0.2966 -0.0641 0.0962  0.0891  175 CYS A SG  
192 N  N   . GLU A 45 ? 0.2276 0.2415 0.3104 0.0077  0.0718  0.1297  176 GLU A N   
193 C  CA  . GLU A 45 ? 0.2475 0.2171 0.2855 -0.0096 0.0931  0.0960  176 GLU A CA  
194 C  C   . GLU A 45 ? 0.2103 0.2107 0.2741 0.0035  0.0666  0.0939  176 GLU A C   
195 O  O   . GLU A 45 ? 0.2431 0.2194 0.2624 -0.0401 0.0452  0.1387  176 GLU A O   
196 C  CB  . GLU A 45 ? 0.3106 0.2707 0.3527 0.0180  0.0458  0.1066  176 GLU A CB  
197 C  CG  . GLU A 45 ? 0.4394 0.2995 0.4767 -0.0121 0.0567  0.0488  176 GLU A CG  
198 C  CD  . GLU A 45 ? 0.3878 0.4806 0.4935 0.0280  0.1539  0.0163  176 GLU A CD  
199 O  OE1 . GLU A 45 ? 0.2910 0.6285 0.7057 -0.0415 0.1380  0.0813  176 GLU A OE1 
200 O  OE2 . GLU A 45 ? 0.4638 0.6660 0.6753 -0.0104 0.0536  -0.0040 176 GLU A OE2 
201 N  N   . THR A 46 ? 0.2153 0.2437 0.2680 -0.0373 0.0780  0.0915  177 THR A N   
202 C  CA  . THR A 46 ? 0.2728 0.2227 0.3082 -0.0274 0.0185  0.0769  177 THR A CA  
203 C  C   . THR A 46 ? 0.2011 0.2672 0.3094 -0.0382 0.0459  0.1023  177 THR A C   
204 O  O   . THR A 46 ? 0.2486 0.1990 0.2604 -0.0582 0.0365  0.0687  177 THR A O   
205 C  CB  . THR A 46 ? 0.2833 0.3004 0.2961 -0.0188 0.0005  0.0614  177 THR A CB  
206 O  OG1 . THR A 46 ? 0.3390 0.2911 0.3047 -0.0505 0.0221  0.1081  177 THR A OG1 
207 C  CG2 . THR A 46 ? 0.3178 0.3244 0.2880 -0.0359 0.0261  0.0859  177 THR A CG2 
208 N  N   . CYS A 47 ? 0.1969 0.1676 0.3104 -0.0644 0.0469  0.0990  178 CYS A N   
209 C  CA  . CYS A 47 ? 0.1991 0.1796 0.2640 -0.0559 0.0486  0.0807  178 CYS A CA  
210 C  C   . CYS A 47 ? 0.1931 0.1725 0.2691 -0.0226 0.0520  0.0791  178 CYS A C   
211 O  O   . CYS A 47 ? 0.1263 0.1781 0.2599 -0.0712 0.0715  0.0788  178 CYS A O   
212 C  CB  . CYS A 47 ? 0.2207 0.2688 0.2594 -0.0209 0.0668  0.0770  178 CYS A CB  
213 S  SG  . CYS A 47 ? 0.2686 0.2432 0.2415 -0.0259 0.1116  0.1029  178 CYS A SG  
214 N  N   . VAL A 48 ? 0.2233 0.1641 0.2334 -0.0400 0.0859  0.1014  179 VAL A N   
215 C  CA  . VAL A 48 ? 0.1951 0.1672 0.2548 -0.0280 0.0603  0.0726  179 VAL A CA  
216 C  C   . VAL A 48 ? 0.1986 0.1840 0.2300 -0.0452 0.0502  0.0650  179 VAL A C   
217 O  O   . VAL A 48 ? 0.1666 0.2044 0.2221 -0.0238 0.0759  0.0662  179 VAL A O   
218 C  CB  . VAL A 48 ? 0.2038 0.1696 0.2739 -0.0414 0.0672  0.0618  179 VAL A CB  
219 C  CG1 . VAL A 48 ? 0.1988 0.1689 0.2741 -0.0574 0.0761  0.0528  179 VAL A CG1 
220 C  CG2 . VAL A 48 ? 0.2094 0.2070 0.2588 -0.0497 0.0750  0.0888  179 VAL A CG2 
221 N  N   . GLU A 49 ? 0.1879 0.1844 0.2692 -0.0355 0.0416  0.0862  180 GLU A N   
222 C  CA  . GLU A 49 ? 0.1878 0.1706 0.3001 -0.0350 0.0474  0.0808  180 GLU A CA  
223 C  C   . GLU A 49 ? 0.2209 0.1834 0.2757 0.0133  0.0627  0.0903  180 GLU A C   
224 O  O   . GLU A 49 ? 0.1353 0.1843 0.3522 -0.0161 0.0862  0.0985  180 GLU A O   
225 C  CB  . GLU A 49 ? 0.1983 0.1745 0.2946 -0.0565 0.0375  0.0668  180 GLU A CB  
226 C  CG  . GLU A 49 ? 0.1985 0.1593 0.3546 -0.0614 0.0261  0.0267  180 GLU A CG  
227 C  CD  . GLU A 49 ? 0.3130 0.2403 0.3858 -0.0566 -0.0328 0.0641  180 GLU A CD  
228 O  OE1 . GLU A 49 ? 0.4395 0.2423 0.5288 -0.0444 -0.1782 0.0163  180 GLU A OE1 
229 O  OE2 . GLU A 49 ? 0.4407 0.2917 0.4171 -0.0225 0.0096  0.1086  180 GLU A OE2 
230 N  N   . ALA A 50 ? 0.1859 0.1462 0.2640 -0.0209 0.0866  0.1120  181 ALA A N   
231 C  CA  . ALA A 50 ? 0.1640 0.1376 0.2794 -0.0299 0.0697  0.0984  181 ALA A CA  
232 C  C   . ALA A 50 ? 0.1662 0.1537 0.3131 -0.0435 0.0425  0.0613  181 ALA A C   
233 O  O   . ALA A 50 ? 0.1869 0.1839 0.3251 -0.0096 0.0842  0.0850  181 ALA A O   
234 C  CB  . ALA A 50 ? 0.2020 0.1385 0.2729 -0.0325 0.0546  0.0796  181 ALA A CB  
235 N  N   . HIS A 51 ? 0.1534 0.1386 0.2588 -0.0477 0.0799  0.0737  182 HIS A N   
236 C  CA  . HIS A 51 ? 0.1897 0.1616 0.2522 -0.0259 0.0629  0.0774  182 HIS A CA  
237 C  C   . HIS A 51 ? 0.1661 0.1917 0.2638 0.0218  0.0523  0.0791  182 HIS A C   
238 O  O   . HIS A 51 ? 0.1566 0.2207 0.2528 -0.0013 0.0880  0.0992  182 HIS A O   
239 C  CB  . HIS A 51 ? 0.1911 0.1653 0.2348 -0.0291 0.0680  0.0535  182 HIS A CB  
240 C  CG  . HIS A 51 ? 0.1947 0.1333 0.1802 -0.0302 0.0680  0.0947  182 HIS A CG  
241 N  ND1 . HIS A 51 ? 0.2217 0.1873 0.2186 0.0135  0.0667  0.0779  182 HIS A ND1 
242 C  CD2 . HIS A 51 ? 0.2402 0.1618 0.2269 -0.0197 0.0410  0.0478  182 HIS A CD2 
243 C  CE1 . HIS A 51 ? 0.2045 0.1559 0.2023 -0.0146 0.0860  0.0389  182 HIS A CE1 
244 N  NE2 . HIS A 51 ? 0.2691 0.1856 0.1484 -0.0278 0.1020  0.0441  182 HIS A NE2 
245 N  N   . GLN A 52 ? 0.2161 0.2240 0.3005 0.0661  0.0566  0.0886  183 GLN A N   
246 C  CA  . GLN A 52 ? 0.2601 0.2516 0.2859 0.0773  0.0537  0.0621  183 GLN A CA  
247 C  C   . GLN A 52 ? 0.2508 0.2808 0.2914 0.0597  0.0708  0.0421  183 GLN A C   
248 O  O   . GLN A 52 ? 0.3256 0.3567 0.3135 0.0226  0.1021  0.0945  183 GLN A O   
249 C  CB  . GLN A 52 ? 0.2731 0.2697 0.3210 0.0964  0.0380  0.0605  183 GLN A CB  
250 C  CG  . GLN A 52 ? 0.3520 0.2149 0.3268 0.1126  0.0527  0.1048  183 GLN A CG  
251 C  CD  . GLN A 52 ? 0.3937 0.2868 0.3710 0.0792  0.0412  0.0796  183 GLN A CD  
252 O  OE1 . GLN A 52 ? 0.4092 0.4090 0.5412 0.1442  0.0192  0.0805  183 GLN A OE1 
253 N  NE2 . GLN A 52 ? 0.4722 0.3225 0.3722 0.0384  0.0996  0.1417  183 GLN A NE2 
254 N  N   . ARG A 53 ? 0.2292 0.2857 0.2853 -0.0009 0.0819  0.0485  184 ARG A N   
255 C  CA  . ARG A 53 ? 0.2184 0.3354 0.3931 -0.0263 0.0575  0.0121  184 ARG A CA  
256 C  C   . ARG A 53 ? 0.1757 0.3429 0.3904 -0.0836 0.0302  0.0873  184 ARG A C   
257 O  O   . ARG A 53 ? 0.2032 0.4018 0.4706 -0.1329 0.0819  0.0931  184 ARG A O   
258 C  CB  . ARG A 53 ? 0.2364 0.3834 0.3972 -0.0465 0.0420  0.0299  184 ARG A CB  
259 C  CG  . ARG A 53 ? 0.2481 0.3299 0.4401 -0.0433 0.0642  0.0311  184 ARG A CG  
260 C  CD  . ARG A 53 ? 0.2833 0.2919 0.4452 -0.0231 0.0492  0.0483  184 ARG A CD  
261 N  NE  . ARG A 53 ? 0.2453 0.2536 0.5501 -0.0477 0.0406  0.0714  184 ARG A NE  
262 C  CZ  . ARG A 53 ? 0.2658 0.1724 0.6799 -0.0397 0.0873  0.1048  184 ARG A CZ  
263 N  NH1 . ARG A 53 ? 0.1989 0.2465 0.6828 -0.1405 0.0470  0.0913  184 ARG A NH1 
264 N  NH2 . ARG A 53 ? 0.2415 0.1449 0.6860 -0.0531 0.0756  0.0835  184 ARG A NH2 
265 N  N   . VAL A 54 ? 0.1445 0.2527 0.3487 -0.0741 0.1172  0.0821  185 VAL A N   
266 C  CA  . VAL A 54 ? 0.1728 0.2145 0.3130 -0.0982 0.0821  0.0489  185 VAL A CA  
267 C  C   . VAL A 54 ? 0.2296 0.2510 0.2954 -0.0824 0.0800  0.0566  185 VAL A C   
268 O  O   . VAL A 54 ? 0.2075 0.2469 0.2287 -0.0852 0.1421  0.0554  185 VAL A O   
269 C  CB  . VAL A 54 ? 0.1948 0.1930 0.3211 -0.0725 0.0893  0.0547  185 VAL A CB  
270 C  CG1 . VAL A 54 ? 0.1682 0.2179 0.3319 -0.0755 0.1112  0.0807  185 VAL A CG1 
271 C  CG2 . VAL A 54 ? 0.1960 0.1480 0.3414 -0.0930 0.0882  0.0259  185 VAL A CG2 
272 N  N   . LYS A 55 ? 0.1922 0.2387 0.3078 -0.1253 0.0688  0.0462  186 LYS A N   
273 C  CA  . LYS A 55 ? 0.2474 0.3346 0.2955 -0.1018 0.0800  0.0587  186 LYS A CA  
274 C  C   . LYS A 55 ? 0.2533 0.2960 0.2206 -0.0951 0.0700  0.0822  186 LYS A C   
275 O  O   . LYS A 55 ? 0.2386 0.3121 0.2440 -0.1160 0.0551  0.0713  186 LYS A O   
276 C  CB  . LYS A 55 ? 0.3103 0.3799 0.3605 -0.1654 0.0976  0.0744  186 LYS A CB  
277 C  CG  . LYS A 55 ? 0.3237 0.5193 0.4467 -0.1323 0.1025  0.0784  186 LYS A CG  
278 C  CD  . LYS A 55 ? 0.4334 0.5924 0.4404 -0.1823 0.1258  0.0792  186 LYS A CD  
279 C  CE  . LYS A 55 ? 0.4594 0.6658 0.5165 -0.1524 0.1659  0.0566  186 LYS A CE  
280 N  NZ  . LYS A 55 ? 0.5282 0.7359 0.5900 -0.1196 0.2263  0.1020  186 LYS A NZ  
281 N  N   . TYR A 56 ? 0.2657 0.2647 0.2321 -0.0664 0.0646  0.1224  187 TYR A N   
282 C  CA  . TYR A 56 ? 0.2685 0.2625 0.3085 -0.0645 0.0415  0.1159  187 TYR A CA  
283 C  C   . TYR A 56 ? 0.2082 0.2524 0.2955 -0.0430 0.0725  0.0922  187 TYR A C   
284 O  O   . TYR A 56 ? 0.2746 0.2278 0.2672 -0.0522 0.0310  0.1362  187 TYR A O   
285 C  CB  . TYR A 56 ? 0.2641 0.3135 0.3543 -0.0276 0.0634  0.1218  187 TYR A CB  
286 C  CG  . TYR A 56 ? 0.2796 0.4473 0.3641 -0.0453 0.0328  0.1731  187 TYR A CG  
287 C  CD1 . TYR A 56 ? 0.3138 0.5090 0.4285 -0.0041 0.0642  0.2625  187 TYR A CD1 
288 C  CD2 . TYR A 56 ? 0.3007 0.4852 0.3628 -0.0036 0.0718  0.1982  187 TYR A CD2 
289 C  CE1 . TYR A 56 ? 0.3003 0.5113 0.4612 -0.0324 0.0675  0.2545  187 TYR A CE1 
290 C  CE2 . TYR A 56 ? 0.2908 0.5588 0.3299 -0.0190 0.1059  0.2275  187 TYR A CE2 
291 C  CZ  . TYR A 56 ? 0.3176 0.5420 0.4101 0.0675  0.1250  0.2647  187 TYR A CZ  
292 O  OH  . TYR A 56 ? 0.3200 0.6701 0.4910 0.0013  0.1697  0.3438  187 TYR A OH  
293 N  N   . THR A 57 ? 0.1835 0.2002 0.2762 -0.0433 0.0944  0.0688  188 THR A N   
294 C  CA  . THR A 57 ? 0.1883 0.1903 0.3023 -0.0407 0.0882  0.0648  188 THR A CA  
295 C  C   . THR A 57 ? 0.1932 0.2001 0.3335 -0.0340 0.1028  0.0740  188 THR A C   
296 O  O   . THR A 57 ? 0.1959 0.1764 0.3497 -0.0300 0.0440  0.0577  188 THR A O   
297 C  CB  . THR A 57 ? 0.1892 0.1505 0.2904 -0.0291 0.0600  0.0775  188 THR A CB  
298 O  OG1 . THR A 57 ? 0.1837 0.1658 0.2625 -0.0617 0.0776  0.1067  188 THR A OG1 
299 C  CG2 . THR A 57 ? 0.1587 0.1689 0.3209 -0.0547 0.0853  0.0565  188 THR A CG2 
300 N  N   . LYS A 58 ? 0.1710 0.1879 0.3260 -0.0426 0.0742  0.1057  189 LYS A N   
301 C  CA  . LYS A 58 ? 0.2221 0.2542 0.3154 0.0017  0.0680  0.0773  189 LYS A CA  
302 C  C   . LYS A 58 ? 0.2104 0.2686 0.3191 -0.0007 0.0871  0.0651  189 LYS A C   
303 O  O   . LYS A 58 ? 0.2273 0.2680 0.3892 0.0018  0.0975  0.0341  189 LYS A O   
304 C  CB  . LYS A 58 ? 0.2098 0.3423 0.4172 -0.0108 0.0980  0.0670  189 LYS A CB  
305 C  CG  . LYS A 58 ? 0.2850 0.4050 0.4974 0.0340  0.0881  0.0400  189 LYS A CG  
306 C  CD  . LYS A 58 ? 0.3256 0.5333 0.5117 -0.0339 0.0839  0.0796  189 LYS A CD  
307 C  CE  . LYS A 58 ? 0.4795 0.4955 0.5012 0.0359  0.0492  0.0852  189 LYS A CE  
308 N  NZ  . LYS A 58 ? 0.4844 0.4096 0.5096 0.0440  0.0206  0.1038  189 LYS A NZ  
309 N  N   . ASP A 59 ? 0.2179 0.2357 0.3162 -0.0023 0.0877  0.0861  190 ASP A N   
310 C  CA  . ASP A 59 ? 0.2716 0.2941 0.3221 0.0018  0.0937  0.0504  190 ASP A CA  
311 C  C   . ASP A 59 ? 0.2711 0.2663 0.2664 -0.0258 0.0585  0.0535  190 ASP A C   
312 O  O   . ASP A 59 ? 0.2822 0.2743 0.2286 -0.0179 0.0549  0.0716  190 ASP A O   
313 C  CB  . ASP A 59 ? 0.3615 0.3776 0.3411 -0.0264 0.0818  0.0946  190 ASP A CB  
314 C  CG  . ASP A 59 ? 0.3981 0.5852 0.4628 -0.0068 0.1386  0.0948  190 ASP A CG  
315 O  OD1 . ASP A 59 ? 0.4496 0.6841 0.6060 0.0798  0.1323  -0.0137 190 ASP A OD1 
316 O  OD2 . ASP A 59 ? 0.6400 0.7264 0.4451 -0.0548 0.2035  0.1910  190 ASP A OD2 
317 N  N   . HIS A 60 ? 0.2278 0.2122 0.2734 -0.0189 0.0590  0.0722  191 HIS A N   
318 C  CA  . HIS A 60 ? 0.2230 0.1848 0.2814 -0.0005 0.0740  0.0493  191 HIS A CA  
319 C  C   . HIS A 60 ? 0.2169 0.1957 0.2557 0.0051  0.0438  0.0959  191 HIS A C   
320 O  O   . HIS A 60 ? 0.2112 0.1770 0.2488 0.0035  0.0546  0.0964  191 HIS A O   
321 C  CB  . HIS A 60 ? 0.2085 0.1808 0.2549 -0.0014 0.0795  0.0684  191 HIS A CB  
322 C  CG  . HIS A 60 ? 0.2177 0.2010 0.2359 0.0304  0.0700  0.0450  191 HIS A CG  
323 N  ND1 . HIS A 60 ? 0.1695 0.2082 0.2328 0.0561  0.0656  0.0654  191 HIS A ND1 
324 C  CD2 . HIS A 60 ? 0.2126 0.2096 0.2644 0.0046  0.0605  0.0648  191 HIS A CD2 
325 C  CE1 . HIS A 60 ? 0.1983 0.1809 0.2649 0.0181  0.0548  0.0709  191 HIS A CE1 
326 N  NE2 . HIS A 60 ? 0.2175 0.1862 0.2627 0.0087  0.0382  0.0895  191 HIS A NE2 
327 N  N   . THR A 61 ? 0.2360 0.2013 0.2759 -0.0021 0.0382  0.0818  192 THR A N   
328 C  CA  . THR A 61 ? 0.2779 0.1822 0.3042 -0.0034 0.0420  0.0320  192 THR A CA  
329 C  C   . THR A 61 ? 0.2188 0.1637 0.3154 0.0255  0.0428  0.0418  192 THR A C   
330 O  O   . THR A 61 ? 0.2432 0.2050 0.3089 0.0165  0.0724  0.0657  192 THR A O   
331 C  CB  . THR A 61 ? 0.3059 0.2141 0.2574 -0.0180 0.0326  0.0548  192 THR A CB  
332 O  OG1 . THR A 61 ? 0.3866 0.2626 0.2797 -0.0916 0.0691  0.0826  192 THR A OG1 
333 C  CG2 . THR A 61 ? 0.3972 0.2107 0.3491 -0.0349 0.0103  0.0441  192 THR A CG2 
334 N  N   . VAL A 62 ? 0.1881 0.1441 0.2886 -0.0361 0.0514  0.0876  193 VAL A N   
335 C  CA  . VAL A 62 ? 0.2249 0.1420 0.2645 -0.0298 0.0947  0.0547  193 VAL A CA  
336 C  C   . VAL A 62 ? 0.2018 0.1435 0.2994 0.0029  0.0972  0.0504  193 VAL A C   
337 O  O   . VAL A 62 ? 0.1966 0.0903 0.3041 -0.0309 0.1219  0.0647  193 VAL A O   
338 C  CB  . VAL A 62 ? 0.2333 0.1652 0.2240 -0.0228 0.0894  0.0509  193 VAL A CB  
339 C  CG1 . VAL A 62 ? 0.2410 0.1752 0.2440 -0.0097 0.0846  0.0730  193 VAL A CG1 
340 C  CG2 . VAL A 62 ? 0.2394 0.1635 0.2751 -0.0506 0.0948  0.0534  193 VAL A CG2 
341 N  N   . ARG A 63 ? 0.2382 0.1271 0.2922 -0.0128 0.1007  0.0485  194 ARG A N   
342 C  CA  . ARG A 63 ? 0.2497 0.1329 0.2995 -0.0404 0.0741  0.0709  194 ARG A CA  
343 C  C   . ARG A 63 ? 0.2196 0.0980 0.3005 -0.0641 0.0506  0.0646  194 ARG A C   
344 O  O   . ARG A 63 ? 0.2520 0.1384 0.2897 -0.0343 0.0678  0.0800  194 ARG A O   
345 C  CB  . ARG A 63 ? 0.2896 0.1377 0.3621 -0.0464 0.0192  0.0461  194 ARG A CB  
346 C  CG  . ARG A 63 ? 0.3270 0.2165 0.3750 -0.0503 0.0244  0.0586  194 ARG A CG  
347 C  CD  . ARG A 63 ? 0.3294 0.2787 0.4528 -0.0351 0.0001  0.0012  194 ARG A CD  
348 N  NE  . ARG A 63 ? 0.3767 0.2889 0.4668 -0.0075 -0.0169 0.0101  194 ARG A NE  
349 C  CZ  . ARG A 63 ? 0.3874 0.2970 0.5067 -0.0604 -0.0480 -0.0333 194 ARG A CZ  
350 N  NH1 . ARG A 63 ? 0.3578 0.2776 0.6217 -0.1011 -0.0232 -0.0156 194 ARG A NH1 
351 N  NH2 . ARG A 63 ? 0.4108 0.4216 0.4918 -0.0385 -0.0178 -0.0516 194 ARG A NH2 
352 N  N   . SER A 64 ? 0.1819 0.1681 0.2777 -0.0512 0.0798  0.1001  195 SER A N   
353 C  CA  A SER A 64 ? 0.2330 0.1788 0.2766 -0.0600 0.0644  0.1015  195 SER A CA  
354 C  CA  B SER A 64 ? 0.2331 0.1807 0.2699 -0.0622 0.0649  0.0940  195 SER A CA  
355 C  C   . SER A 64 ? 0.2502 0.1820 0.2618 -0.0772 0.0641  0.0872  195 SER A C   
356 O  O   . SER A 64 ? 0.2427 0.2084 0.2571 -0.0783 0.0716  0.0811  195 SER A O   
357 C  CB  A SER A 64 ? 0.2817 0.1863 0.2760 -0.0305 0.0551  0.1180  195 SER A CB  
358 C  CB  B SER A 64 ? 0.2843 0.1871 0.2597 -0.0308 0.0554  0.1034  195 SER A CB  
359 O  OG  A SER A 64 ? 0.3406 0.1774 0.2981 -0.0286 0.0401  0.1281  195 SER A OG  
360 O  OG  B SER A 64 ? 0.3524 0.2219 0.2866 -0.0293 0.0385  0.0681  195 SER A OG  
361 N  N   . THR A 65 ? 0.2759 0.1954 0.2847 -0.0841 0.1058  0.1254  196 THR A N   
362 C  CA  . THR A 65 ? 0.3038 0.2159 0.3252 -0.0829 0.1222  0.1750  196 THR A CA  
363 C  C   . THR A 65 ? 0.6372 0.2634 0.2463 -0.0769 0.2000  0.1848  196 THR A C   
364 O  O   . THR A 65 ? 0.7070 0.3388 0.5113 -0.2498 0.1817  0.0640  196 THR A O   
365 C  CB  . THR A 65 ? 0.2971 0.3099 0.3782 -0.0931 0.1335  0.0987  196 THR A CB  
366 O  OG1 . THR A 65 ? 0.3735 0.4432 0.4085 -0.1532 0.1716  0.0129  196 THR A OG1 
367 C  CG2 . THR A 65 ? 0.3111 0.3155 0.4872 -0.0714 0.1270  0.1229  196 THR A CG2 
368 N  N   . CYS B 23 ? 0.3124 0.5381 0.7985 0.0015  0.2113  -0.1372 154 CYS B N   
369 C  CA  . CYS B 23 ? 0.3970 0.4601 0.6420 -0.0951 0.2110  -0.0095 154 CYS B CA  
370 C  C   . CYS B 23 ? 0.3999 0.5488 0.5427 -0.0672 0.2566  -0.0241 154 CYS B C   
371 O  O   . CYS B 23 ? 0.4454 0.6418 0.6936 -0.0187 0.2823  -0.0932 154 CYS B O   
372 C  CB  . CYS B 23 ? 0.3289 0.3076 0.6723 -0.1024 0.2167  -0.0061 154 CYS B CB  
373 S  SG  . CYS B 23 ? 0.2904 0.2987 0.6161 -0.0455 0.1585  0.0711  154 CYS B SG  
374 N  N   . THR B 24 ? 0.4509 0.6788 0.4989 -0.0662 0.2379  0.0283  155 THR B N   
375 C  CA  . THR B 24 ? 0.4896 0.6852 0.5530 -0.0769 0.1686  0.0408  155 THR B CA  
376 C  C   . THR B 24 ? 0.4656 0.6385 0.6816 -0.0882 0.1198  -0.0367 155 THR B C   
377 O  O   . THR B 24 ? 0.4669 1.0270 0.7981 -0.0626 0.0663  -0.1604 155 THR B O   
378 C  CB  . THR B 24 ? 0.7502 0.8004 0.5214 -0.0182 0.0636  0.0506  155 THR B CB  
379 N  N   . SER B 25 ? 0.4476 0.5199 0.6527 0.0173  0.0453  0.0101  156 SER B N   
380 C  CA  . SER B 25 ? 0.4767 0.4670 0.7288 -0.0227 0.0200  -0.0017 156 SER B CA  
381 C  C   . SER B 25 ? 0.5226 0.4915 0.8389 0.0911  -0.0244 -0.0391 156 SER B C   
382 O  O   . SER B 25 ? 0.4283 0.6614 0.7963 0.1064  -0.0417 -0.0151 156 SER B O   
383 C  CB  . SER B 25 ? 0.5736 0.3372 0.8363 0.0573  -0.0219 -0.0231 156 SER B CB  
384 O  OG  . SER B 25 ? 0.5322 0.3831 0.8379 0.0599  -0.0273 -0.0493 156 SER B OG  
385 N  N   . CYS B 26 ? 0.5000 0.4682 0.8202 0.0601  0.0337  0.0109  157 CYS B N   
386 C  CA  . CYS B 26 ? 0.4341 0.3877 0.7698 0.0363  0.0432  -0.0660 157 CYS B CA  
387 C  C   . CYS B 26 ? 0.4302 0.4376 0.7364 0.0107  0.0763  0.0095  157 CYS B C   
388 O  O   . CYS B 26 ? 0.4167 0.4414 0.8224 -0.0064 0.0511  0.0756  157 CYS B O   
389 C  CB  . CYS B 26 ? 0.3168 0.2892 0.7923 -0.0441 -0.0081 -0.0848 157 CYS B CB  
390 S  SG  . CYS B 26 ? 0.2547 0.2394 0.7561 -0.0483 0.0474  -0.0105 157 CYS B SG  
391 N  N   . GLU B 27 ? 0.4517 0.4644 0.7087 0.0728  0.0636  -0.0482 158 GLU B N   
392 C  CA  . GLU B 27 ? 0.4974 0.3708 0.8183 0.1333  0.0609  -0.1010 158 GLU B CA  
393 C  C   . GLU B 27 ? 0.4484 0.3637 0.7078 0.0126  0.1298  -0.0115 158 GLU B C   
394 O  O   . GLU B 27 ? 0.3211 0.4473 0.7709 -0.0427 0.2258  0.0618  158 GLU B O   
395 C  CB  . GLU B 27 ? 0.6904 0.3913 1.0232 0.2373  -0.0045 -0.1962 158 GLU B CB  
396 N  N   . ASP B 28 ? 0.3913 0.3523 0.6214 -0.0546 0.1225  0.0576  159 ASP B N   
397 C  CA  . ASP B 28 ? 0.3136 0.3627 0.7051 -0.1232 0.0963  0.0066  159 ASP B CA  
398 C  C   . ASP B 28 ? 0.2442 0.5465 0.7364 -0.1102 0.1270  0.0015  159 ASP B C   
399 O  O   . ASP B 28 ? 0.2884 0.5740 0.8682 -0.0426 0.0570  -0.0815 159 ASP B O   
400 C  CB  . ASP B 28 ? 0.2973 0.3357 0.6720 -0.1347 0.0936  0.0183  159 ASP B CB  
401 C  CG  . ASP B 28 ? 0.3536 0.4468 0.6251 -0.1382 0.1618  0.0204  159 ASP B CG  
402 O  OD1 . ASP B 28 ? 0.5617 0.3851 0.5660 -0.0810 0.1634  0.0445  159 ASP B OD1 
403 O  OD2 . ASP B 28 ? 0.2839 0.4828 0.5565 -0.0365 0.0966  0.0877  159 ASP B OD2 
404 N  N   . ASN B 29 ? 0.3204 0.4494 0.8076 -0.2072 0.0369  0.0422  160 ASN B N   
405 C  CA  . ASN B 29 ? 0.3153 0.6021 0.8923 -0.2518 0.1293  -0.0206 160 ASN B CA  
406 C  C   . ASN B 29 ? 0.2821 0.6495 0.9202 -0.2390 0.1304  -0.0749 160 ASN B C   
407 O  O   . ASN B 29 ? 0.2592 0.9552 1.1095 -0.3140 0.1626  -0.0723 160 ASN B O   
408 C  CB  . ASN B 29 ? 0.5433 0.5849 0.8303 -0.0924 0.1135  -0.0567 160 ASN B CB  
409 N  N   . ALA B 30 ? 0.3556 0.5029 0.9388 -0.2449 0.1892  -0.0474 161 ALA B N   
410 C  CA  . ALA B 30 ? 0.4242 0.3909 0.9869 -0.1008 0.1295  -0.0191 161 ALA B CA  
411 C  C   . ALA B 30 ? 0.4190 0.3945 0.9955 -0.0761 0.1031  0.0005  161 ALA B C   
412 O  O   . ALA B 30 ? 0.3504 0.2975 0.9676 -0.1873 0.1593  0.0336  161 ALA B O   
413 C  CB  . ALA B 30 ? 0.4697 0.3952 0.9693 -0.0064 0.1788  -0.0517 161 ALA B CB  
414 N  N   . PRO B 31 ? 0.4211 0.3580 0.9872 0.0107  -0.0310 0.0565  162 PRO B N   
415 C  CA  . PRO B 31 ? 0.3281 0.3549 0.9883 0.0482  -0.0071 0.0541  162 PRO B CA  
416 C  C   . PRO B 31 ? 0.2794 0.4011 0.9046 -0.0129 0.0306  0.0922  162 PRO B C   
417 O  O   . PRO B 31 ? 0.3066 0.4694 0.8511 -0.0274 -0.0206 0.0666  162 PRO B O   
418 C  CB  . PRO B 31 ? 0.3649 0.3928 0.9815 0.0167  -0.0312 0.0744  162 PRO B CB  
419 C  CG  . PRO B 31 ? 0.5158 0.4362 0.9648 0.0206  -0.0541 0.0719  162 PRO B CG  
420 C  CD  . PRO B 31 ? 0.5683 0.4474 0.9437 0.0084  -0.0624 0.0678  162 PRO B CD  
421 N  N   . ALA B 32 ? 0.2550 0.4551 0.8507 -0.0265 0.0743  0.1048  163 ALA B N   
422 C  CA  . ALA B 32 ? 0.2205 0.2981 0.7724 -0.0703 -0.0027 0.0910  163 ALA B CA  
423 C  C   . ALA B 32 ? 0.3036 0.2959 0.7426 -0.0505 0.0561  0.0703  163 ALA B C   
424 O  O   . ALA B 32 ? 0.3467 0.3091 0.9699 -0.1332 0.0072  -0.0254 163 ALA B O   
425 C  CB  . ALA B 32 ? 0.2568 0.3611 0.7366 -0.1086 0.0036  0.0871  163 ALA B CB  
426 N  N   . THR B 33 ? 0.2464 0.3245 0.7082 -0.0524 0.0179  0.0624  164 THR B N   
427 C  CA  . THR B 33 ? 0.3352 0.2840 0.7193 -0.0121 0.0062  0.0531  164 THR B CA  
428 C  C   . THR B 33 ? 0.3219 0.2437 0.6183 -0.0250 -0.0099 0.0564  164 THR B C   
429 O  O   . THR B 33 ? 0.2751 0.2751 0.6468 -0.0753 0.0214  0.0282  164 THR B O   
430 C  CB  . THR B 33 ? 0.4157 0.3937 0.7262 0.0466  -0.0038 0.0683  164 THR B CB  
431 O  OG1 . THR B 33 ? 0.6783 0.3477 0.7023 -0.0330 -0.0418 0.1154  164 THR B OG1 
432 C  CG2 . THR B 33 ? 0.4173 0.4766 0.8447 0.0399  -0.0450 0.0637  164 THR B CG2 
433 N  N   . SER B 34 ? 0.3119 0.2089 0.6275 -0.0061 -0.0079 0.0940  165 SER B N   
434 C  CA  . SER B 34 ? 0.2463 0.1643 0.6011 -0.0678 -0.0129 0.0664  165 SER B CA  
435 C  C   . SER B 34 ? 0.1942 0.1896 0.5904 -0.0977 0.0057  0.0529  165 SER B C   
436 O  O   . SER B 34 ? 0.2253 0.1484 0.6692 -0.1206 0.0655  0.0680  165 SER B O   
437 C  CB  . SER B 34 ? 0.2286 0.2284 0.5502 -0.0508 -0.0336 0.0653  165 SER B CB  
438 O  OG  . SER B 34 ? 0.3283 0.2401 0.5482 -0.0318 -0.0537 0.0914  165 SER B OG  
439 N  N   . TYR B 35 ? 0.1845 0.1957 0.5505 -0.1052 -0.0076 0.0493  166 TYR B N   
440 C  CA  . TYR B 35 ? 0.2273 0.1695 0.5213 -0.1151 0.0132  0.0846  166 TYR B CA  
441 C  C   . TYR B 35 ? 0.2219 0.2625 0.4331 -0.1110 -0.0009 0.0604  166 TYR B C   
442 O  O   . TYR B 35 ? 0.1800 0.3114 0.3966 -0.1133 -0.0057 0.0638  166 TYR B O   
443 C  CB  . TYR B 35 ? 0.2186 0.1680 0.5557 -0.1471 0.0316  0.0576  166 TYR B CB  
444 C  CG  . TYR B 35 ? 0.2500 0.2117 0.5158 -0.1728 0.0450  0.0898  166 TYR B CG  
445 C  CD1 . TYR B 35 ? 0.3454 0.2434 0.4951 -0.1610 0.0487  0.1143  166 TYR B CD1 
446 C  CD2 . TYR B 35 ? 0.2830 0.2347 0.5136 -0.1570 0.0388  0.1365  166 TYR B CD2 
447 C  CE1 . TYR B 35 ? 0.3843 0.2474 0.5058 -0.1850 0.0439  0.1535  166 TYR B CE1 
448 C  CE2 . TYR B 35 ? 0.3902 0.3304 0.5064 -0.1556 0.0064  0.1383  166 TYR B CE2 
449 C  CZ  . TYR B 35 ? 0.3551 0.3255 0.5119 -0.1615 0.0349  0.1351  166 TYR B CZ  
450 O  OH  . TYR B 35 ? 0.4194 0.4673 0.5773 -0.2568 -0.0128 0.2133  166 TYR B OH  
451 N  N   . CYS B 36 ? 0.2291 0.2486 0.3921 -0.0843 -0.0113 0.0714  167 CYS B N   
452 C  CA  . CYS B 36 ? 0.2201 0.2132 0.4041 -0.1067 -0.0043 0.0820  167 CYS B CA  
453 C  C   . CYS B 36 ? 0.2290 0.1869 0.4133 -0.1242 0.0363  0.1006  167 CYS B C   
454 O  O   . CYS B 36 ? 0.2988 0.1800 0.4056 -0.1008 0.0278  0.1011  167 CYS B O   
455 C  CB  . CYS B 36 ? 0.2111 0.2225 0.3832 -0.1139 0.0030  0.0868  167 CYS B CB  
456 S  SG  . CYS B 36 ? 0.2072 0.1538 0.4366 -0.1199 0.0419  0.0966  167 CYS B SG  
457 N  N   . VAL B 37 ? 0.2748 0.1664 0.5252 -0.1048 0.0044  0.0907  168 VAL B N   
458 C  CA  . VAL B 37 ? 0.3243 0.2251 0.5351 -0.0810 -0.0213 0.1195  168 VAL B CA  
459 C  C   . VAL B 37 ? 0.3185 0.2734 0.4810 -0.0810 -0.0085 0.1401  168 VAL B C   
460 O  O   . VAL B 37 ? 0.3325 0.2604 0.4894 -0.1516 -0.0090 0.1789  168 VAL B O   
461 C  CB  . VAL B 37 ? 0.3784 0.2754 0.5899 -0.0461 -0.0312 0.0857  168 VAL B CB  
462 C  CG1 . VAL B 37 ? 0.4982 0.1546 0.6769 -0.1125 -0.0285 0.1225  168 VAL B CG1 
463 C  CG2 . VAL B 37 ? 0.4321 0.2875 0.6239 -0.0850 -0.0468 0.0803  168 VAL B CG2 
464 N  N   . GLU B 38 ? 0.3425 0.2889 0.4997 -0.0782 0.0098  0.1709  169 GLU B N   
465 C  CA  . GLU B 38 ? 0.3644 0.2497 0.4715 -0.0680 0.0054  0.1554  169 GLU B CA  
466 C  C   . GLU B 38 ? 0.3059 0.3465 0.4010 -0.1011 0.0066  0.1366  169 GLU B C   
467 O  O   . GLU B 38 ? 0.3516 0.3258 0.4074 -0.1061 -0.0338 0.1576  169 GLU B O   
468 C  CB  . GLU B 38 ? 0.3770 0.2333 0.5670 -0.0698 0.0386  0.1569  169 GLU B CB  
469 C  CG  . GLU B 38 ? 0.4062 0.2759 0.6181 -0.0892 0.0655  0.1232  169 GLU B CG  
470 C  CD  . GLU B 38 ? 0.4493 0.3174 0.6393 -0.0365 0.0028  0.1422  169 GLU B CD  
471 O  OE1 . GLU B 38 ? 0.4112 0.2655 0.7315 -0.0633 -0.0003 0.1074  169 GLU B OE1 
472 O  OE2 . GLU B 38 ? 0.5960 0.4801 0.7000 0.1377  0.0132  0.1290  169 GLU B OE2 
473 N  N   . CYS B 39 ? 0.2891 0.2331 0.4142 -0.1461 0.0683  0.1614  170 CYS B N   
474 C  CA  . CYS B 39 ? 0.3383 0.3570 0.4356 -0.0984 0.0651  0.1013  170 CYS B CA  
475 C  C   . CYS B 39 ? 0.3873 0.3535 0.3928 -0.0769 0.0852  0.1063  170 CYS B C   
476 O  O   . CYS B 39 ? 0.4354 0.3819 0.3814 -0.1048 0.0987  0.0982  170 CYS B O   
477 C  CB  . CYS B 39 ? 0.2915 0.3476 0.4417 -0.1081 0.0678  0.1020  170 CYS B CB  
478 S  SG  . CYS B 39 ? 0.3043 0.2167 0.4593 -0.1374 0.0251  0.0767  170 CYS B SG  
479 N  N   . SER B 40 ? 0.3632 0.3450 0.4179 -0.0684 0.0558  0.1497  171 SER B N   
480 C  CA  . SER B 40 ? 0.3857 0.3571 0.4513 -0.0820 0.0685  0.1561  171 SER B CA  
481 C  C   . SER B 40 ? 0.4162 0.4018 0.4480 -0.0590 0.0833  0.0902  171 SER B C   
482 O  O   . SER B 40 ? 0.4004 0.4508 0.4705 -0.1170 0.1066  0.0591  171 SER B O   
483 C  CB  . SER B 40 ? 0.3508 0.4160 0.4673 -0.0530 0.0318  0.1625  171 SER B CB  
484 O  OG  . SER B 40 ? 0.4900 0.4601 0.6432 0.0214  0.0133  0.2281  171 SER B OG  
485 N  N   . GLU B 41 ? 0.4172 0.3931 0.4503 -0.0941 0.0572  0.0728  172 GLU B N   
486 C  CA  . GLU B 41 ? 0.3899 0.4098 0.4846 -0.0910 0.0647  0.0376  172 GLU B CA  
487 C  C   . GLU B 41 ? 0.3453 0.3499 0.4929 -0.0632 0.0875  0.0130  172 GLU B C   
488 O  O   . GLU B 41 ? 0.2332 0.2235 0.5237 -0.1203 0.1098  0.0110  172 GLU B O   
489 C  CB  . GLU B 41 ? 0.4810 0.4497 0.5723 -0.1650 0.0446  -0.0261 172 GLU B CB  
490 C  CG  . GLU B 41 ? 0.6010 0.6679 0.6001 -0.1616 0.0038  -0.0859 172 GLU B CG  
491 C  CD  . GLU B 41 ? 0.7822 0.6577 0.7521 -0.1106 0.0030  -0.1678 172 GLU B CD  
492 O  OE1 . GLU B 41 ? 0.8608 0.8352 0.7600 -0.2943 0.0003  -0.1562 172 GLU B OE1 
493 O  OE2 . GLU B 41 ? 0.8404 0.9320 0.9151 -0.2498 -0.0948 -0.1553 172 GLU B OE2 
494 N  N   . PRO B 42 ? 0.3544 0.3798 0.4322 -0.0304 0.1214  0.0441  173 PRO B N   
495 C  CA  . PRO B 42 ? 0.3214 0.3187 0.4541 -0.0302 0.1349  0.0799  173 PRO B CA  
496 C  C   . PRO B 42 ? 0.2895 0.2563 0.4643 -0.0470 0.1182  0.0199  173 PRO B C   
497 O  O   . PRO B 42 ? 0.3612 0.2219 0.5053 -0.1005 0.0848  0.0503  173 PRO B O   
498 C  CB  . PRO B 42 ? 0.3165 0.3801 0.4265 -0.0482 0.1207  0.0591  173 PRO B CB  
499 C  CG  . PRO B 42 ? 0.3966 0.4478 0.4178 -0.0498 0.1044  0.0276  173 PRO B CG  
500 C  CD  . PRO B 42 ? 0.3906 0.4427 0.4048 -0.0129 0.0966  -0.0057 173 PRO B CD  
501 N  N   . LEU B 43 ? 0.2555 0.2003 0.4861 -0.0817 0.0867  0.0845  174 LEU B N   
502 C  CA  . LEU B 43 ? 0.2671 0.1947 0.5085 -0.0411 0.0760  0.0990  174 LEU B CA  
503 C  C   . LEU B 43 ? 0.2749 0.1992 0.5440 -0.0739 0.0444  0.0576  174 LEU B C   
504 O  O   . LEU B 43 ? 0.2877 0.2098 0.5651 -0.0462 -0.0055 0.0429  174 LEU B O   
505 C  CB  . LEU B 43 ? 0.2680 0.2048 0.5171 -0.0488 0.0831  0.1246  174 LEU B CB  
506 C  CG  . LEU B 43 ? 0.2713 0.2320 0.5263 0.0078  0.0893  0.1104  174 LEU B CG  
507 C  CD1 . LEU B 43 ? 0.2985 0.2806 0.4882 0.0400  0.0872  0.1309  174 LEU B CD1 
508 C  CD2 . LEU B 43 ? 0.2682 0.2947 0.5523 0.0014  0.0769  0.0667  174 LEU B CD2 
509 N  N   . CYS B 44 ? 0.2619 0.2027 0.5728 -0.0426 0.0139  0.0238  175 CYS B N   
510 C  CA  . CYS B 44 ? 0.2229 0.1856 0.5548 -0.0836 0.0288  0.0132  175 CYS B CA  
511 C  C   . CYS B 44 ? 0.2627 0.1343 0.5014 -0.0612 0.0040  0.0548  175 CYS B C   
512 O  O   . CYS B 44 ? 0.2552 0.2223 0.4794 -0.0133 0.0052  0.0826  175 CYS B O   
513 C  CB  . CYS B 44 ? 0.2607 0.1787 0.6276 -0.0458 0.0274  0.0875  175 CYS B CB  
514 S  SG  . CYS B 44 ? 0.2575 0.1747 0.6392 -0.0401 0.0634  0.0276  175 CYS B SG  
515 N  N   . GLU B 45 ? 0.2645 0.1629 0.5262 -0.0775 -0.0163 0.0427  176 GLU B N   
516 C  CA  . GLU B 45 ? 0.3884 0.2210 0.5211 -0.1025 -0.0022 0.0120  176 GLU B CA  
517 C  C   . GLU B 45 ? 0.3322 0.2300 0.5206 -0.0828 -0.0081 0.0477  176 GLU B C   
518 O  O   . GLU B 45 ? 0.2882 0.2424 0.5670 -0.0554 -0.0479 0.1267  176 GLU B O   
519 C  CB  . GLU B 45 ? 0.4364 0.2635 0.5661 -0.1237 -0.0351 -0.0229 176 GLU B CB  
520 C  CG  . GLU B 45 ? 0.5631 0.3581 0.6333 -0.1256 0.0295  -0.0556 176 GLU B CG  
521 C  CD  . GLU B 45 ? 0.6312 0.4339 0.8216 -0.0878 0.0624  -0.0303 176 GLU B CD  
522 O  OE1 . GLU B 45 ? 0.6823 0.6156 0.9017 -0.1154 0.1533  -0.0552 176 GLU B OE1 
523 O  OE2 . GLU B 45 ? 0.8461 0.4138 0.7757 -0.1602 0.0524  -0.0935 176 GLU B OE2 
524 N  N   . THR B 46 ? 0.2115 0.2201 0.5608 -0.0929 -0.0762 0.0349  177 THR B N   
525 C  CA  . THR B 46 ? 0.2415 0.2344 0.5071 -0.1074 -0.0172 0.0902  177 THR B CA  
526 C  C   . THR B 46 ? 0.2429 0.2290 0.4814 -0.0637 0.0083  0.1194  177 THR B C   
527 O  O   . THR B 46 ? 0.2491 0.2921 0.4452 0.0045  0.0547  0.1485  177 THR B O   
528 C  CB  . THR B 46 ? 0.2803 0.2539 0.5658 -0.0700 -0.0467 0.0695  177 THR B CB  
529 O  OG1 . THR B 46 ? 0.3268 0.2900 0.6004 -0.0558 -0.0861 0.0554  177 THR B OG1 
530 C  CG2 . THR B 46 ? 0.2790 0.2671 0.5800 -0.0660 -0.0211 0.1072  177 THR B CG2 
531 N  N   . CYS B 47 ? 0.1619 0.2446 0.4695 -0.0712 0.0357  0.0961  178 CYS B N   
532 C  CA  . CYS B 47 ? 0.1883 0.2403 0.4319 -0.0810 0.0255  0.0745  178 CYS B CA  
533 C  C   . CYS B 47 ? 0.2006 0.2156 0.4143 -0.0600 0.0001  0.1058  178 CYS B C   
534 O  O   . CYS B 47 ? 0.1882 0.1522 0.4545 -0.0513 0.0322  0.1190  178 CYS B O   
535 C  CB  . CYS B 47 ? 0.2104 0.2704 0.4353 -0.0646 0.0421  0.0611  178 CYS B CB  
536 S  SG  . CYS B 47 ? 0.1658 0.2719 0.5638 -0.0491 0.0601  0.0596  178 CYS B SG  
537 N  N   . VAL B 48 ? 0.1756 0.2347 0.4092 -0.0417 0.0088  0.0821  179 VAL B N   
538 C  CA  . VAL B 48 ? 0.2271 0.2615 0.4147 -0.0503 0.0363  0.0628  179 VAL B CA  
539 C  C   . VAL B 48 ? 0.2189 0.2613 0.4354 -0.0212 0.0440  0.0850  179 VAL B C   
540 O  O   . VAL B 48 ? 0.1927 0.1959 0.3955 -0.0648 0.0172  0.0772  179 VAL B O   
541 C  CB  . VAL B 48 ? 0.2867 0.2578 0.4496 -0.0442 0.0160  0.0398  179 VAL B CB  
542 C  CG1 . VAL B 48 ? 0.3078 0.1898 0.4601 -0.0898 0.0098  0.0226  179 VAL B CG1 
543 C  CG2 . VAL B 48 ? 0.2235 0.2573 0.5101 -0.0387 0.0311  0.0427  179 VAL B CG2 
544 N  N   . GLU B 49 ? 0.2328 0.2587 0.4415 -0.0535 0.0002  0.0796  180 GLU B N   
545 C  CA  . GLU B 49 ? 0.2553 0.2890 0.4400 -0.0452 -0.0049 0.0906  180 GLU B CA  
546 C  C   . GLU B 49 ? 0.2504 0.1646 0.3827 -0.0206 0.0258  0.0931  180 GLU B C   
547 O  O   . GLU B 49 ? 0.2310 0.2337 0.4061 -0.0614 0.0198  0.0782  180 GLU B O   
548 C  CB  . GLU B 49 ? 0.3303 0.3354 0.5158 -0.0160 -0.0667 0.0790  180 GLU B CB  
549 C  CG  . GLU B 49 ? 0.3989 0.3572 0.6235 -0.0696 -0.1006 0.0516  180 GLU B CG  
550 C  CD  . GLU B 49 ? 0.4778 0.3976 0.7904 -0.0432 -0.1446 0.1035  180 GLU B CD  
551 O  OE1 . GLU B 49 ? 0.6894 0.3788 0.9493 -0.0335 -0.2464 0.0107  180 GLU B OE1 
552 O  OE2 . GLU B 49 ? 0.5876 0.6513 0.8387 -0.0475 -0.2937 -0.0146 180 GLU B OE2 
553 N  N   . ALA B 50 ? 0.1904 0.1581 0.3770 -0.0391 0.0117  0.0839  181 ALA B N   
554 C  CA  . ALA B 50 ? 0.2056 0.1623 0.3447 -0.0488 0.0130  0.0963  181 ALA B CA  
555 C  C   . ALA B 50 ? 0.1695 0.1835 0.3424 -0.0442 0.0357  0.0904  181 ALA B C   
556 O  O   . ALA B 50 ? 0.1721 0.2158 0.3198 -0.0509 0.0739  0.0767  181 ALA B O   
557 C  CB  . ALA B 50 ? 0.1917 0.1476 0.3237 -0.0523 0.0040  0.1061  181 ALA B CB  
558 N  N   . HIS B 51 ? 0.1630 0.1587 0.3769 -0.0492 0.0425  0.0652  182 HIS B N   
559 C  CA  . HIS B 51 ? 0.1748 0.1092 0.3740 -0.0898 0.0252  0.0783  182 HIS B CA  
560 C  C   . HIS B 51 ? 0.1882 0.1708 0.3467 -0.0496 0.0281  0.1099  182 HIS B C   
561 O  O   . HIS B 51 ? 0.1910 0.2737 0.3086 -0.0217 0.0288  0.1082  182 HIS B O   
562 C  CB  . HIS B 51 ? 0.1819 0.1133 0.3507 -0.1022 0.0030  0.0771  182 HIS B CB  
563 C  CG  . HIS B 51 ? 0.1335 0.1580 0.3216 -0.1185 -0.0164 0.0390  182 HIS B CG  
564 N  ND1 . HIS B 51 ? 0.1498 0.1666 0.3186 -0.1282 0.0161  0.0647  182 HIS B ND1 
565 C  CD2 . HIS B 51 ? 0.1657 0.2105 0.3254 -0.0742 -0.0165 0.0521  182 HIS B CD2 
566 C  CE1 . HIS B 51 ? 0.1781 0.2124 0.3321 -0.0614 0.0080  0.0481  182 HIS B CE1 
567 N  NE2 . HIS B 51 ? 0.1480 0.2155 0.3217 -0.0411 -0.0153 0.0538  182 HIS B NE2 
568 N  N   . GLN B 52 ? 0.1983 0.1804 0.3756 -0.0424 0.0063  0.0654  183 GLN B N   
569 C  CA  . GLN B 52 ? 0.2793 0.1751 0.4112 -0.0554 0.0518  0.0472  183 GLN B CA  
570 C  C   . GLN B 52 ? 0.2416 0.1992 0.4238 -0.0406 0.0884  0.0382  183 GLN B C   
571 O  O   . GLN B 52 ? 0.3204 0.2537 0.3911 -0.0676 0.1724  0.0556  183 GLN B O   
572 C  CB  . GLN B 52 ? 0.3100 0.2886 0.4097 -0.0228 0.0137  0.0434  183 GLN B CB  
573 C  CG  . GLN B 52 ? 0.3793 0.3172 0.5236 -0.0672 0.0431  0.0201  183 GLN B CG  
574 C  CD  . GLN B 52 ? 0.4542 0.4053 0.5828 -0.0735 -0.0160 0.0114  183 GLN B CD  
575 O  OE1 . GLN B 52 ? 0.6127 0.4538 0.6054 -0.0490 0.0191  0.0887  183 GLN B OE1 
576 N  NE2 . GLN B 52 ? 0.5370 0.3960 0.6877 -0.0558 0.0410  -0.0013 183 GLN B NE2 
577 N  N   . ARG B 53 ? 0.2170 0.1907 0.3734 -0.0302 0.0560  0.0528  184 ARG B N   
578 C  CA  . ARG B 53 ? 0.2305 0.2278 0.3200 -0.0246 0.0697  0.0880  184 ARG B CA  
579 C  C   . ARG B 53 ? 0.2132 0.2097 0.3037 -0.0324 0.0749  0.1089  184 ARG B C   
580 O  O   . ARG B 53 ? 0.1732 0.2642 0.3910 -0.0161 0.0807  0.0936  184 ARG B O   
581 C  CB  . ARG B 53 ? 0.2359 0.2205 0.3641 -0.0083 0.1020  0.0913  184 ARG B CB  
582 C  CG  . ARG B 53 ? 0.2502 0.2295 0.4521 -0.0456 0.0559  0.0812  184 ARG B CG  
583 C  CD  . ARG B 53 ? 0.2791 0.2749 0.3737 -0.0007 0.0415  0.0421  184 ARG B CD  
584 N  NE  . ARG B 53 ? 0.4176 0.3282 0.3947 -0.0047 0.0287  0.0227  184 ARG B NE  
585 C  CZ  . ARG B 53 ? 0.3389 0.3811 0.3324 -0.0055 0.0295  -0.0432 184 ARG B CZ  
586 N  NH1 . ARG B 53 ? 0.3904 0.3252 0.4532 -0.0149 0.0911  -0.0256 184 ARG B NH1 
587 N  NH2 . ARG B 53 ? 0.3660 0.3630 0.3146 0.0325  -0.0172 -0.0033 184 ARG B NH2 
588 N  N   . VAL B 54 ? 0.1907 0.1534 0.2879 -0.0599 0.0657  0.0874  185 VAL B N   
589 C  CA  . VAL B 54 ? 0.1979 0.1856 0.2843 -0.0537 0.0651  0.0832  185 VAL B CA  
590 C  C   . VAL B 54 ? 0.2111 0.2171 0.2825 -0.0235 0.0645  0.0867  185 VAL B C   
591 O  O   . VAL B 54 ? 0.1748 0.2146 0.3160 -0.0222 0.0668  0.0849  185 VAL B O   
592 C  CB  . VAL B 54 ? 0.1809 0.1834 0.2962 -0.0479 0.0730  0.0593  185 VAL B CB  
593 C  CG1 . VAL B 54 ? 0.2253 0.2125 0.2600 -0.0372 0.0840  0.0685  185 VAL B CG1 
594 C  CG2 . VAL B 54 ? 0.1831 0.1960 0.3290 -0.0463 0.0786  0.0837  185 VAL B CG2 
595 N  N   . LYS B 55 ? 0.2382 0.2235 0.2626 -0.0521 0.0430  0.1118  186 LYS B N   
596 C  CA  . LYS B 55 ? 0.2056 0.2991 0.2385 -0.0395 0.0526  0.1188  186 LYS B CA  
597 C  C   . LYS B 55 ? 0.2061 0.1825 0.2826 -0.0598 0.0290  0.0907  186 LYS B C   
598 O  O   . LYS B 55 ? 0.2481 0.1992 0.3255 -0.0340 0.0609  0.0824  186 LYS B O   
599 C  CB  . LYS B 55 ? 0.2685 0.3577 0.2356 -0.1094 0.0651  0.1434  186 LYS B CB  
600 C  CG  . LYS B 55 ? 0.3648 0.3729 0.2319 -0.1259 0.0554  0.1545  186 LYS B CG  
601 C  CD  . LYS B 55 ? 0.3178 0.5533 0.4053 -0.1500 0.0765  0.1514  186 LYS B CD  
602 C  CE  . LYS B 55 ? 0.2157 0.6976 0.4859 -0.1382 0.1442  0.1432  186 LYS B CE  
603 N  NZ  . LYS B 55 ? 0.5364 0.6973 0.6280 -0.2761 0.0736  0.1077  186 LYS B NZ  
604 N  N   . TYR B 56 ? 0.1610 0.1698 0.2889 -0.0374 0.0232  0.0811  187 TYR B N   
605 C  CA  . TYR B 56 ? 0.1383 0.1512 0.3105 -0.0605 0.0157  0.0898  187 TYR B CA  
606 C  C   . TYR B 56 ? 0.1517 0.1659 0.3295 -0.0719 0.0238  0.1141  187 TYR B C   
607 O  O   . TYR B 56 ? 0.1830 0.2014 0.3324 -0.0709 0.0138  0.1539  187 TYR B O   
608 C  CB  . TYR B 56 ? 0.1093 0.1348 0.3228 -0.0499 0.0481  0.0749  187 TYR B CB  
609 C  CG  . TYR B 56 ? 0.1359 0.1409 0.3754 -0.0592 0.0142  0.0547  187 TYR B CG  
610 C  CD1 . TYR B 56 ? 0.1442 0.1865 0.3389 -0.0550 -0.0110 0.0330  187 TYR B CD1 
611 C  CD2 . TYR B 56 ? 0.1450 0.1497 0.4186 -0.0319 0.0193  0.0095  187 TYR B CD2 
612 C  CE1 . TYR B 56 ? 0.2153 0.1850 0.3672 -0.0818 -0.0058 0.0624  187 TYR B CE1 
613 C  CE2 . TYR B 56 ? 0.1938 0.1873 0.4044 -0.0741 0.0108  0.0638  187 TYR B CE2 
614 C  CZ  . TYR B 56 ? 0.2001 0.2239 0.3929 -0.0403 0.0031  0.0490  187 TYR B CZ  
615 O  OH  . TYR B 56 ? 0.2958 0.2556 0.4857 -0.1035 0.0489  0.0773  187 TYR B OH  
616 N  N   . THR B 57 ? 0.1597 0.2050 0.2907 -0.0517 0.0316  0.1109  188 THR B N   
617 C  CA  . THR B 57 ? 0.1661 0.1773 0.3180 -0.0480 0.0371  0.0952  188 THR B CA  
618 C  C   . THR B 57 ? 0.1775 0.1976 0.3266 -0.0137 0.0355  0.0719  188 THR B C   
619 O  O   . THR B 57 ? 0.1849 0.2215 0.2875 -0.0386 0.0825  0.1051  188 THR B O   
620 C  CB  . THR B 57 ? 0.1873 0.1877 0.3416 -0.0396 0.0422  0.0642  188 THR B CB  
621 O  OG1 . THR B 57 ? 0.1653 0.2138 0.3325 -0.0519 0.0216  0.0796  188 THR B OG1 
622 C  CG2 . THR B 57 ? 0.1686 0.2018 0.3476 -0.0400 0.0442  0.0461  188 THR B CG2 
623 N  N   . LYS B 58 ? 0.2410 0.2428 0.3168 -0.0106 0.0405  0.0908  189 LYS B N   
624 C  CA  . LYS B 58 ? 0.2691 0.2818 0.3315 -0.0261 0.0431  0.0467  189 LYS B CA  
625 C  C   . LYS B 58 ? 0.2646 0.2764 0.3441 -0.0754 0.0267  0.0464  189 LYS B C   
626 O  O   . LYS B 58 ? 0.2775 0.2549 0.3721 -0.0648 0.0346  0.0099  189 LYS B O   
627 C  CB  . LYS B 58 ? 0.3713 0.3085 0.3844 -0.0682 0.0595  0.0845  189 LYS B CB  
628 C  CG  . LYS B 58 ? 0.3937 0.4343 0.4789 -0.0719 0.1321  0.1177  189 LYS B CG  
629 C  CD  . LYS B 58 ? 0.5098 0.4843 0.5438 -0.0849 0.2354  0.1107  189 LYS B CD  
630 C  CE  . LYS B 58 ? 0.5204 0.5502 0.7747 -0.0121 0.1389  0.0767  189 LYS B CE  
631 N  NZ  . LYS B 58 ? 0.5415 0.6787 0.8543 0.1010  0.1183  -0.0006 189 LYS B NZ  
632 N  N   . ASP B 59 ? 0.2798 0.2371 0.4250 -0.0363 0.0332  0.0405  190 ASP B N   
633 C  CA  . ASP B 59 ? 0.3231 0.2591 0.4369 -0.0142 0.0683  0.0374  190 ASP B CA  
634 C  C   . ASP B 59 ? 0.2809 0.1898 0.4481 -0.0160 0.0198  0.0469  190 ASP B C   
635 O  O   . ASP B 59 ? 0.2668 0.1855 0.5876 -0.0388 0.0616  0.0420  190 ASP B O   
636 C  CB  . ASP B 59 ? 0.3416 0.3451 0.4812 0.0412  0.0937  0.0268  190 ASP B CB  
637 C  CG  . ASP B 59 ? 0.4882 0.5180 0.3888 0.0408  0.1035  0.0811  190 ASP B CG  
638 O  OD1 . ASP B 59 ? 0.5862 0.5963 0.3248 0.0668  0.1571  0.0504  190 ASP B OD1 
639 O  OD2 . ASP B 59 ? 0.3995 0.5663 0.5373 0.0445  0.1339  0.2240  190 ASP B OD2 
640 N  N   . HIS B 60 ? 0.2754 0.1590 0.4525 -0.0265 0.0442  0.0893  191 HIS B N   
641 C  CA  . HIS B 60 ? 0.2448 0.2340 0.4297 -0.0501 0.0344  0.0634  191 HIS B CA  
642 C  C   . HIS B 60 ? 0.2832 0.2410 0.4382 -0.0462 0.0139  0.0433  191 HIS B C   
643 O  O   . HIS B 60 ? 0.2885 0.2808 0.4505 -0.0596 -0.0065 0.0423  191 HIS B O   
644 C  CB  . HIS B 60 ? 0.2319 0.2639 0.3793 -0.0717 0.0371  0.0670  191 HIS B CB  
645 C  CG  . HIS B 60 ? 0.2442 0.2293 0.3512 -0.0457 0.0175  0.1069  191 HIS B CG  
646 N  ND1 . HIS B 60 ? 0.2268 0.1975 0.3071 -0.0336 0.0153  0.1612  191 HIS B ND1 
647 C  CD2 . HIS B 60 ? 0.2311 0.2079 0.3705 -0.0755 0.0307  0.0833  191 HIS B CD2 
648 C  CE1 . HIS B 60 ? 0.2562 0.2339 0.3340 -0.0838 0.0336  0.0787  191 HIS B CE1 
649 N  NE2 . HIS B 60 ? 0.2517 0.2264 0.3479 -0.0834 0.0404  0.0808  191 HIS B NE2 
650 N  N   . THR B 61 ? 0.2590 0.2181 0.4394 -0.0060 0.0050  0.0553  192 THR B N   
651 C  CA  . THR B 61 ? 0.2481 0.2297 0.5248 -0.0260 0.0268  0.0495  192 THR B CA  
652 C  C   . THR B 61 ? 0.2151 0.1488 0.5307 -0.0896 0.0502  0.0963  192 THR B C   
653 O  O   . THR B 61 ? 0.2867 0.1725 0.5242 -0.0853 0.0461  0.0958  192 THR B O   
654 C  CB  . THR B 61 ? 0.2660 0.2009 0.6374 -0.0389 0.0491  0.0456  192 THR B CB  
655 O  OG1 . THR B 61 ? 0.2696 0.2219 0.6929 -0.0487 0.0966  0.0355  192 THR B OG1 
656 C  CG2 . THR B 61 ? 0.3409 0.2403 0.6359 -0.0339 0.0353  -0.0547 192 THR B CG2 
657 N  N   . VAL B 62 ? 0.2312 0.1436 0.5069 -0.0961 0.0524  0.1025  193 VAL B N   
658 C  CA  . VAL B 62 ? 0.2131 0.1989 0.4924 -0.0960 0.0701  0.0597  193 VAL B CA  
659 C  C   . VAL B 62 ? 0.2769 0.2143 0.5036 -0.0925 0.0491  0.0228  193 VAL B C   
660 O  O   . VAL B 62 ? 0.2899 0.3133 0.4897 -0.1265 0.0868  0.0305  193 VAL B O   
661 C  CB  . VAL B 62 ? 0.2528 0.1943 0.5405 -0.1010 0.0515  0.0591  193 VAL B CB  
662 C  CG1 . VAL B 62 ? 0.2692 0.2000 0.5678 -0.0869 0.0429  0.0714  193 VAL B CG1 
663 C  CG2 . VAL B 62 ? 0.2950 0.1508 0.5721 -0.0962 0.0557  0.0227  193 VAL B CG2 
664 N  N   . ARG B 63 ? 0.2700 0.2274 0.5095 -0.0593 0.0428  0.0578  194 ARG B N   
665 C  CA  A ARG B 63 ? 0.2870 0.1918 0.4870 -0.0529 0.0336  0.0623  194 ARG B CA  
666 C  CA  B ARG B 63 ? 0.2902 0.1695 0.4941 -0.0567 0.0335  0.0792  194 ARG B CA  
667 C  C   . ARG B 63 ? 0.2833 0.2191 0.4899 -0.0495 0.0223  0.0657  194 ARG B C   
668 O  O   . ARG B 63 ? 0.2481 0.3095 0.5202 -0.0193 -0.0219 0.0196  194 ARG B O   
669 C  CB  A ARG B 63 ? 0.3066 0.1737 0.4758 -0.0751 0.0199  0.0499  194 ARG B CB  
670 C  CB  B ARG B 63 ? 0.2941 0.1354 0.4968 -0.1095 0.0125  0.0591  194 ARG B CB  
671 C  CG  A ARG B 63 ? 0.2934 0.1628 0.4955 -0.0741 0.0562  0.0269  194 ARG B CG  
672 C  CG  B ARG B 63 ? 0.2818 0.1038 0.5174 -0.1325 0.0424  0.0555  194 ARG B CG  
673 C  CD  A ARG B 63 ? 0.3845 0.2050 0.4683 -0.0650 0.0396  0.0344  194 ARG B CD  
674 C  CD  B ARG B 63 ? 0.3755 0.0766 0.5565 -0.1406 0.0030  0.0321  194 ARG B CD  
675 N  NE  A ARG B 63 ? 0.4270 0.2469 0.5030 -0.0577 0.0104  0.0293  194 ARG B NE  
676 N  NE  B ARG B 63 ? 0.3875 0.1276 0.6069 -0.1368 -0.0031 -0.0014 194 ARG B NE  
677 C  CZ  A ARG B 63 ? 0.4052 0.1368 0.4897 -0.1204 0.0407  0.0419  194 ARG B CZ  
678 C  CZ  B ARG B 63 ? 0.3457 0.1015 0.6028 -0.1751 0.0052  -0.0050 194 ARG B CZ  
679 N  NH1 A ARG B 63 ? 0.3375 0.1693 0.5716 -0.2104 0.0624  0.0878  194 ARG B NH1 
680 N  NH1 B ARG B 63 ? 0.3809 0.1259 0.5853 -0.1901 0.0675  0.0218  194 ARG B NH1 
681 N  NH2 A ARG B 63 ? 0.3753 0.0956 0.5892 -0.1395 0.0452  -0.0425 194 ARG B NH2 
682 N  NH2 B ARG B 63 ? 0.3714 0.0974 0.6062 -0.1823 -0.0381 0.0154  194 ARG B NH2 
683 N  N   . SER B 64 ? 0.3035 0.2288 0.5086 -0.0143 0.0020  0.0767  195 SER B N   
684 C  CA  A SER B 64 ? 0.3137 0.1992 0.6014 -0.0083 -0.0089 0.0900  195 SER B CA  
685 C  CA  B SER B 64 ? 0.3163 0.2324 0.5716 -0.0015 -0.0023 0.0767  195 SER B CA  
686 C  C   . SER B 64 ? 0.3288 0.2161 0.6417 0.0098  0.0394  0.0803  195 SER B C   
687 O  O   . SER B 64 ? 0.3726 0.2078 0.6772 0.0063  0.0296  0.0793  195 SER B O   
688 C  CB  A SER B 64 ? 0.2910 0.1948 0.6148 -0.0207 -0.0282 0.0620  195 SER B CB  
689 C  CB  B SER B 64 ? 0.3501 0.2913 0.5737 -0.0045 -0.0148 0.0334  195 SER B CB  
690 O  OG  A SER B 64 ? 0.2922 0.1777 0.6395 -0.0017 -0.0262 0.0800  195 SER B OG  
691 O  OG  B SER B 64 ? 0.3955 0.3038 0.5299 0.0222  -0.0015 -0.0222 195 SER B OG  
692 N  N   . THR B 65 ? 0.2676 0.2437 0.7316 -0.0182 0.0560  0.0795  196 THR B N   
693 C  CA  . THR B 65 ? 0.2907 0.2793 0.7450 -0.0534 0.0560  0.0828  196 THR B CA  
694 C  C   . THR B 65 ? 0.2344 0.3988 0.8643 -0.0198 0.0494  0.0242  196 THR B C   
695 O  O   . THR B 65 ? 0.3685 0.5639 0.8784 -0.1202 0.0269  0.1434  196 THR B O   
696 C  CB  . THR B 65 ? 0.3761 0.3307 0.7521 -0.0046 0.1253  0.0838  196 THR B CB  
697 O  OG1 . THR B 65 ? 0.5943 0.3066 0.8516 -0.0267 0.1581  0.0829  196 THR B OG1 
698 C  CG2 . THR B 65 ? 0.3493 0.4403 0.7693 -0.0652 0.1305  0.0959  196 THR B CG2 
699 ZN ZN  . ZN  C .  ? 0.2849 0.2422 0.2643 -0.0390 0.0952  0.0996  301 ZN  A ZN  
700 ZN ZN  . ZN  D .  ? 0.1658 0.1485 0.2858 -0.0601 0.0545  0.0697  302 ZN  A ZN  
701 ZN ZN  . ZN  E .  ? 0.2807 0.1817 0.5993 -0.0376 0.0626  0.0535  301 ZN  B ZN  
702 ZN ZN  . ZN  F .  ? 0.2274 0.1836 0.3739 -0.0902 0.0368  0.0846  302 ZN  B ZN  
703 O  O   . HOH G .  ? 0.5409 0.4965 0.4362 -0.1251 -0.0102 0.1132  401 HOH A O   
704 O  O   . HOH G .  ? 0.6650 0.3417 0.6225 -0.1595 0.1788  0.0489  402 HOH A O   
705 O  O   . HOH G .  ? 0.5080 0.2747 0.3757 -0.0036 0.1640  0.0956  403 HOH A O   
706 O  O   . HOH G .  ? 0.3926 0.3654 0.3790 -0.1396 0.0419  0.0388  404 HOH A O   
707 O  O   . HOH G .  ? 0.3086 0.6073 0.3108 -0.0806 0.0376  0.1538  405 HOH A O   
708 O  O   . HOH G .  ? 0.4286 0.9044 0.5567 -0.0778 0.1347  0.0722  406 HOH A O   
709 O  O   . HOH G .  ? 0.5683 0.3792 0.4012 0.0631  0.1175  0.1292  407 HOH A O   
710 O  O   . HOH G .  ? 0.1865 0.2018 0.2332 -0.0428 0.0858  0.0611  408 HOH A O   
711 O  O   . HOH G .  ? 0.3692 0.5603 0.4683 -0.0128 0.1019  0.2789  409 HOH A O   
712 O  O   . HOH G .  ? 0.2537 0.3450 0.2870 0.0242  0.0712  0.1789  410 HOH A O   
713 O  O   . HOH G .  ? 0.6774 0.4565 0.4241 0.2256  0.0234  0.1050  411 HOH A O   
714 O  O   . HOH G .  ? 0.2741 0.2407 0.3767 0.0014  0.1367  0.0729  412 HOH A O   
715 O  O   . HOH G .  ? 0.2365 0.1950 0.4142 0.0019  0.1571  0.1063  413 HOH A O   
716 O  O   . HOH G .  ? 0.7351 0.3533 0.5418 0.0805  -0.1242 0.1452  414 HOH A O   
717 O  O   . HOH G .  ? 0.3594 0.3519 0.5186 -0.1767 0.0438  0.1570  415 HOH A O   
718 O  O   . HOH G .  ? 0.5124 0.6342 0.5214 0.0556  0.1605  0.1120  416 HOH A O   
719 O  O   . HOH G .  ? 0.4054 0.2607 0.9018 -0.0472 0.0511  0.1582  417 HOH A O   
720 O  O   . HOH G .  ? 0.4212 0.7027 0.6030 0.2001  0.2155  0.3210  418 HOH A O   
721 O  O   . HOH G .  ? 0.2750 0.5402 0.7402 -0.1408 0.0105  -0.0876 419 HOH A O   
722 O  O   . HOH G .  ? 0.5929 0.5498 0.5151 0.1091  0.0347  0.1309  420 HOH A O   
723 O  O   . HOH G .  ? 0.4133 0.3196 0.4743 -0.1785 0.0194  0.1821  421 HOH A O   
724 O  O   . HOH G .  ? 0.2995 0.4724 0.5461 -0.1375 0.1924  -0.0021 422 HOH A O   
725 O  O   . HOH G .  ? 0.2914 0.5371 0.6161 -0.0018 0.0984  0.1311  423 HOH A O   
726 O  O   . HOH G .  ? 0.5320 0.4113 0.6289 -0.0392 0.1526  0.1177  424 HOH A O   
727 O  O   . HOH G .  ? 0.3177 0.3033 0.7342 -0.1591 -0.0636 0.0926  425 HOH A O   
728 O  O   . HOH G .  ? 0.8483 0.7142 0.5574 -0.0669 0.0033  0.1059  426 HOH A O   
729 O  O   . HOH H .  ? 0.4375 0.5008 0.6589 -0.1517 -0.0037 0.0905  401 HOH B O   
730 O  O   . HOH H .  ? 0.3028 0.3867 0.9421 -0.0858 0.0251  0.0334  402 HOH B O   
731 O  O   . HOH H .  ? 0.2618 0.1808 0.3954 -0.1335 0.1062  0.0439  403 HOH B O   
732 O  O   . HOH H .  ? 0.3400 0.4034 0.6564 0.1063  -0.0220 0.0375  404 HOH B O   
733 O  O   . HOH H .  ? 0.3802 0.3679 0.4577 -0.1436 0.0741  0.1343  405 HOH B O   
734 O  O   . HOH H .  ? 0.4136 0.3406 0.4608 -0.0008 0.0251  0.0775  406 HOH B O   
735 O  O   . HOH H .  ? 0.2384 0.1789 0.4326 -0.0199 0.0940  0.1031  407 HOH B O   
736 O  O   . HOH H .  ? 0.6207 0.2645 0.7764 -0.1135 0.0756  0.0835  408 HOH B O   
737 O  O   . HOH H .  ? 0.4077 0.3501 0.6769 0.1275  0.1206  0.0848  409 HOH B O   
738 O  O   . HOH H .  ? 0.3061 0.2007 0.3429 -0.0550 0.1024  0.0823  410 HOH B O   
739 O  O   . HOH H .  ? 0.3632 0.4047 0.5399 0.1698  -0.0044 -0.0015 411 HOH B O   
740 O  O   . HOH H .  ? 0.3722 0.3019 0.5877 -0.0033 -0.0250 0.0478  412 HOH B O   
741 O  O   . HOH H .  ? 0.2452 0.3948 0.4631 -0.0987 -0.0173 0.1009  413 HOH B O   
742 O  O   . HOH H .  ? 0.4400 0.2719 0.8088 -0.0603 0.1481  0.1584  414 HOH B O   
743 O  O   . HOH H .  ? 0.3838 0.2119 0.4079 -0.0697 0.0382  0.2217  415 HOH B O   
744 O  O   . HOH H .  ? 0.3747 0.8182 0.5770 0.1669  0.0000  -0.0811 416 HOH B O   
745 O  O   . HOH H .  ? 0.3105 0.5968 0.6252 -0.0082 0.1878  0.1219  417 HOH B O   
746 O  O   . HOH H .  ? 0.4151 0.5823 0.4737 -0.2471 0.0162  0.1530  418 HOH B O   
# 
